data_6F2A
#
_entry.id   6F2A
#
_cell.length_a   56.940
_cell.length_b   67.020
_cell.length_c   110.750
_cell.angle_alpha   107.48
_cell.angle_beta   102.76
_cell.angle_gamma   93.74
#
_symmetry.space_group_name_H-M   'P 1'
#
loop_
_entity.id
_entity.type
_entity.pdbx_description
1 polymer 'L-lysine 3-hydroxylase'
2 non-polymer 'FE (II) ION'
3 non-polymer LYSINE
4 non-polymer 'ACETIC ACID'
5 non-polymer 'CHLORIDE ION'
6 water water
#
_entity_poly.entity_id   1
_entity_poly.type   'polypeptide(L)'
_entity_poly.pdbx_seq_one_letter_code
;MKNLSAYEVYESPKTSGESRTEAVSEAAFESDPEVSAILVLTSSEASTLERVADLVTAHALYAAHDFCAQAQLAAAELPS
RVVARLQEFAWGDMNEGHLLIKGLPQVRSLPPTPTSNVHAVAATTPMSRYQALINECVGRMIAYEAEGHGHTFQDMVPSA
MSAHSQTSLGSAVELELHTEQAFSPLRPDFVSLACLRGDPRALTYLFSARQLVATLTTQEIAMLREPMWTTTVDESFLAE
GRTFLLGFERGPIPILSGADDDPFIVFDQDLMRGISAPAQELQQTVIRAYYAERVSHCLAPGEMLLIDNRRAVHGRSIFA
PRFDGADRFLSRSFIVADGSRSRHARSSFGRVVSARFS
;
_entity_poly.pdbx_strand_id   A,B,C,D
#
# COMPACT_ATOMS: atom_id res chain seq x y z
N GLU A 34 12.27 17.67 -30.08
CA GLU A 34 12.19 19.09 -29.73
C GLU A 34 13.03 19.44 -28.49
N VAL A 35 13.07 18.53 -27.47
CA VAL A 35 13.82 18.66 -26.21
C VAL A 35 15.28 19.09 -26.43
N SER A 36 15.72 20.14 -25.69
CA SER A 36 17.07 20.67 -25.83
C SER A 36 18.07 20.10 -24.81
N ALA A 37 17.76 20.23 -23.49
CA ALA A 37 18.60 19.75 -22.38
C ALA A 37 18.63 18.21 -22.27
N ILE A 38 19.70 17.63 -22.85
CA ILE A 38 19.90 16.19 -22.96
C ILE A 38 21.24 15.75 -22.37
N LEU A 39 21.20 14.72 -21.53
CA LEU A 39 22.38 14.07 -20.98
C LEU A 39 22.38 12.65 -21.56
N VAL A 40 23.42 12.33 -22.34
CA VAL A 40 23.57 11.02 -22.98
C VAL A 40 24.65 10.24 -22.22
N LEU A 41 24.26 9.14 -21.59
CA LEU A 41 25.21 8.31 -20.86
C LEU A 41 26.01 7.44 -21.83
N THR A 42 27.32 7.37 -21.65
CA THR A 42 28.15 6.49 -22.48
C THR A 42 27.95 5.06 -21.94
N SER A 43 28.37 4.07 -22.73
CA SER A 43 28.30 2.66 -22.38
C SER A 43 28.99 2.40 -21.01
N SER A 44 30.17 3.01 -20.80
CA SER A 44 30.96 2.92 -19.57
C SER A 44 30.24 3.60 -18.38
N GLU A 45 29.62 4.75 -18.62
CA GLU A 45 28.85 5.48 -17.59
C GLU A 45 27.62 4.67 -17.16
N ALA A 46 26.88 4.08 -18.13
CA ALA A 46 25.72 3.22 -17.86
C ALA A 46 26.15 1.97 -17.06
N SER A 47 27.34 1.38 -17.39
CA SER A 47 27.89 0.23 -16.66
C SER A 47 28.22 0.58 -15.20
N THR A 48 28.76 1.79 -14.95
CA THR A 48 29.04 2.29 -13.61
C THR A 48 27.72 2.42 -12.83
N LEU A 49 26.68 3.01 -13.46
CA LEU A 49 25.34 3.16 -12.87
C LEU A 49 24.79 1.80 -12.44
N GLU A 50 24.92 0.79 -13.32
CA GLU A 50 24.48 -0.58 -13.09
C GLU A 50 25.20 -1.21 -11.87
N ARG A 51 26.54 -1.03 -11.78
CA ARG A 51 27.34 -1.54 -10.67
C ARG A 51 27.00 -0.83 -9.35
N VAL A 52 26.89 0.52 -9.39
CA VAL A 52 26.57 1.36 -8.22
C VAL A 52 25.15 1.03 -7.64
N ALA A 53 24.19 0.63 -8.50
CA ALA A 53 22.84 0.23 -8.10
C ALA A 53 22.82 -0.94 -7.10
N ASP A 54 23.84 -1.82 -7.15
CA ASP A 54 23.99 -2.97 -6.23
C ASP A 54 24.21 -2.52 -4.79
N LEU A 55 24.62 -1.25 -4.57
CA LEU A 55 24.82 -0.68 -3.24
C LEU A 55 23.48 -0.26 -2.62
N VAL A 56 22.40 -0.26 -3.43
CA VAL A 56 21.07 0.12 -2.95
C VAL A 56 20.29 -1.18 -2.80
N THR A 57 20.20 -1.67 -1.57
CA THR A 57 19.62 -2.98 -1.25
C THR A 57 18.31 -2.94 -0.47
N ALA A 58 18.01 -1.83 0.25
CA ALA A 58 16.77 -1.72 1.04
C ALA A 58 15.52 -1.76 0.14
N HIS A 59 14.39 -2.25 0.68
CA HIS A 59 13.13 -2.34 -0.07
C HIS A 59 12.60 -0.92 -0.34
N ALA A 60 12.42 -0.55 -1.64
CA ALA A 60 11.99 0.80 -2.01
C ALA A 60 10.63 1.18 -1.41
N LEU A 61 9.72 0.20 -1.27
CA LEU A 61 8.39 0.45 -0.72
C LEU A 61 8.28 0.32 0.79
N TYR A 62 8.89 -0.70 1.36
CA TYR A 62 8.72 -1.04 2.78
C TYR A 62 9.82 -0.52 3.69
N ALA A 63 10.92 0.02 3.12
CA ALA A 63 11.99 0.69 3.85
C ALA A 63 12.47 1.89 3.01
N ALA A 64 11.50 2.72 2.56
CA ALA A 64 11.69 3.88 1.70
C ALA A 64 12.82 4.83 2.14
N HIS A 65 12.82 5.23 3.44
CA HIS A 65 13.88 6.10 3.96
C HIS A 65 15.28 5.48 3.82
N ASP A 66 15.46 4.21 4.25
CA ASP A 66 16.73 3.48 4.13
C ASP A 66 17.15 3.36 2.67
N PHE A 67 16.18 3.04 1.79
CA PHE A 67 16.42 2.93 0.35
C PHE A 67 16.96 4.25 -0.22
N CYS A 68 16.27 5.36 0.05
CA CYS A 68 16.64 6.69 -0.46
C CYS A 68 17.95 7.16 0.13
N ALA A 69 18.19 6.89 1.46
CA ALA A 69 19.46 7.26 2.11
C ALA A 69 20.63 6.48 1.48
N GLN A 70 20.40 5.19 1.14
CA GLN A 70 21.39 4.35 0.47
C GLN A 70 21.70 4.88 -0.92
N ALA A 71 20.67 5.35 -1.64
CA ALA A 71 20.86 5.90 -2.98
C ALA A 71 21.66 7.19 -2.91
N GLN A 72 21.35 8.05 -1.92
CA GLN A 72 22.05 9.33 -1.73
C GLN A 72 23.53 9.12 -1.48
N LEU A 73 23.86 8.11 -0.63
CA LEU A 73 25.25 7.79 -0.34
C LEU A 73 25.95 7.17 -1.55
N ALA A 74 25.32 6.17 -2.19
CA ALA A 74 25.84 5.49 -3.38
C ALA A 74 26.05 6.42 -4.56
N ALA A 75 25.23 7.51 -4.68
CA ALA A 75 25.33 8.49 -5.76
C ALA A 75 26.73 9.14 -5.86
N ALA A 76 27.50 9.11 -4.75
CA ALA A 76 28.88 9.59 -4.70
C ALA A 76 29.79 8.75 -5.62
N GLU A 77 29.39 7.49 -5.91
CA GLU A 77 30.16 6.58 -6.77
C GLU A 77 29.80 6.69 -8.27
N LEU A 78 28.87 7.59 -8.63
CA LEU A 78 28.49 7.78 -10.03
C LEU A 78 29.57 8.54 -10.83
N PRO A 79 29.64 8.43 -12.20
CA PRO A 79 30.67 9.19 -12.95
C PRO A 79 30.56 10.68 -12.66
N SER A 80 31.70 11.34 -12.41
CA SER A 80 31.73 12.76 -12.04
C SER A 80 31.07 13.70 -13.10
N ARG A 81 31.16 13.35 -14.41
CA ARG A 81 30.54 14.15 -15.47
C ARG A 81 29.01 14.17 -15.32
N VAL A 82 28.42 13.02 -14.96
CA VAL A 82 26.99 12.83 -14.73
C VAL A 82 26.56 13.60 -13.46
N VAL A 83 27.28 13.40 -12.35
CA VAL A 83 27.03 14.10 -11.06
C VAL A 83 27.09 15.63 -11.30
N ALA A 84 28.13 16.14 -12.03
CA ALA A 84 28.29 17.58 -12.34
C ALA A 84 27.06 18.14 -13.05
N ARG A 85 26.57 17.43 -14.10
N ARG A 85 26.57 17.44 -14.10
CA ARG A 85 25.38 17.79 -14.86
CA ARG A 85 25.40 17.82 -14.85
C ARG A 85 24.14 17.88 -14.00
C ARG A 85 24.14 17.88 -13.98
N LEU A 86 23.94 16.87 -13.13
CA LEU A 86 22.77 16.78 -12.22
C LEU A 86 22.78 17.87 -11.12
N GLN A 87 23.97 18.18 -10.58
CA GLN A 87 24.15 19.23 -9.58
C GLN A 87 23.90 20.60 -10.20
N GLU A 88 24.35 20.82 -11.45
CA GLU A 88 24.07 22.11 -12.09
C GLU A 88 22.59 22.25 -12.42
N PHE A 89 21.94 21.17 -12.86
CA PHE A 89 20.51 21.17 -13.11
C PHE A 89 19.75 21.43 -11.78
N ALA A 90 20.15 20.74 -10.69
CA ALA A 90 19.54 20.90 -9.35
C ALA A 90 19.66 22.36 -8.84
N TRP A 91 20.82 23.03 -9.05
CA TRP A 91 21.03 24.43 -8.62
C TRP A 91 19.96 25.32 -9.28
N GLY A 92 19.63 24.99 -10.53
CA GLY A 92 18.53 25.57 -11.26
C GLY A 92 18.76 26.78 -12.14
N ASP A 93 19.73 27.62 -11.80
CA ASP A 93 19.98 28.85 -12.54
C ASP A 93 20.13 28.62 -14.01
N MET A 94 19.21 29.23 -14.76
CA MET A 94 19.10 29.23 -16.22
C MET A 94 19.04 27.81 -16.81
N ASN A 95 18.56 26.81 -16.01
CA ASN A 95 18.35 25.46 -16.51
C ASN A 95 17.14 25.55 -17.49
N GLU A 96 17.01 24.58 -18.37
CA GLU A 96 15.98 24.59 -19.42
C GLU A 96 14.55 24.21 -18.92
N GLY A 97 14.38 23.98 -17.62
CA GLY A 97 13.11 23.55 -17.05
C GLY A 97 13.04 22.02 -17.00
N HIS A 98 13.97 21.32 -17.70
CA HIS A 98 13.98 19.86 -17.72
C HIS A 98 15.34 19.31 -18.10
N LEU A 99 15.56 18.01 -17.83
CA LEU A 99 16.75 17.30 -18.27
C LEU A 99 16.32 15.93 -18.73
N LEU A 100 16.59 15.64 -20.01
CA LEU A 100 16.30 14.33 -20.57
C LEU A 100 17.59 13.51 -20.52
N ILE A 101 17.54 12.34 -19.90
CA ILE A 101 18.68 11.45 -19.77
C ILE A 101 18.45 10.21 -20.66
N LYS A 102 19.42 9.91 -21.54
CA LYS A 102 19.43 8.76 -22.45
C LYS A 102 20.56 7.83 -22.07
N GLY A 103 20.40 6.56 -22.41
CA GLY A 103 21.45 5.59 -22.21
C GLY A 103 21.48 4.89 -20.88
N LEU A 104 20.38 4.91 -20.11
CA LEU A 104 20.33 4.17 -18.86
C LEU A 104 20.36 2.66 -19.20
N PRO A 105 20.97 1.76 -18.38
CA PRO A 105 21.01 0.33 -18.76
C PRO A 105 19.62 -0.22 -19.08
N GLN A 106 19.55 -1.14 -20.07
CA GLN A 106 18.32 -1.75 -20.55
C GLN A 106 17.64 -2.59 -19.46
N VAL A 107 16.31 -2.39 -19.27
CA VAL A 107 15.53 -3.21 -18.33
C VAL A 107 15.20 -4.51 -19.11
N ARG A 108 15.74 -5.64 -18.61
CA ARG A 108 15.77 -6.95 -19.27
C ARG A 108 14.57 -7.89 -19.05
N SER A 109 14.01 -7.94 -17.81
CA SER A 109 12.87 -8.82 -17.52
C SER A 109 11.76 -7.99 -16.89
N LEU A 110 11.16 -7.13 -17.70
CA LEU A 110 10.09 -6.26 -17.27
C LEU A 110 8.77 -7.05 -17.14
N PRO A 111 8.09 -7.03 -15.97
CA PRO A 111 6.79 -7.71 -15.86
C PRO A 111 5.72 -7.04 -16.74
N PRO A 112 4.55 -7.67 -16.99
CA PRO A 112 3.53 -6.99 -17.81
C PRO A 112 3.12 -5.66 -17.20
N THR A 113 2.76 -4.70 -18.07
CA THR A 113 2.31 -3.37 -17.65
C THR A 113 1.04 -3.56 -16.85
N PRO A 114 0.98 -3.09 -15.59
CA PRO A 114 -0.25 -3.28 -14.81
C PRO A 114 -1.40 -2.45 -15.40
N THR A 115 -2.64 -2.95 -15.23
CA THR A 115 -3.84 -2.30 -15.75
C THR A 115 -4.34 -1.18 -14.80
N SER A 116 -3.70 -1.05 -13.64
CA SER A 116 -3.96 -0.04 -12.59
C SER A 116 -2.64 0.39 -11.91
N ASN A 117 -2.66 1.44 -11.06
CA ASN A 117 -1.48 1.93 -10.34
C ASN A 117 -1.39 1.46 -8.86
N VAL A 118 -2.27 0.54 -8.46
CA VAL A 118 -2.33 0.08 -7.07
C VAL A 118 -1.20 -0.92 -6.71
N HIS A 119 -0.62 -1.63 -7.70
CA HIS A 119 0.40 -2.68 -7.54
C HIS A 119 1.86 -2.23 -7.23
N ALA A 120 2.25 -0.99 -7.60
CA ALA A 120 3.63 -0.46 -7.48
C ALA A 120 4.71 -1.45 -8.05
N VAL A 121 4.51 -1.86 -9.30
CA VAL A 121 5.38 -2.79 -10.05
C VAL A 121 6.76 -2.14 -10.37
N ALA A 122 6.78 -0.86 -10.81
CA ALA A 122 8.03 -0.15 -11.13
C ALA A 122 9.05 -0.13 -9.98
N ALA A 123 8.58 0.01 -8.69
CA ALA A 123 9.40 0.07 -7.47
C ALA A 123 10.25 -1.23 -7.18
N THR A 124 10.01 -2.31 -7.96
CA THR A 124 10.72 -3.60 -7.86
C THR A 124 11.84 -3.74 -8.91
N THR A 125 11.76 -2.99 -10.01
CA THR A 125 12.65 -3.14 -11.15
C THR A 125 14.07 -2.59 -10.94
N PRO A 126 15.09 -3.08 -11.67
CA PRO A 126 16.43 -2.45 -11.57
C PRO A 126 16.43 -0.98 -11.98
N MET A 127 15.53 -0.57 -12.90
CA MET A 127 15.37 0.82 -13.33
C MET A 127 15.06 1.77 -12.15
N SER A 128 14.25 1.31 -11.16
CA SER A 128 13.92 2.09 -9.97
C SER A 128 15.17 2.46 -9.15
N ARG A 129 16.16 1.55 -9.08
CA ARG A 129 17.42 1.81 -8.38
C ARG A 129 18.28 2.77 -9.20
N TYR A 130 18.22 2.70 -10.56
CA TYR A 130 18.96 3.64 -11.40
C TYR A 130 18.31 5.02 -11.25
N GLN A 131 16.97 5.04 -11.19
CA GLN A 131 16.21 6.26 -11.03
C GLN A 131 16.50 6.91 -9.68
N ALA A 132 16.58 6.11 -8.59
CA ALA A 132 16.85 6.62 -7.24
C ALA A 132 18.25 7.25 -7.17
N LEU A 133 19.24 6.62 -7.81
CA LEU A 133 20.62 7.09 -7.84
C LEU A 133 20.74 8.45 -8.49
N ILE A 134 20.06 8.64 -9.64
CA ILE A 134 20.05 9.91 -10.38
C ILE A 134 19.24 10.93 -9.57
N ASN A 135 18.05 10.54 -9.05
CA ASN A 135 17.21 11.41 -8.20
C ASN A 135 17.94 11.96 -7.02
N GLU A 136 18.63 11.08 -6.27
CA GLU A 136 19.30 11.46 -5.03
C GLU A 136 20.55 12.31 -5.26
N CYS A 137 21.00 12.43 -6.51
N CYS A 137 20.99 12.43 -6.51
CA CYS A 137 22.06 13.34 -6.93
CA CYS A 137 22.08 13.29 -6.91
C CYS A 137 21.45 14.74 -6.88
C CYS A 137 21.54 14.74 -7.13
N VAL A 138 20.25 14.85 -7.45
CA VAL A 138 19.51 16.09 -7.63
C VAL A 138 18.98 16.60 -6.28
N GLY A 139 18.31 15.73 -5.50
CA GLY A 139 17.77 16.13 -4.20
C GLY A 139 17.19 14.95 -3.45
N ARG A 140 16.34 15.22 -2.48
CA ARG A 140 15.72 14.18 -1.63
C ARG A 140 14.42 13.63 -2.20
N MET A 141 14.33 12.32 -2.33
CA MET A 141 13.09 11.69 -2.77
C MET A 141 12.03 11.79 -1.67
N ILE A 142 10.81 12.01 -2.10
CA ILE A 142 9.65 12.18 -1.21
C ILE A 142 8.44 11.53 -1.87
N ALA A 143 7.46 11.14 -1.09
CA ALA A 143 6.21 10.59 -1.60
C ALA A 143 5.05 11.25 -0.82
N TYR A 144 3.84 11.15 -1.38
CA TYR A 144 2.64 11.76 -0.85
C TYR A 144 1.60 10.69 -0.67
N GLU A 145 1.09 10.56 0.56
CA GLU A 145 0.04 9.59 0.93
C GLU A 145 -1.16 9.73 -0.01
N ALA A 146 -1.54 10.97 -0.38
CA ALA A 146 -2.70 11.25 -1.24
C ALA A 146 -2.44 10.99 -2.75
N GLU A 147 -1.20 10.73 -3.16
CA GLU A 147 -0.84 10.47 -4.56
C GLU A 147 -0.19 9.06 -4.71
N GLY A 148 -0.91 8.17 -5.40
CA GLY A 148 -0.46 6.81 -5.65
C GLY A 148 -0.13 6.05 -4.37
N HIS A 149 -0.98 6.20 -3.35
N HIS A 149 -0.98 6.21 -3.34
CA HIS A 149 -0.88 5.52 -2.05
CA HIS A 149 -0.92 5.62 -1.99
C HIS A 149 0.47 5.73 -1.31
C HIS A 149 0.45 5.76 -1.29
N GLY A 150 1.17 6.83 -1.60
CA GLY A 150 2.48 7.12 -1.01
C GLY A 150 3.60 6.20 -1.47
N HIS A 151 3.41 5.46 -2.58
CA HIS A 151 4.43 4.56 -3.13
C HIS A 151 5.63 5.38 -3.54
N THR A 152 6.84 4.92 -3.19
CA THR A 152 8.13 5.58 -3.49
C THR A 152 8.25 5.85 -4.98
N PHE A 153 7.82 4.89 -5.79
CA PHE A 153 7.73 5.00 -7.25
C PHE A 153 6.31 4.62 -7.57
N GLN A 154 5.65 5.44 -8.39
CA GLN A 154 4.26 5.27 -8.79
C GLN A 154 4.22 4.78 -10.23
N ASP A 155 3.35 3.82 -10.50
CA ASP A 155 3.18 3.25 -11.83
C ASP A 155 2.34 4.23 -12.66
N MET A 156 2.92 4.76 -13.73
N MET A 156 2.93 4.85 -13.70
CA MET A 156 2.23 5.67 -14.64
CA MET A 156 2.21 5.77 -14.60
C MET A 156 1.83 4.86 -15.84
C MET A 156 1.82 4.92 -15.82
N VAL A 157 0.66 4.27 -15.70
CA VAL A 157 0.08 3.33 -16.67
C VAL A 157 -1.33 3.77 -17.05
N PRO A 158 -1.80 3.49 -18.28
CA PRO A 158 -3.17 3.88 -18.61
C PRO A 158 -4.21 3.05 -17.84
N SER A 159 -5.31 3.68 -17.44
CA SER A 159 -6.45 3.04 -16.77
C SER A 159 -7.60 3.02 -17.76
N ALA A 160 -8.38 1.92 -17.81
CA ALA A 160 -9.54 1.88 -18.72
C ALA A 160 -10.65 2.83 -18.20
N MET A 161 -10.88 2.83 -16.89
CA MET A 161 -11.86 3.69 -16.23
C MET A 161 -11.53 5.18 -16.33
N SER A 162 -10.28 5.56 -16.10
CA SER A 162 -9.93 6.97 -16.11
C SER A 162 -9.22 7.39 -17.43
N ALA A 163 -9.55 6.72 -18.55
CA ALA A 163 -9.01 7.03 -19.87
C ALA A 163 -9.30 8.47 -20.31
N HIS A 164 -10.51 8.97 -20.00
CA HIS A 164 -10.96 10.31 -20.38
C HIS A 164 -10.80 11.36 -19.27
N SER A 165 -10.04 11.01 -18.23
CA SER A 165 -9.81 11.87 -17.07
C SER A 165 -8.50 12.68 -17.13
N GLN A 166 -8.41 13.74 -16.28
CA GLN A 166 -7.24 14.61 -16.17
C GLN A 166 -6.29 14.09 -15.11
N THR A 167 -5.74 12.91 -15.36
CA THR A 167 -4.82 12.28 -14.42
C THR A 167 -3.69 11.62 -15.20
N SER A 168 -2.65 11.20 -14.45
CA SER A 168 -1.49 10.46 -14.92
C SER A 168 -1.90 9.11 -15.61
N LEU A 169 -3.10 8.60 -15.32
CA LEU A 169 -3.60 7.32 -15.87
C LEU A 169 -4.50 7.50 -17.11
N GLY A 170 -4.66 8.75 -17.57
CA GLY A 170 -5.47 9.03 -18.74
C GLY A 170 -4.77 8.65 -20.04
N SER A 171 -5.51 8.70 -21.16
CA SER A 171 -4.94 8.39 -22.48
C SER A 171 -5.76 8.93 -23.65
N ALA A 172 -7.09 8.73 -23.63
CA ALA A 172 -8.01 9.15 -24.70
C ALA A 172 -8.15 10.67 -24.81
N VAL A 173 -7.83 11.38 -23.73
CA VAL A 173 -7.88 12.84 -23.76
C VAL A 173 -6.48 13.36 -23.46
N GLU A 174 -6.20 14.57 -23.94
CA GLU A 174 -4.92 15.22 -23.70
C GLU A 174 -4.84 15.64 -22.24
N LEU A 175 -3.73 15.32 -21.57
CA LEU A 175 -3.51 15.74 -20.20
C LEU A 175 -3.08 17.20 -20.30
N GLU A 176 -3.96 18.08 -19.81
CA GLU A 176 -3.78 19.53 -19.89
C GLU A 176 -2.57 20.04 -19.11
N LEU A 177 -2.12 21.24 -19.48
CA LEU A 177 -0.96 21.93 -18.92
C LEU A 177 -1.02 22.10 -17.42
N HIS A 178 0.05 21.67 -16.72
CA HIS A 178 0.06 21.79 -15.27
C HIS A 178 1.41 21.74 -14.65
N THR A 179 1.48 22.35 -13.48
CA THR A 179 2.53 22.28 -12.48
C THR A 179 2.05 21.03 -11.70
N GLU A 180 2.97 20.18 -11.27
CA GLU A 180 2.61 19.02 -10.46
C GLU A 180 2.18 19.57 -9.10
N GLN A 181 0.96 19.19 -8.61
CA GLN A 181 0.40 19.68 -7.33
C GLN A 181 0.42 21.21 -7.23
N ALA A 182 -0.13 21.90 -8.26
CA ALA A 182 -0.23 23.38 -8.32
C ALA A 182 -0.91 23.95 -7.05
N PHE A 183 -1.85 23.18 -6.46
CA PHE A 183 -2.62 23.58 -5.28
C PHE A 183 -1.80 23.51 -3.97
N SER A 184 -0.71 22.76 -3.96
CA SER A 184 0.02 22.47 -2.73
C SER A 184 1.32 23.26 -2.49
N PRO A 185 1.47 23.89 -1.30
CA PRO A 185 2.76 24.52 -0.96
C PRO A 185 3.84 23.45 -0.76
N LEU A 186 3.44 22.17 -0.57
CA LEU A 186 4.39 21.06 -0.42
C LEU A 186 4.66 20.31 -1.70
N ARG A 187 4.27 20.90 -2.85
CA ARG A 187 4.46 20.32 -4.19
C ARG A 187 5.94 19.97 -4.41
N PRO A 188 6.27 18.94 -5.21
CA PRO A 188 7.68 18.61 -5.39
C PRO A 188 8.48 19.69 -6.14
N ASP A 189 9.80 19.72 -5.93
CA ASP A 189 10.69 20.63 -6.67
C ASP A 189 10.95 20.03 -8.05
N PHE A 190 11.00 18.68 -8.12
CA PHE A 190 11.22 17.98 -9.40
C PHE A 190 10.30 16.77 -9.53
N VAL A 191 9.90 16.47 -10.75
CA VAL A 191 9.15 15.27 -11.11
C VAL A 191 10.17 14.43 -11.91
N SER A 192 10.30 13.16 -11.55
CA SER A 192 11.24 12.21 -12.16
C SER A 192 10.44 11.11 -12.87
N LEU A 193 10.62 10.96 -14.17
CA LEU A 193 9.92 9.94 -14.95
C LEU A 193 10.88 9.03 -15.66
N ALA A 194 10.92 7.76 -15.27
CA ALA A 194 11.77 6.78 -15.94
C ALA A 194 10.88 5.89 -16.79
N CYS A 195 11.23 5.77 -18.07
CA CYS A 195 10.43 5.00 -19.02
C CYS A 195 10.80 3.52 -19.01
N LEU A 196 9.79 2.66 -18.73
CA LEU A 196 9.90 1.19 -18.74
C LEU A 196 9.41 0.66 -20.07
N ARG A 197 8.26 1.17 -20.52
CA ARG A 197 7.65 0.91 -21.85
C ARG A 197 7.14 2.26 -22.31
N GLY A 198 7.36 2.58 -23.57
CA GLY A 198 6.86 3.82 -24.12
C GLY A 198 5.65 3.54 -24.99
N ASP A 199 5.08 4.58 -25.58
CA ASP A 199 4.02 4.41 -26.60
C ASP A 199 4.37 5.46 -27.66
N PRO A 200 4.53 5.10 -28.95
CA PRO A 200 4.95 6.10 -29.96
C PRO A 200 4.04 7.33 -30.12
N ARG A 201 2.76 7.16 -29.75
CA ARG A 201 1.77 8.23 -29.85
C ARG A 201 1.73 9.08 -28.60
N ALA A 202 2.36 8.64 -27.53
CA ALA A 202 2.36 9.36 -26.26
C ALA A 202 3.52 10.33 -26.13
N LEU A 203 3.23 11.60 -26.41
CA LEU A 203 4.22 12.67 -26.32
C LEU A 203 4.08 13.38 -25.00
N THR A 204 5.21 13.70 -24.41
CA THR A 204 5.31 14.51 -23.21
C THR A 204 5.55 15.92 -23.73
N TYR A 205 4.76 16.88 -23.26
CA TYR A 205 4.92 18.28 -23.65
C TYR A 205 5.56 19.03 -22.50
N LEU A 206 6.51 19.91 -22.83
CA LEU A 206 7.22 20.73 -21.86
C LEU A 206 7.21 22.18 -22.32
N PHE A 207 7.08 23.11 -21.38
CA PHE A 207 6.97 24.53 -21.64
C PHE A 207 7.48 25.26 -20.41
N SER A 208 8.56 26.00 -20.57
CA SER A 208 9.18 26.69 -19.42
C SER A 208 8.57 28.04 -19.15
N ALA A 209 8.75 28.54 -17.90
CA ALA A 209 8.31 29.89 -17.51
C ALA A 209 9.07 30.92 -18.35
N ARG A 210 10.35 30.65 -18.70
CA ARG A 210 11.14 31.53 -19.59
C ARG A 210 10.57 31.58 -21.02
N GLN A 211 10.09 30.43 -21.55
CA GLN A 211 9.47 30.42 -22.89
C GLN A 211 8.21 31.28 -22.86
N LEU A 212 7.41 31.16 -21.78
CA LEU A 212 6.17 31.92 -21.61
C LEU A 212 6.43 33.43 -21.62
N VAL A 213 7.33 33.89 -20.73
CA VAL A 213 7.65 35.30 -20.55
C VAL A 213 8.14 35.96 -21.85
N ALA A 214 8.87 35.20 -22.70
CA ALA A 214 9.37 35.69 -24.00
C ALA A 214 8.26 36.06 -25.01
N THR A 215 7.03 35.51 -24.82
CA THR A 215 5.88 35.75 -25.72
C THR A 215 4.92 36.84 -25.19
N LEU A 216 5.07 37.24 -23.92
CA LEU A 216 4.16 38.19 -23.27
C LEU A 216 4.65 39.63 -23.26
N THR A 217 3.70 40.56 -23.04
CA THR A 217 3.98 41.98 -22.87
C THR A 217 4.34 42.18 -21.40
N THR A 218 4.95 43.33 -21.08
CA THR A 218 5.34 43.77 -19.73
C THR A 218 4.12 43.77 -18.78
N GLN A 219 2.95 44.23 -19.28
CA GLN A 219 1.66 44.30 -18.56
C GLN A 219 1.15 42.90 -18.17
N GLU A 220 1.18 41.95 -19.12
CA GLU A 220 0.77 40.56 -18.91
C GLU A 220 1.65 39.88 -17.89
N ILE A 221 3.00 40.08 -17.97
CA ILE A 221 3.97 39.50 -17.03
C ILE A 221 3.66 40.00 -15.61
N ALA A 222 3.39 41.32 -15.47
CA ALA A 222 3.05 41.98 -14.19
C ALA A 222 1.74 41.43 -13.58
N MET A 223 0.70 41.23 -14.41
CA MET A 223 -0.58 40.67 -13.95
C MET A 223 -0.42 39.23 -13.51
N LEU A 224 0.40 38.42 -14.24
CA LEU A 224 0.68 37.02 -13.89
C LEU A 224 1.33 36.88 -12.51
N ARG A 225 2.13 37.90 -12.11
CA ARG A 225 2.85 38.03 -10.86
C ARG A 225 1.94 38.45 -9.72
N GLU A 226 0.68 38.86 -10.03
CA GLU A 226 -0.32 39.29 -9.05
C GLU A 226 -1.21 38.11 -8.57
N PRO A 227 -1.69 38.09 -7.29
CA PRO A 227 -2.50 36.93 -6.83
C PRO A 227 -3.94 36.96 -7.36
N MET A 228 -4.16 36.53 -8.62
CA MET A 228 -5.48 36.59 -9.29
C MET A 228 -6.15 35.26 -9.65
N TRP A 229 -5.57 34.11 -9.25
CA TRP A 229 -6.09 32.79 -9.58
C TRP A 229 -6.23 31.85 -8.42
N THR A 230 -7.43 31.24 -8.29
CA THR A 230 -7.73 30.22 -7.30
C THR A 230 -7.42 28.85 -7.93
N THR A 231 -7.07 27.86 -7.11
CA THR A 231 -6.77 26.49 -7.54
C THR A 231 -7.60 25.53 -6.69
N THR A 232 -7.83 24.31 -7.22
CA THR A 232 -8.48 23.27 -6.42
C THR A 232 -7.56 22.05 -6.36
N VAL A 233 -7.78 21.17 -5.38
CA VAL A 233 -7.03 19.92 -5.20
C VAL A 233 -7.29 18.96 -6.39
N ASP A 234 -6.21 18.34 -6.94
CA ASP A 234 -6.29 17.38 -8.06
C ASP A 234 -7.25 16.23 -7.71
N GLU A 235 -7.91 15.67 -8.75
CA GLU A 235 -8.86 14.54 -8.64
C GLU A 235 -8.18 13.36 -7.94
N SER A 236 -6.94 13.03 -8.36
CA SER A 236 -6.11 11.95 -7.84
C SER A 236 -5.81 12.04 -6.32
N PHE A 237 -5.97 13.26 -5.73
CA PHE A 237 -5.72 13.52 -4.31
C PHE A 237 -6.96 13.39 -3.43
N LEU A 238 -8.14 13.41 -4.03
CA LEU A 238 -9.35 13.32 -3.21
C LEU A 238 -9.72 11.88 -2.82
N ALA A 239 -10.34 11.70 -1.65
CA ALA A 239 -10.76 10.41 -1.11
C ALA A 239 -11.87 10.58 -0.08
N GLU A 240 -12.68 9.52 0.13
CA GLU A 240 -13.76 9.49 1.11
C GLU A 240 -13.19 9.74 2.51
N GLY A 241 -13.81 10.69 3.21
CA GLY A 241 -13.43 11.10 4.56
C GLY A 241 -12.14 11.88 4.68
N ARG A 242 -11.57 12.34 3.54
CA ARG A 242 -10.29 13.07 3.54
C ARG A 242 -10.52 14.58 3.58
N THR A 243 -10.01 15.20 4.66
CA THR A 243 -10.02 16.65 4.92
C THR A 243 -8.59 17.21 4.89
N PHE A 244 -8.35 18.21 4.04
CA PHE A 244 -7.07 18.90 3.91
C PHE A 244 -7.10 20.15 4.78
N LEU A 245 -6.05 20.36 5.58
CA LEU A 245 -5.87 21.51 6.46
C LEU A 245 -6.07 22.85 5.72
N LEU A 246 -5.65 22.92 4.44
CA LEU A 246 -5.73 24.10 3.59
C LEU A 246 -7.00 24.17 2.72
N GLY A 247 -7.91 23.22 2.93
CA GLY A 247 -9.17 23.15 2.19
C GLY A 247 -9.07 22.52 0.82
N PHE A 248 -10.18 22.59 0.08
CA PHE A 248 -10.32 22.09 -1.29
C PHE A 248 -9.90 23.19 -2.24
N GLU A 249 -10.38 24.42 -2.01
CA GLU A 249 -10.08 25.58 -2.81
C GLU A 249 -8.99 26.37 -2.16
N ARG A 250 -8.01 26.79 -2.96
CA ARG A 250 -6.86 27.52 -2.49
C ARG A 250 -6.61 28.76 -3.30
N GLY A 251 -5.93 29.70 -2.66
CA GLY A 251 -5.58 30.97 -3.27
C GLY A 251 -6.52 32.09 -2.90
N PRO A 252 -6.59 33.17 -3.71
CA PRO A 252 -5.88 33.38 -4.98
C PRO A 252 -4.36 33.47 -4.85
N ILE A 253 -3.66 32.93 -5.86
CA ILE A 253 -2.20 32.91 -5.91
C ILE A 253 -1.72 33.50 -7.25
N PRO A 254 -0.45 33.98 -7.35
CA PRO A 254 0.06 34.40 -8.66
C PRO A 254 0.43 33.18 -9.51
N ILE A 255 0.52 33.37 -10.83
CA ILE A 255 0.98 32.29 -11.71
C ILE A 255 2.51 32.38 -11.74
N LEU A 256 3.05 33.60 -11.89
CA LEU A 256 4.50 33.80 -11.92
C LEU A 256 5.04 34.38 -10.62
N SER A 257 6.29 34.04 -10.32
CA SER A 257 7.02 34.55 -9.15
C SER A 257 8.53 34.46 -9.42
N GLY A 258 9.32 34.88 -8.44
CA GLY A 258 10.77 34.79 -8.51
C GLY A 258 11.43 35.87 -9.32
N ALA A 259 12.70 35.63 -9.70
CA ALA A 259 13.54 36.57 -10.46
C ALA A 259 12.90 36.88 -11.82
N ASP A 260 13.11 38.10 -12.34
CA ASP A 260 12.59 38.51 -13.64
C ASP A 260 13.19 37.68 -14.77
N ASP A 261 14.52 37.35 -14.69
CA ASP A 261 15.23 36.56 -15.70
C ASP A 261 15.19 35.02 -15.48
N ASP A 262 14.69 34.56 -14.33
CA ASP A 262 14.57 33.13 -14.06
C ASP A 262 13.23 32.90 -13.32
N PRO A 263 12.07 33.14 -13.98
CA PRO A 263 10.80 33.07 -13.25
C PRO A 263 10.32 31.68 -12.86
N PHE A 264 9.55 31.63 -11.75
CA PHE A 264 8.92 30.40 -11.29
C PHE A 264 7.47 30.43 -11.68
N ILE A 265 6.90 29.26 -11.95
CA ILE A 265 5.54 29.13 -12.43
C ILE A 265 4.73 28.11 -11.63
N VAL A 266 3.47 28.47 -11.40
CA VAL A 266 2.45 27.62 -10.80
C VAL A 266 1.29 27.78 -11.77
N PHE A 267 0.87 26.70 -12.41
CA PHE A 267 -0.20 26.79 -13.36
C PHE A 267 -0.99 25.52 -13.42
N ASP A 268 -2.28 25.63 -13.70
CA ASP A 268 -3.13 24.46 -13.87
C ASP A 268 -4.23 24.91 -14.81
N GLN A 269 -4.07 24.55 -16.09
CA GLN A 269 -4.97 24.90 -17.19
C GLN A 269 -6.44 24.59 -16.86
N ASP A 270 -6.67 23.39 -16.34
CA ASP A 270 -7.96 22.84 -16.01
C ASP A 270 -8.61 23.37 -14.73
N LEU A 271 -7.82 23.51 -13.66
CA LEU A 271 -8.33 23.86 -12.32
C LEU A 271 -8.13 25.32 -11.87
N MET A 272 -7.26 26.11 -12.51
CA MET A 272 -7.14 27.53 -12.14
C MET A 272 -8.32 28.30 -12.61
N ARG A 273 -8.79 29.20 -11.76
CA ARG A 273 -9.90 30.09 -12.08
C ARG A 273 -9.47 31.52 -11.75
N GLY A 274 -9.59 32.41 -12.74
CA GLY A 274 -9.28 33.82 -12.55
C GLY A 274 -10.33 34.49 -11.70
N ILE A 275 -9.92 35.38 -10.79
CA ILE A 275 -10.85 36.10 -9.89
C ILE A 275 -11.53 37.26 -10.61
N SER A 276 -11.01 37.66 -11.79
CA SER A 276 -11.56 38.74 -12.61
C SER A 276 -11.54 38.36 -14.08
N ALA A 277 -12.30 39.10 -14.93
CA ALA A 277 -12.37 38.88 -16.37
C ALA A 277 -10.97 38.98 -17.02
N PRO A 278 -10.11 40.01 -16.75
CA PRO A 278 -8.76 40.01 -17.35
C PRO A 278 -7.91 38.83 -16.91
N ALA A 279 -8.06 38.37 -15.64
CA ALA A 279 -7.33 37.22 -15.07
C ALA A 279 -7.67 35.92 -15.80
N GLN A 280 -8.95 35.76 -16.17
CA GLN A 280 -9.49 34.62 -16.92
C GLN A 280 -8.95 34.63 -18.35
N GLU A 281 -8.89 35.83 -18.97
CA GLU A 281 -8.37 36.07 -20.33
C GLU A 281 -6.88 35.72 -20.34
N LEU A 282 -6.15 36.15 -19.30
CA LEU A 282 -4.73 35.91 -19.14
C LEU A 282 -4.37 34.42 -18.99
N GLN A 283 -5.26 33.64 -18.35
CA GLN A 283 -5.07 32.19 -18.23
C GLN A 283 -5.13 31.58 -19.65
N GLN A 284 -6.05 32.10 -20.51
CA GLN A 284 -6.19 31.67 -21.92
C GLN A 284 -4.97 32.07 -22.74
N THR A 285 -4.35 33.23 -22.41
CA THR A 285 -3.13 33.71 -23.06
C THR A 285 -1.98 32.72 -22.81
N VAL A 286 -1.85 32.25 -21.56
CA VAL A 286 -0.84 31.26 -21.16
C VAL A 286 -1.01 29.95 -21.95
N ILE A 287 -2.27 29.47 -22.07
CA ILE A 287 -2.61 28.25 -22.79
C ILE A 287 -2.24 28.33 -24.29
N ARG A 288 -2.50 29.50 -24.90
CA ARG A 288 -2.20 29.77 -26.31
C ARG A 288 -0.69 29.78 -26.55
N ALA A 289 0.07 30.40 -25.64
CA ALA A 289 1.52 30.45 -25.71
C ALA A 289 2.10 29.02 -25.60
N TYR A 290 1.51 28.22 -24.73
CA TYR A 290 1.84 26.82 -24.54
C TYR A 290 1.66 26.02 -25.85
N TYR A 291 0.46 26.07 -26.47
CA TYR A 291 0.22 25.33 -27.71
C TYR A 291 1.15 25.76 -28.84
N ALA A 292 1.55 27.04 -28.85
CA ALA A 292 2.43 27.60 -29.88
C ALA A 292 3.92 27.28 -29.66
N GLU A 293 4.38 27.23 -28.38
CA GLU A 293 5.81 27.08 -28.07
C GLU A 293 6.25 25.78 -27.41
N ARG A 294 5.34 24.94 -26.92
CA ARG A 294 5.70 23.70 -26.21
C ARG A 294 6.64 22.79 -27.02
N VAL A 295 7.57 22.14 -26.31
CA VAL A 295 8.46 21.18 -26.94
C VAL A 295 7.88 19.80 -26.63
N SER A 296 8.07 18.84 -27.51
CA SER A 296 7.56 17.49 -27.31
C SER A 296 8.67 16.47 -27.35
N HIS A 297 8.43 15.37 -26.67
CA HIS A 297 9.33 14.23 -26.63
C HIS A 297 8.55 12.96 -26.36
N CYS A 298 8.84 11.90 -27.11
CA CYS A 298 8.21 10.61 -26.89
C CYS A 298 9.17 9.77 -26.04
N LEU A 299 8.85 9.58 -24.77
CA LEU A 299 9.67 8.77 -23.88
C LEU A 299 9.78 7.33 -24.36
N ALA A 300 11.02 6.84 -24.40
CA ALA A 300 11.35 5.50 -24.90
C ALA A 300 12.08 4.71 -23.81
N PRO A 301 12.05 3.35 -23.81
CA PRO A 301 12.77 2.60 -22.77
C PRO A 301 14.24 2.99 -22.60
N GLY A 302 14.72 3.00 -21.36
CA GLY A 302 16.08 3.42 -21.05
C GLY A 302 16.25 4.93 -20.89
N GLU A 303 15.13 5.68 -21.03
CA GLU A 303 15.20 7.13 -20.89
C GLU A 303 14.60 7.54 -19.56
N MET A 304 15.08 8.66 -19.06
CA MET A 304 14.60 9.24 -17.83
C MET A 304 14.45 10.76 -18.05
N LEU A 305 13.33 11.32 -17.61
CA LEU A 305 13.08 12.76 -17.71
C LEU A 305 12.93 13.38 -16.32
N LEU A 306 13.71 14.42 -16.06
CA LEU A 306 13.61 15.20 -14.82
C LEU A 306 12.95 16.52 -15.20
N ILE A 307 11.84 16.86 -14.57
CA ILE A 307 11.14 18.11 -14.83
C ILE A 307 11.38 19.02 -13.62
N ASP A 308 11.87 20.24 -13.85
CA ASP A 308 11.99 21.23 -12.78
C ASP A 308 10.56 21.80 -12.60
N ASN A 309 9.90 21.39 -11.51
CA ASN A 309 8.53 21.72 -11.19
C ASN A 309 8.32 23.18 -10.79
N ARG A 310 9.38 23.97 -10.66
CA ARG A 310 9.26 25.41 -10.39
C ARG A 310 9.41 26.20 -11.68
N ARG A 311 10.14 25.64 -12.67
CA ARG A 311 10.50 26.34 -13.91
C ARG A 311 9.78 25.92 -15.17
N ALA A 312 9.08 24.81 -15.13
CA ALA A 312 8.38 24.30 -16.30
C ALA A 312 7.07 23.64 -15.92
N VAL A 313 6.17 23.61 -16.89
CA VAL A 313 4.86 23.01 -16.78
C VAL A 313 4.81 21.92 -17.86
N HIS A 314 3.99 20.91 -17.64
CA HIS A 314 3.97 19.78 -18.55
C HIS A 314 2.56 19.29 -18.90
N GLY A 315 2.52 18.53 -19.98
CA GLY A 315 1.28 17.95 -20.50
C GLY A 315 1.59 16.65 -21.22
N ARG A 316 0.54 15.99 -21.75
CA ARG A 316 0.71 14.69 -22.41
C ARG A 316 -0.38 14.53 -23.47
N SER A 317 0.00 14.10 -24.65
CA SER A 317 -0.90 13.90 -25.76
C SER A 317 -1.81 12.68 -25.56
N ILE A 318 -2.79 12.58 -26.45
CA ILE A 318 -3.68 11.44 -26.60
C ILE A 318 -2.85 10.28 -27.15
N PHE A 319 -3.16 9.04 -26.72
CA PHE A 319 -2.59 7.81 -27.25
C PHE A 319 -3.66 6.74 -27.09
N ALA A 320 -3.51 5.60 -27.75
CA ALA A 320 -4.52 4.55 -27.79
C ALA A 320 -4.02 3.27 -27.13
N PRO A 321 -4.08 3.16 -25.78
CA PRO A 321 -3.65 1.91 -25.13
C PRO A 321 -4.49 0.70 -25.48
N ARG A 322 -3.87 -0.47 -25.40
CA ARG A 322 -4.52 -1.75 -25.69
C ARG A 322 -4.96 -2.52 -24.43
N PHE A 323 -4.36 -2.21 -23.25
CA PHE A 323 -4.62 -2.87 -21.95
C PHE A 323 -4.33 -4.36 -22.04
N ASP A 324 -3.21 -4.72 -22.72
CA ASP A 324 -2.79 -6.09 -23.00
C ASP A 324 -1.51 -6.50 -22.24
N GLY A 325 -1.03 -5.61 -21.37
CA GLY A 325 0.19 -5.82 -20.61
C GLY A 325 1.46 -5.30 -21.26
N ALA A 326 1.35 -4.68 -22.45
CA ALA A 326 2.50 -4.11 -23.17
C ALA A 326 2.36 -2.59 -23.35
N ASP A 327 1.43 -1.97 -22.62
CA ASP A 327 1.18 -0.54 -22.72
C ASP A 327 2.30 0.30 -22.11
N ARG A 328 2.26 1.62 -22.40
CA ARG A 328 3.18 2.62 -21.84
C ARG A 328 3.23 2.47 -20.32
N PHE A 329 4.45 2.50 -19.78
CA PHE A 329 4.68 2.25 -18.36
C PHE A 329 5.86 3.11 -17.90
N LEU A 330 5.57 4.13 -17.11
CA LEU A 330 6.63 4.96 -16.55
C LEU A 330 6.66 4.73 -15.06
N SER A 331 7.84 4.96 -14.48
CA SER A 331 8.06 4.94 -13.05
C SER A 331 8.18 6.43 -12.64
N ARG A 332 7.20 6.93 -11.88
CA ARG A 332 7.25 8.31 -11.41
C ARG A 332 7.69 8.42 -9.97
N SER A 333 8.57 9.38 -9.71
CA SER A 333 8.98 9.72 -8.36
C SER A 333 9.09 11.22 -8.22
N PHE A 334 9.20 11.70 -6.97
CA PHE A 334 9.25 13.11 -6.66
C PHE A 334 10.50 13.45 -5.90
N ILE A 335 11.00 14.66 -6.14
CA ILE A 335 12.21 15.14 -5.49
C ILE A 335 11.97 16.52 -4.88
N VAL A 336 12.52 16.74 -3.68
CA VAL A 336 12.53 18.03 -2.99
C VAL A 336 13.98 18.38 -2.60
N ALA A 337 14.33 19.67 -2.64
CA ALA A 337 15.68 20.06 -2.25
C ALA A 337 15.85 19.96 -0.73
N ASP A 338 14.79 20.35 -0.01
CA ASP A 338 14.77 20.48 1.44
C ASP A 338 13.70 19.60 2.09
N GLY A 339 14.15 18.51 2.72
CA GLY A 339 13.31 17.57 3.46
C GLY A 339 12.70 18.16 4.73
N SER A 340 13.32 19.23 5.31
CA SER A 340 12.82 19.90 6.52
C SER A 340 11.49 20.62 6.30
N ARG A 341 11.21 21.06 5.06
CA ARG A 341 9.96 21.77 4.74
C ARG A 341 8.73 20.90 4.94
N SER A 342 8.88 19.60 4.81
CA SER A 342 7.76 18.66 4.97
C SER A 342 7.86 17.90 6.31
N ARG A 343 8.87 18.18 7.17
CA ARG A 343 9.04 17.44 8.43
C ARG A 343 7.75 17.41 9.31
N HIS A 344 7.02 18.53 9.39
CA HIS A 344 5.75 18.65 10.15
C HIS A 344 4.65 17.69 9.60
N ALA A 345 4.77 17.32 8.32
CA ALA A 345 3.83 16.46 7.56
C ALA A 345 4.28 15.00 7.49
N ARG A 346 5.48 14.69 7.99
CA ARG A 346 6.03 13.34 7.93
C ARG A 346 6.23 12.76 9.30
N SER A 347 6.56 11.47 9.34
CA SER A 347 6.95 10.84 10.59
C SER A 347 8.50 10.87 10.57
N SER A 348 9.11 10.72 11.75
CA SER A 348 10.56 10.64 11.89
C SER A 348 11.06 9.47 11.01
N PHE A 349 12.11 9.68 10.21
CA PHE A 349 12.70 8.73 9.27
C PHE A 349 11.65 8.22 8.25
N GLY A 350 10.71 9.08 7.91
CA GLY A 350 9.65 8.79 6.96
C GLY A 350 9.78 9.64 5.72
N ARG A 351 9.36 9.10 4.58
CA ARG A 351 9.46 9.81 3.30
C ARG A 351 8.08 10.21 2.76
N VAL A 352 7.02 9.91 3.51
CA VAL A 352 5.64 10.14 3.05
C VAL A 352 4.98 11.35 3.71
N VAL A 353 4.52 12.32 2.88
CA VAL A 353 3.78 13.45 3.43
C VAL A 353 2.31 13.01 3.64
N SER A 354 1.82 13.14 4.89
CA SER A 354 0.45 12.76 5.23
C SER A 354 -0.56 13.58 4.45
N ALA A 355 -1.61 12.92 3.96
CA ALA A 355 -2.63 13.48 3.08
C ALA A 355 -3.18 14.86 3.47
N ARG A 356 -3.53 15.06 4.76
CA ARG A 356 -4.13 16.33 5.25
C ARG A 356 -3.21 17.55 5.08
N PHE A 357 -1.89 17.32 4.95
CA PHE A 357 -0.91 18.39 4.80
C PHE A 357 -0.68 18.85 3.35
N SER A 358 -1.23 18.11 2.39
CA SER A 358 -1.10 18.50 0.98
C SER A 358 -1.98 19.73 0.65
CA VAL B 35 28.89 10.94 20.75
C VAL B 35 28.20 11.16 19.38
N SER B 36 26.85 11.23 19.35
CA SER B 36 26.07 11.43 18.12
C SER B 36 26.23 12.83 17.53
N ALA B 37 26.67 13.80 18.35
CA ALA B 37 26.91 15.15 17.86
C ALA B 37 28.40 15.49 17.70
N ILE B 38 29.29 14.46 17.67
CA ILE B 38 30.73 14.62 17.41
C ILE B 38 31.19 13.66 16.32
N LEU B 39 31.85 14.21 15.29
CA LEU B 39 32.47 13.46 14.22
C LEU B 39 33.97 13.71 14.33
N VAL B 40 34.73 12.63 14.59
CA VAL B 40 36.19 12.72 14.72
C VAL B 40 36.82 12.15 13.46
N LEU B 41 37.52 13.00 12.71
CA LEU B 41 38.20 12.57 11.49
C LEU B 41 39.49 11.83 11.85
N THR B 42 39.72 10.67 11.25
CA THR B 42 40.98 9.95 11.48
C THR B 42 42.07 10.67 10.68
N SER B 43 43.34 10.34 10.95
CA SER B 43 44.50 10.89 10.26
C SER B 43 44.37 10.69 8.74
N SER B 44 43.93 9.49 8.33
CA SER B 44 43.71 9.09 6.93
C SER B 44 42.55 9.87 6.31
N GLU B 45 41.44 10.07 7.07
CA GLU B 45 40.28 10.82 6.59
C GLU B 45 40.63 12.29 6.39
N ALA B 46 41.40 12.91 7.34
CA ALA B 46 41.87 14.30 7.23
C ALA B 46 42.80 14.46 6.01
N SER B 47 43.67 13.45 5.74
CA SER B 47 44.56 13.45 4.58
C SER B 47 43.76 13.41 3.27
N THR B 48 42.68 12.59 3.23
CA THR B 48 41.79 12.50 2.06
C THR B 48 41.14 13.88 1.82
N LEU B 49 40.62 14.52 2.89
CA LEU B 49 40.02 15.86 2.84
C LEU B 49 41.02 16.86 2.23
N GLU B 50 42.28 16.84 2.70
CA GLU B 50 43.37 17.68 2.22
C GLU B 50 43.69 17.43 0.71
N ARG B 51 43.74 16.16 0.29
CA ARG B 51 43.96 15.80 -1.12
C ARG B 51 42.76 16.20 -2.01
N VAL B 52 41.52 15.94 -1.55
CA VAL B 52 40.27 16.28 -2.27
C VAL B 52 40.13 17.82 -2.47
N ALA B 53 40.63 18.63 -1.49
CA ALA B 53 40.62 20.10 -1.55
C ALA B 53 41.36 20.65 -2.80
N ASP B 54 42.34 19.91 -3.34
CA ASP B 54 43.11 20.28 -4.55
C ASP B 54 42.20 20.32 -5.79
N LEU B 55 41.01 19.67 -5.71
CA LEU B 55 40.05 19.68 -6.82
C LEU B 55 39.20 20.98 -6.80
N VAL B 56 39.34 21.77 -5.72
CA VAL B 56 38.62 23.04 -5.58
C VAL B 56 39.66 24.13 -5.86
N THR B 57 39.66 24.63 -7.11
CA THR B 57 40.66 25.59 -7.60
C THR B 57 40.13 27.00 -7.84
N ALA B 58 38.78 27.17 -7.94
CA ALA B 58 38.21 28.51 -8.16
C ALA B 58 38.41 29.42 -6.93
N HIS B 59 38.43 30.73 -7.15
CA HIS B 59 38.62 31.70 -6.07
C HIS B 59 37.35 31.82 -5.26
N ALA B 60 37.44 31.60 -3.93
CA ALA B 60 36.26 31.62 -3.03
C ALA B 60 35.51 32.95 -3.03
N LEU B 61 36.24 34.07 -3.17
CA LEU B 61 35.65 35.40 -3.17
C LEU B 61 35.24 35.92 -4.54
N TYR B 62 36.09 35.72 -5.55
CA TYR B 62 35.91 36.30 -6.88
C TYR B 62 35.23 35.38 -7.90
N ALA B 63 35.04 34.10 -7.54
CA ALA B 63 34.28 33.14 -8.35
C ALA B 63 33.56 32.18 -7.37
N ALA B 64 32.82 32.77 -6.41
CA ALA B 64 32.08 32.07 -5.35
C ALA B 64 31.23 30.90 -5.83
N HIS B 65 30.41 31.13 -6.88
CA HIS B 65 29.56 30.08 -7.44
C HIS B 65 30.39 28.90 -7.97
N ASP B 66 31.44 29.16 -8.78
CA ASP B 66 32.34 28.13 -9.32
C ASP B 66 33.04 27.38 -8.19
N PHE B 67 33.48 28.09 -7.18
CA PHE B 67 34.16 27.53 -6.00
C PHE B 67 33.25 26.56 -5.28
N CYS B 68 32.04 26.99 -4.93
CA CYS B 68 31.03 26.17 -4.23
C CYS B 68 30.58 25.00 -5.09
N ALA B 69 30.39 25.20 -6.42
CA ALA B 69 30.01 24.10 -7.32
C ALA B 69 31.11 23.05 -7.38
N GLN B 70 32.38 23.50 -7.43
CA GLN B 70 33.53 22.59 -7.42
C GLN B 70 33.60 21.80 -6.10
N ALA B 71 33.37 22.44 -4.94
CA ALA B 71 33.35 21.73 -3.64
C ALA B 71 32.19 20.71 -3.58
N GLN B 72 31.02 21.05 -4.17
CA GLN B 72 29.87 20.12 -4.19
C GLN B 72 30.19 18.86 -4.99
N LEU B 73 30.84 19.03 -6.15
CA LEU B 73 31.27 17.92 -6.99
C LEU B 73 32.37 17.08 -6.32
N ALA B 74 33.44 17.75 -5.82
CA ALA B 74 34.58 17.11 -5.19
C ALA B 74 34.19 16.39 -3.89
N ALA B 75 33.12 16.83 -3.20
CA ALA B 75 32.61 16.21 -1.95
C ALA B 75 32.27 14.72 -2.14
N ALA B 76 32.01 14.30 -3.40
CA ALA B 76 31.77 12.90 -3.76
C ALA B 76 33.03 12.04 -3.49
N GLU B 77 34.24 12.66 -3.49
CA GLU B 77 35.52 11.97 -3.26
C GLU B 77 35.92 11.88 -1.77
N LEU B 78 35.11 12.42 -0.86
CA LEU B 78 35.37 12.37 0.58
C LEU B 78 35.16 10.96 1.16
N PRO B 79 35.74 10.58 2.34
CA PRO B 79 35.50 9.23 2.89
C PRO B 79 33.99 9.00 3.10
N SER B 80 33.48 7.83 2.67
CA SER B 80 32.06 7.49 2.73
C SER B 80 31.45 7.58 4.16
N ARG B 81 32.23 7.27 5.21
CA ARG B 81 31.78 7.36 6.59
C ARG B 81 31.43 8.81 6.97
N VAL B 82 32.26 9.76 6.50
CA VAL B 82 32.11 11.21 6.71
C VAL B 82 30.86 11.71 5.92
N VAL B 83 30.77 11.36 4.62
CA VAL B 83 29.65 11.73 3.75
C VAL B 83 28.34 11.22 4.36
N ALA B 84 28.29 9.93 4.81
CA ALA B 84 27.10 9.34 5.44
C ALA B 84 26.64 10.12 6.66
N ARG B 85 27.57 10.51 7.59
CA ARG B 85 27.22 11.29 8.79
C ARG B 85 26.69 12.66 8.42
N LEU B 86 27.31 13.34 7.43
CA LEU B 86 26.87 14.67 7.02
C LEU B 86 25.48 14.65 6.35
N GLN B 87 25.20 13.64 5.51
CA GLN B 87 23.93 13.46 4.84
C GLN B 87 22.83 13.12 5.88
N GLU B 88 23.14 12.31 6.91
CA GLU B 88 22.15 12.02 7.94
C GLU B 88 21.85 13.24 8.77
N PHE B 89 22.91 14.03 9.11
CA PHE B 89 22.73 15.30 9.82
C PHE B 89 21.90 16.29 8.94
N ALA B 90 22.23 16.39 7.63
CA ALA B 90 21.53 17.29 6.69
C ALA B 90 20.02 16.91 6.60
N TRP B 91 19.68 15.60 6.60
CA TRP B 91 18.27 15.15 6.54
C TRP B 91 17.50 15.74 7.71
N GLY B 92 18.17 15.76 8.87
CA GLY B 92 17.73 16.45 10.06
C GLY B 92 16.97 15.66 11.11
N ASP B 93 16.19 14.65 10.67
CA ASP B 93 15.34 13.88 11.59
C ASP B 93 16.10 13.37 12.78
N MET B 94 15.68 13.81 13.97
N MET B 94 15.58 13.77 13.96
CA MET B 94 16.28 13.43 15.27
CA MET B 94 15.98 13.42 15.32
C MET B 94 17.75 13.87 15.43
C MET B 94 17.48 13.56 15.59
N ASN B 95 18.27 14.79 14.56
N ASN B 95 18.10 14.60 15.02
CA ASN B 95 19.64 15.31 14.74
CA ASN B 95 19.50 14.94 15.24
C ASN B 95 19.69 16.12 16.05
C ASN B 95 19.55 15.90 16.45
N GLU B 96 20.87 16.23 16.66
N GLU B 96 20.76 16.14 16.98
CA GLU B 96 21.06 16.87 17.98
CA GLU B 96 20.98 16.95 18.19
C GLU B 96 21.08 18.41 17.95
C GLU B 96 20.94 18.48 18.03
N GLY B 97 20.80 18.99 16.80
CA GLY B 97 20.78 20.44 16.57
C GLY B 97 22.16 20.96 16.14
N HIS B 98 23.19 20.12 16.25
CA HIS B 98 24.55 20.51 15.86
C HIS B 98 25.41 19.29 15.58
N LEU B 99 26.57 19.54 14.94
CA LEU B 99 27.55 18.52 14.64
C LEU B 99 28.94 19.12 14.76
N LEU B 100 29.67 18.66 15.78
CA LEU B 100 31.02 19.10 16.02
C LEU B 100 31.96 18.15 15.30
N ILE B 101 32.82 18.69 14.46
CA ILE B 101 33.80 17.92 13.69
C ILE B 101 35.19 18.23 14.21
N LYS B 102 35.95 17.19 14.56
CA LYS B 102 37.33 17.28 15.07
C LYS B 102 38.27 16.62 14.07
N GLY B 103 39.51 17.06 14.05
CA GLY B 103 40.55 16.47 13.20
C GLY B 103 40.67 17.02 11.80
N LEU B 104 40.23 18.27 11.57
CA LEU B 104 40.31 18.94 10.26
C LEU B 104 41.74 19.33 9.91
N PRO B 105 42.15 19.32 8.62
CA PRO B 105 43.50 19.82 8.29
C PRO B 105 43.57 21.30 8.65
N GLN B 106 44.72 21.71 9.17
CA GLN B 106 44.95 23.09 9.58
C GLN B 106 45.89 23.83 8.63
N VAL B 107 45.75 25.16 8.56
CA VAL B 107 46.56 26.05 7.74
C VAL B 107 47.98 26.12 8.34
N ARG B 108 49.01 25.90 7.49
CA ARG B 108 50.43 25.88 7.86
C ARG B 108 50.97 27.22 8.35
N SER B 109 50.58 28.31 7.69
CA SER B 109 51.04 29.67 8.03
C SER B 109 49.81 30.56 8.08
N LEU B 110 49.14 30.58 9.24
CA LEU B 110 47.93 31.36 9.43
C LEU B 110 48.32 32.85 9.58
N PRO B 111 47.74 33.78 8.77
CA PRO B 111 48.09 35.21 8.95
C PRO B 111 47.61 35.75 10.29
N PRO B 112 48.03 36.94 10.76
CA PRO B 112 47.51 37.43 12.04
C PRO B 112 45.99 37.59 12.00
N THR B 113 45.35 37.40 13.14
CA THR B 113 43.93 37.57 13.28
C THR B 113 43.59 39.02 12.91
N PRO B 114 42.72 39.26 11.90
CA PRO B 114 42.38 40.65 11.54
C PRO B 114 41.65 41.37 12.68
N THR B 115 41.80 42.70 12.74
CA THR B 115 41.17 43.53 13.79
C THR B 115 39.69 43.85 13.45
N SER B 116 39.24 43.49 12.22
CA SER B 116 37.90 43.69 11.68
C SER B 116 37.55 42.54 10.69
N ASN B 117 36.31 42.54 10.15
CA ASN B 117 35.85 41.53 9.18
C ASN B 117 35.85 42.06 7.71
N VAL B 118 36.44 43.23 7.46
CA VAL B 118 36.40 43.86 6.12
C VAL B 118 37.30 43.14 5.07
N HIS B 119 38.33 42.39 5.50
CA HIS B 119 39.30 41.77 4.58
C HIS B 119 38.98 40.37 4.03
N ALA B 120 38.11 39.58 4.70
CA ALA B 120 37.82 38.18 4.29
C ALA B 120 39.15 37.38 4.15
N VAL B 121 39.90 37.30 5.26
CA VAL B 121 41.20 36.62 5.38
C VAL B 121 41.01 35.10 5.22
N ALA B 122 40.04 34.52 5.97
CA ALA B 122 39.74 33.10 5.99
C ALA B 122 39.50 32.53 4.60
N ALA B 123 38.71 33.23 3.78
CA ALA B 123 38.33 32.83 2.43
C ALA B 123 39.53 32.61 1.47
N THR B 124 40.64 33.35 1.66
CA THR B 124 41.83 33.24 0.81
C THR B 124 42.99 32.47 1.54
N THR B 125 42.63 31.61 2.51
CA THR B 125 43.60 30.73 3.18
C THR B 125 43.28 29.32 2.67
N PRO B 126 44.22 28.35 2.72
CA PRO B 126 43.90 27.00 2.19
C PRO B 126 42.79 26.23 2.92
N MET B 127 42.35 26.72 4.10
N MET B 127 42.36 26.71 4.10
CA MET B 127 41.28 26.12 4.89
CA MET B 127 41.30 26.04 4.86
C MET B 127 39.90 26.32 4.24
C MET B 127 39.89 26.35 4.30
N SER B 128 39.72 27.41 3.46
CA SER B 128 38.42 27.74 2.82
C SER B 128 37.87 26.53 2.02
N ARG B 129 38.78 25.78 1.38
CA ARG B 129 38.47 24.57 0.63
C ARG B 129 38.02 23.42 1.55
N TYR B 130 38.59 23.25 2.76
CA TYR B 130 38.23 22.15 3.68
C TYR B 130 36.79 22.33 4.22
N GLN B 131 36.45 23.57 4.64
CA GLN B 131 35.13 23.95 5.16
C GLN B 131 34.08 23.86 4.08
N ALA B 132 34.39 24.31 2.83
CA ALA B 132 33.50 24.21 1.67
C ALA B 132 33.13 22.76 1.34
N LEU B 133 34.13 21.86 1.36
CA LEU B 133 33.91 20.44 1.08
C LEU B 133 32.92 19.81 2.02
N ILE B 134 33.07 20.06 3.34
CA ILE B 134 32.14 19.56 4.35
C ILE B 134 30.77 20.26 4.18
N ASN B 135 30.78 21.60 4.01
CA ASN B 135 29.54 22.38 3.81
C ASN B 135 28.71 21.87 2.65
N GLU B 136 29.36 21.64 1.50
CA GLU B 136 28.67 21.24 0.27
C GLU B 136 28.17 19.79 0.31
N CYS B 137 28.55 19.05 1.34
N CYS B 137 28.57 19.01 1.33
CA CYS B 137 28.09 17.68 1.57
CA CYS B 137 28.04 17.66 1.57
C CYS B 137 26.77 17.72 2.35
C CYS B 137 26.65 17.88 2.12
N VAL B 138 26.55 18.83 3.07
CA VAL B 138 25.36 19.14 3.83
C VAL B 138 24.31 19.86 2.95
N GLY B 139 24.74 20.90 2.22
CA GLY B 139 23.84 21.68 1.39
C GLY B 139 24.59 22.74 0.59
N ARG B 140 23.85 23.74 0.09
CA ARG B 140 24.42 24.81 -0.75
C ARG B 140 24.89 26.00 0.04
N MET B 141 26.15 26.40 -0.19
CA MET B 141 26.69 27.59 0.46
C MET B 141 26.05 28.83 -0.12
N ILE B 142 25.78 29.79 0.74
CA ILE B 142 25.13 31.04 0.38
C ILE B 142 25.76 32.16 1.22
N ALA B 143 25.67 33.40 0.75
CA ALA B 143 26.16 34.56 1.47
C ALA B 143 25.11 35.67 1.37
N TYR B 144 25.19 36.64 2.26
CA TYR B 144 24.24 37.74 2.38
C TYR B 144 24.99 39.04 2.28
N GLU B 145 24.61 39.89 1.32
CA GLU B 145 25.19 41.22 1.08
C GLU B 145 25.21 42.05 2.39
N ALA B 146 24.14 41.95 3.20
CA ALA B 146 24.01 42.71 4.44
C ALA B 146 24.81 42.11 5.64
N GLU B 147 25.39 40.90 5.47
CA GLU B 147 26.16 40.24 6.53
C GLU B 147 27.60 39.99 6.06
N GLY B 148 28.56 40.62 6.73
CA GLY B 148 29.98 40.52 6.38
C GLY B 148 30.30 40.77 4.93
N HIS B 149 29.64 41.81 4.31
CA HIS B 149 29.80 42.28 2.92
C HIS B 149 29.56 41.20 1.84
N GLY B 150 28.80 40.17 2.18
CA GLY B 150 28.51 39.07 1.27
C GLY B 150 29.70 38.16 1.00
N HIS B 151 30.72 38.21 1.87
CA HIS B 151 31.91 37.36 1.72
C HIS B 151 31.50 35.91 1.90
N THR B 152 32.01 35.03 1.01
CA THR B 152 31.74 33.58 1.03
C THR B 152 32.00 33.00 2.43
N PHE B 153 33.11 33.44 3.03
CA PHE B 153 33.50 33.10 4.40
C PHE B 153 33.73 34.42 5.07
N GLN B 154 33.17 34.59 6.27
CA GLN B 154 33.28 35.81 7.07
C GLN B 154 34.24 35.58 8.26
N ASP B 155 35.17 36.53 8.52
CA ASP B 155 36.12 36.43 9.62
C ASP B 155 35.39 36.77 10.90
N MET B 156 35.43 35.85 11.86
CA MET B 156 34.77 35.99 13.16
C MET B 156 35.88 36.23 14.12
N VAL B 157 36.13 37.51 14.34
CA VAL B 157 37.24 38.04 15.11
C VAL B 157 36.75 39.11 16.08
N PRO B 158 37.39 39.27 17.26
CA PRO B 158 36.96 40.35 18.17
C PRO B 158 37.44 41.73 17.66
N SER B 159 36.50 42.68 17.58
CA SER B 159 36.80 44.06 17.16
C SER B 159 36.83 44.94 18.41
N ALA B 160 37.82 45.86 18.53
CA ALA B 160 37.95 46.76 19.67
C ALA B 160 36.75 47.71 19.74
N MET B 161 36.36 48.26 18.57
CA MET B 161 35.25 49.21 18.40
C MET B 161 33.89 48.64 18.82
N SER B 162 33.58 47.42 18.39
CA SER B 162 32.31 46.75 18.67
C SER B 162 32.43 45.63 19.74
N ALA B 163 33.25 45.87 20.79
CA ALA B 163 33.46 44.91 21.87
C ALA B 163 32.19 44.70 22.70
N HIS B 164 31.38 45.77 22.86
CA HIS B 164 30.15 45.75 23.65
C HIS B 164 28.84 45.57 22.82
N SER B 165 28.96 45.11 21.55
CA SER B 165 27.83 44.90 20.65
C SER B 165 27.28 43.48 20.67
N GLN B 166 26.04 43.31 20.20
CA GLN B 166 25.40 42.00 20.04
C GLN B 166 25.70 41.52 18.60
N THR B 167 27.01 41.37 18.28
CA THR B 167 27.46 40.92 16.95
C THR B 167 28.56 39.83 17.07
N SER B 168 28.91 39.23 15.92
CA SER B 168 29.97 38.21 15.78
C SER B 168 31.33 38.77 16.18
N LEU B 169 31.51 40.10 16.04
CA LEU B 169 32.76 40.79 16.37
C LEU B 169 32.84 41.27 17.83
N GLY B 170 31.84 40.90 18.63
CA GLY B 170 31.76 41.23 20.05
C GLY B 170 32.67 40.36 20.89
N SER B 171 32.85 40.73 22.18
CA SER B 171 33.70 40.00 23.15
C SER B 171 33.43 40.38 24.61
N ALA B 172 33.43 41.70 24.93
CA ALA B 172 33.23 42.26 26.28
C ALA B 172 31.86 41.93 26.89
N VAL B 173 30.82 41.76 26.04
CA VAL B 173 29.45 41.41 26.44
C VAL B 173 29.12 40.00 25.92
N GLU B 174 28.18 39.32 26.58
CA GLU B 174 27.76 37.99 26.17
C GLU B 174 26.84 38.10 24.95
N LEU B 175 27.13 37.30 23.90
CA LEU B 175 26.32 37.24 22.70
C LEU B 175 25.06 36.43 23.09
N GLU B 176 23.93 37.12 23.17
CA GLU B 176 22.66 36.55 23.63
C GLU B 176 22.10 35.50 22.69
N LEU B 177 21.21 34.64 23.22
CA LEU B 177 20.58 33.51 22.55
C LEU B 177 19.88 33.91 21.26
N HIS B 178 20.21 33.22 20.17
CA HIS B 178 19.59 33.54 18.90
C HIS B 178 19.64 32.44 17.87
N THR B 179 18.66 32.53 16.99
CA THR B 179 18.56 31.83 15.71
C THR B 179 19.35 32.79 14.83
N GLU B 180 20.12 32.29 13.87
CA GLU B 180 20.85 33.15 12.94
C GLU B 180 19.80 33.78 12.03
N GLN B 181 19.78 35.11 11.93
CA GLN B 181 18.82 35.90 11.14
C GLN B 181 17.37 35.50 11.46
N ALA B 182 17.00 35.53 12.77
CA ALA B 182 15.66 35.20 13.27
C ALA B 182 14.57 36.03 12.54
N PHE B 183 14.93 37.27 12.14
CA PHE B 183 14.04 38.20 11.45
C PHE B 183 13.79 37.85 9.97
N SER B 184 14.65 37.03 9.37
CA SER B 184 14.60 36.79 7.94
C SER B 184 13.99 35.46 7.47
N PRO B 185 13.01 35.50 6.54
CA PRO B 185 12.53 34.24 5.95
C PRO B 185 13.63 33.58 5.09
N LEU B 186 14.70 34.32 4.74
CA LEU B 186 15.82 33.78 3.95
C LEU B 186 17.01 33.36 4.81
N ARG B 187 16.79 33.23 6.13
CA ARG B 187 17.79 32.81 7.10
C ARG B 187 18.42 31.49 6.70
N PRO B 188 19.71 31.24 7.02
CA PRO B 188 20.31 29.96 6.63
C PRO B 188 19.73 28.74 7.34
N ASP B 189 19.85 27.57 6.70
CA ASP B 189 19.41 26.31 7.31
C ASP B 189 20.50 25.84 8.28
N PHE B 190 21.77 26.14 7.96
CA PHE B 190 22.92 25.79 8.82
C PHE B 190 23.91 26.93 8.90
N VAL B 191 24.56 27.03 10.06
CA VAL B 191 25.67 27.96 10.29
C VAL B 191 26.90 27.03 10.42
N SER B 192 27.98 27.37 9.70
CA SER B 192 29.22 26.59 9.66
C SER B 192 30.37 27.44 10.23
N LEU B 193 30.97 26.98 11.33
CA LEU B 193 32.05 27.71 11.99
C LEU B 193 33.31 26.86 12.06
N ALA B 194 34.35 27.26 11.34
CA ALA B 194 35.64 26.56 11.37
C ALA B 194 36.59 27.38 12.21
N CYS B 195 37.18 26.75 13.23
CA CYS B 195 38.10 27.44 14.15
C CYS B 195 39.53 27.49 13.61
N LEU B 196 40.08 28.71 13.47
CA LEU B 196 41.46 28.93 12.99
C LEU B 196 42.33 29.18 14.20
N ARG B 197 41.86 30.03 15.13
CA ARG B 197 42.45 30.31 16.44
C ARG B 197 41.31 30.32 17.42
N GLY B 198 41.49 29.67 18.57
CA GLY B 198 40.46 29.66 19.60
C GLY B 198 40.86 30.58 20.73
N ASP B 199 40.03 30.66 21.77
CA ASP B 199 40.33 31.39 23.00
C ASP B 199 39.74 30.52 24.12
N PRO B 200 40.53 30.13 25.15
CA PRO B 200 40.01 29.26 26.23
C PRO B 200 38.79 29.75 26.98
N ARG B 201 38.61 31.08 27.03
CA ARG B 201 37.49 31.71 27.72
C ARG B 201 36.27 31.88 26.83
N ALA B 202 36.43 31.68 25.51
CA ALA B 202 35.33 31.86 24.57
C ALA B 202 34.57 30.56 24.34
N LEU B 203 33.42 30.44 24.99
CA LEU B 203 32.56 29.28 24.88
C LEU B 203 31.42 29.55 23.92
N THR B 204 31.10 28.54 23.11
CA THR B 204 29.96 28.57 22.23
C THR B 204 28.87 27.85 23.01
N TYR B 205 27.69 28.45 23.10
CA TYR B 205 26.57 27.84 23.80
C TYR B 205 25.58 27.33 22.79
N LEU B 206 25.06 26.12 23.01
CA LEU B 206 24.09 25.47 22.13
C LEU B 206 22.91 25.01 22.96
N PHE B 207 21.73 25.16 22.37
CA PHE B 207 20.48 24.83 23.04
C PHE B 207 19.47 24.46 21.96
N SER B 208 19.08 23.19 21.93
CA SER B 208 18.17 22.70 20.92
C SER B 208 16.69 22.95 21.29
N ALA B 209 15.81 22.97 20.28
CA ALA B 209 14.37 23.11 20.46
C ALA B 209 13.86 21.92 21.27
N ARG B 210 14.49 20.72 21.09
CA ARG B 210 14.14 19.52 21.86
C ARG B 210 14.46 19.68 23.35
N GLN B 211 15.61 20.26 23.71
CA GLN B 211 15.97 20.49 25.12
C GLN B 211 14.99 21.47 25.74
N LEU B 212 14.58 22.50 24.98
CA LEU B 212 13.63 23.50 25.46
C LEU B 212 12.30 22.86 25.81
N VAL B 213 11.69 22.14 24.85
CA VAL B 213 10.39 21.46 24.99
C VAL B 213 10.38 20.50 26.21
N ALA B 214 11.50 19.82 26.50
CA ALA B 214 11.63 18.89 27.63
C ALA B 214 11.49 19.55 29.01
N THR B 215 11.70 20.89 29.10
CA THR B 215 11.60 21.65 30.37
C THR B 215 10.26 22.37 30.54
N LEU B 216 9.47 22.47 29.46
CA LEU B 216 8.22 23.22 29.46
C LEU B 216 6.98 22.38 29.72
N THR B 217 5.91 23.07 30.13
CA THR B 217 4.59 22.45 30.31
C THR B 217 3.93 22.45 28.93
N THR B 218 2.88 21.64 28.77
CA THR B 218 2.06 21.53 27.55
C THR B 218 1.46 22.90 27.14
N GLN B 219 1.06 23.72 28.14
CA GLN B 219 0.49 25.07 27.97
C GLN B 219 1.52 26.03 27.36
N GLU B 220 2.75 26.04 27.92
CA GLU B 220 3.87 26.85 27.44
C GLU B 220 4.27 26.48 26.02
N ILE B 221 4.35 25.16 25.70
CA ILE B 221 4.70 24.67 24.37
C ILE B 221 3.68 25.18 23.35
N ALA B 222 2.37 25.09 23.70
CA ALA B 222 1.25 25.55 22.86
C ALA B 222 1.29 27.05 22.59
N MET B 223 1.60 27.87 23.62
CA MET B 223 1.73 29.33 23.47
C MET B 223 2.94 29.68 22.57
N LEU B 224 4.06 28.94 22.71
CA LEU B 224 5.26 29.13 21.85
C LEU B 224 5.00 28.84 20.36
N ARG B 225 3.99 28.00 20.07
CA ARG B 225 3.56 27.67 18.71
C ARG B 225 2.58 28.72 18.14
N GLU B 226 2.19 29.72 18.96
CA GLU B 226 1.26 30.79 18.54
C GLU B 226 2.02 32.02 18.02
N PRO B 227 1.49 32.78 17.02
CA PRO B 227 2.25 33.94 16.51
C PRO B 227 2.16 35.15 17.44
N MET B 228 2.98 35.13 18.50
CA MET B 228 2.90 36.16 19.55
C MET B 228 4.19 36.96 19.76
N TRP B 229 5.17 36.84 18.84
CA TRP B 229 6.44 37.55 18.98
C TRP B 229 6.86 38.25 17.72
N THR B 230 7.09 39.55 17.82
CA THR B 230 7.65 40.32 16.71
C THR B 230 9.18 40.27 16.92
N THR B 231 9.95 40.70 15.91
CA THR B 231 11.42 40.77 16.01
C THR B 231 11.94 41.84 15.04
N THR B 232 13.17 42.34 15.26
CA THR B 232 13.74 43.36 14.41
C THR B 232 15.01 42.87 13.72
N VAL B 233 15.46 43.59 12.69
CA VAL B 233 16.67 43.27 11.91
C VAL B 233 17.92 43.44 12.80
N ASP B 234 18.86 42.46 12.75
CA ASP B 234 20.14 42.48 13.51
C ASP B 234 20.92 43.76 13.22
N GLU B 235 21.69 44.24 14.23
CA GLU B 235 22.52 45.44 14.16
C GLU B 235 23.52 45.34 12.99
N SER B 236 24.14 44.15 12.81
CA SER B 236 25.11 43.84 11.76
C SER B 236 24.53 43.97 10.34
N PHE B 237 23.20 43.94 10.18
CA PHE B 237 22.51 44.04 8.88
C PHE B 237 22.13 45.47 8.50
N LEU B 238 22.14 46.39 9.47
CA LEU B 238 21.75 47.78 9.20
C LEU B 238 22.86 48.59 8.53
N ALA B 239 22.47 49.56 7.68
CA ALA B 239 23.37 50.47 6.98
C ALA B 239 22.65 51.78 6.62
N GLU B 240 23.41 52.89 6.45
CA GLU B 240 22.83 54.18 6.07
C GLU B 240 22.17 54.07 4.70
N GLY B 241 20.91 54.50 4.60
CA GLY B 241 20.12 54.44 3.38
C GLY B 241 19.67 53.04 2.97
N ARG B 242 19.74 52.05 3.90
CA ARG B 242 19.35 50.66 3.62
C ARG B 242 17.88 50.38 3.97
N THR B 243 17.09 50.06 2.94
CA THR B 243 15.66 49.74 3.05
C THR B 243 15.41 48.25 2.69
N PHE B 244 14.84 47.50 3.63
CA PHE B 244 14.46 46.10 3.43
C PHE B 244 13.00 46.09 3.02
N LEU B 245 12.67 45.30 1.98
CA LEU B 245 11.33 45.11 1.45
C LEU B 245 10.31 44.75 2.55
N LEU B 246 10.73 43.92 3.53
CA LEU B 246 9.89 43.45 4.63
C LEU B 246 9.94 44.37 5.89
N GLY B 247 10.59 45.53 5.77
CA GLY B 247 10.73 46.53 6.83
C GLY B 247 11.75 46.18 7.89
N PHE B 248 11.78 46.98 8.98
CA PHE B 248 12.71 46.76 10.09
C PHE B 248 12.10 45.86 11.16
N GLU B 249 10.76 45.89 11.33
CA GLU B 249 10.05 45.05 12.28
C GLU B 249 9.34 43.92 11.54
N ARG B 250 9.46 42.70 12.07
CA ARG B 250 8.93 41.46 11.50
C ARG B 250 7.98 40.74 12.45
N GLY B 251 6.99 40.06 11.86
CA GLY B 251 6.01 39.24 12.56
C GLY B 251 4.69 39.93 12.87
N PRO B 252 3.98 39.53 13.95
CA PRO B 252 4.34 38.47 14.93
C PRO B 252 4.43 37.08 14.33
N ILE B 253 5.38 36.30 14.83
CA ILE B 253 5.65 34.94 14.39
C ILE B 253 5.69 34.01 15.62
N PRO B 254 5.49 32.68 15.46
CA PRO B 254 5.66 31.78 16.61
C PRO B 254 7.16 31.54 16.89
N ILE B 255 7.48 31.09 18.10
CA ILE B 255 8.85 30.73 18.44
C ILE B 255 9.04 29.28 17.99
N LEU B 256 8.06 28.41 18.31
CA LEU B 256 8.11 26.99 17.92
C LEU B 256 7.22 26.68 16.75
N SER B 257 7.64 25.70 15.94
CA SER B 257 6.85 25.20 14.80
C SER B 257 7.30 23.77 14.47
N GLY B 258 6.67 23.20 13.44
CA GLY B 258 6.99 21.86 12.97
C GLY B 258 6.40 20.74 13.78
N ALA B 259 6.96 19.54 13.61
CA ALA B 259 6.51 18.31 14.27
C ALA B 259 6.62 18.43 15.79
N ASP B 260 5.71 17.75 16.51
CA ASP B 260 5.72 17.75 17.97
C ASP B 260 7.01 17.13 18.54
N ASP B 261 7.49 16.03 17.90
CA ASP B 261 8.70 15.31 18.34
C ASP B 261 10.02 15.83 17.74
N ASP B 262 9.94 16.73 16.74
CA ASP B 262 11.15 17.30 16.13
C ASP B 262 10.87 18.80 15.88
N PRO B 263 10.71 19.61 16.96
CA PRO B 263 10.31 21.01 16.73
C PRO B 263 11.37 21.93 16.14
N PHE B 264 10.88 22.96 15.38
CA PHE B 264 11.74 23.98 14.83
C PHE B 264 11.63 25.23 15.70
N ILE B 265 12.71 26.01 15.75
CA ILE B 265 12.77 27.19 16.62
C ILE B 265 13.28 28.41 15.90
N VAL B 266 12.67 29.54 16.17
CA VAL B 266 13.08 30.88 15.76
C VAL B 266 13.05 31.65 17.06
N PHE B 267 14.21 32.14 17.48
CA PHE B 267 14.27 32.88 18.74
C PHE B 267 15.32 33.94 18.68
N ASP B 268 15.06 35.07 19.32
CA ASP B 268 16.02 36.15 19.46
C ASP B 268 15.78 36.78 20.84
N GLN B 269 16.65 36.42 21.81
CA GLN B 269 16.57 36.89 23.19
C GLN B 269 16.50 38.41 23.29
N ASP B 270 17.38 39.09 22.53
CA ASP B 270 17.56 40.52 22.49
C ASP B 270 16.53 41.28 21.67
N LEU B 271 16.17 40.76 20.48
CA LEU B 271 15.31 41.48 19.55
C LEU B 271 13.81 41.10 19.58
N MET B 272 13.45 39.91 20.06
CA MET B 272 12.02 39.55 20.13
C MET B 272 11.26 40.32 21.17
N ARG B 273 10.01 40.63 20.85
CA ARG B 273 9.09 41.32 21.76
C ARG B 273 7.75 40.59 21.70
N GLY B 274 7.24 40.20 22.86
CA GLY B 274 5.94 39.56 22.98
C GLY B 274 4.83 40.59 22.76
N ILE B 275 3.76 40.19 22.06
CA ILE B 275 2.64 41.09 21.77
C ILE B 275 1.69 41.23 22.97
N SER B 276 1.84 40.36 23.98
CA SER B 276 1.04 40.39 25.22
C SER B 276 1.93 40.12 26.43
N ALA B 277 1.43 40.41 27.65
CA ALA B 277 2.14 40.16 28.90
C ALA B 277 2.54 38.68 29.07
N PRO B 278 1.63 37.67 28.85
CA PRO B 278 2.08 36.26 28.96
C PRO B 278 3.16 35.88 27.93
N ALA B 279 3.08 36.42 26.68
CA ALA B 279 4.07 36.15 25.63
C ALA B 279 5.47 36.68 26.04
N GLN B 280 5.52 37.86 26.70
CA GLN B 280 6.74 38.51 27.22
C GLN B 280 7.35 37.66 28.34
N GLU B 281 6.47 37.15 29.24
CA GLU B 281 6.84 36.26 30.36
C GLU B 281 7.42 34.96 29.78
N LEU B 282 6.78 34.42 28.75
CA LEU B 282 7.19 33.20 28.06
C LEU B 282 8.58 33.32 27.39
N GLN B 283 8.92 34.51 26.88
CA GLN B 283 10.24 34.76 26.29
C GLN B 283 11.30 34.63 27.42
N GLN B 284 10.97 35.13 28.64
CA GLN B 284 11.83 35.04 29.82
C GLN B 284 11.97 33.58 30.28
N THR B 285 10.89 32.78 30.14
CA THR B 285 10.88 31.36 30.47
C THR B 285 11.88 30.61 29.57
N VAL B 286 11.91 30.92 28.26
CA VAL B 286 12.84 30.35 27.29
C VAL B 286 14.30 30.67 27.69
N ILE B 287 14.57 31.93 28.04
CA ILE B 287 15.91 32.41 28.46
C ILE B 287 16.40 31.66 29.73
N ARG B 288 15.49 31.44 30.70
CA ARG B 288 15.79 30.72 31.95
C ARG B 288 16.13 29.26 31.67
N ALA B 289 15.35 28.60 30.79
CA ALA B 289 15.58 27.22 30.37
C ALA B 289 16.96 27.11 29.68
N TYR B 290 17.28 28.11 28.86
CA TYR B 290 18.56 28.20 28.15
C TYR B 290 19.73 28.27 29.14
N TYR B 291 19.71 29.19 30.12
CA TYR B 291 20.80 29.30 31.10
C TYR B 291 20.96 28.02 31.93
N ALA B 292 19.85 27.30 32.17
CA ALA B 292 19.85 26.08 32.96
C ALA B 292 20.28 24.83 32.18
N GLU B 293 19.97 24.75 30.86
CA GLU B 293 20.22 23.55 30.07
C GLU B 293 21.24 23.64 28.94
N ARG B 294 21.70 24.85 28.56
CA ARG B 294 22.64 25.02 27.45
C ARG B 294 23.90 24.19 27.58
N VAL B 295 24.38 23.67 26.45
CA VAL B 295 25.63 22.93 26.44
C VAL B 295 26.69 23.92 25.98
N SER B 296 27.92 23.77 26.48
CA SER B 296 29.00 24.65 26.07
C SER B 296 30.13 23.88 25.44
N HIS B 297 30.84 24.56 24.55
CA HIS B 297 32.02 24.01 23.90
C HIS B 297 32.97 25.13 23.59
N CYS B 298 34.24 24.91 23.85
CA CYS B 298 35.27 25.89 23.52
C CYS B 298 35.90 25.45 22.23
N LEU B 299 35.58 26.16 21.13
CA LEU B 299 36.14 25.84 19.82
C LEU B 299 37.67 25.99 19.84
N ALA B 300 38.36 24.95 19.34
CA ALA B 300 39.81 24.86 19.28
C ALA B 300 40.29 24.69 17.83
N PRO B 301 41.54 25.07 17.46
CA PRO B 301 41.98 24.90 16.06
C PRO B 301 41.77 23.47 15.53
N GLY B 302 41.44 23.40 14.25
CA GLY B 302 41.15 22.14 13.59
C GLY B 302 39.72 21.66 13.79
N GLU B 303 38.90 22.40 14.56
CA GLU B 303 37.51 22.01 14.76
C GLU B 303 36.59 22.79 13.86
N MET B 304 35.45 22.18 13.53
CA MET B 304 34.42 22.76 12.74
C MET B 304 33.09 22.45 13.39
N LEU B 305 32.24 23.46 13.56
CA LEU B 305 30.92 23.27 14.14
C LEU B 305 29.84 23.62 13.12
N LEU B 306 28.92 22.67 12.91
CA LEU B 306 27.76 22.87 12.07
C LEU B 306 26.56 22.99 13.00
N ILE B 307 25.83 24.12 12.91
CA ILE B 307 24.66 24.35 13.73
C ILE B 307 23.44 24.22 12.84
N ASP B 308 22.47 23.37 13.21
CA ASP B 308 21.21 23.28 12.49
C ASP B 308 20.39 24.48 12.97
N ASN B 309 20.30 25.50 12.12
CA ASN B 309 19.64 26.76 12.41
C ASN B 309 18.10 26.67 12.52
N ARG B 310 17.49 25.49 12.24
CA ARG B 310 16.03 25.25 12.40
C ARG B 310 15.79 24.53 13.75
N ARG B 311 16.80 23.78 14.26
CA ARG B 311 16.66 22.94 15.44
C ARG B 311 17.41 23.40 16.71
N ALA B 312 18.27 24.39 16.58
CA ALA B 312 19.05 24.88 17.72
C ALA B 312 19.30 26.35 17.64
N VAL B 313 19.48 26.95 18.80
CA VAL B 313 19.80 28.35 19.01
C VAL B 313 21.17 28.40 19.66
N HIS B 314 21.89 29.50 19.45
CA HIS B 314 23.24 29.59 19.95
C HIS B 314 23.57 30.95 20.60
N GLY B 315 24.65 30.93 21.36
CA GLY B 315 25.17 32.09 22.07
C GLY B 315 26.67 31.98 22.22
N ARG B 316 27.29 33.02 22.79
CA ARG B 316 28.74 33.06 22.99
C ARG B 316 29.08 33.84 24.24
N SER B 317 29.94 33.26 25.10
CA SER B 317 30.36 33.86 26.35
C SER B 317 31.26 35.07 26.15
N ILE B 318 31.47 35.82 27.25
CA ILE B 318 32.41 36.95 27.31
C ILE B 318 33.81 36.31 27.28
N PHE B 319 34.74 36.95 26.57
CA PHE B 319 36.16 36.59 26.57
C PHE B 319 36.97 37.89 26.63
N ALA B 320 38.28 37.81 26.86
CA ALA B 320 39.14 39.00 27.00
C ALA B 320 40.23 39.06 25.92
N PRO B 321 39.90 39.55 24.68
CA PRO B 321 40.91 39.60 23.62
C PRO B 321 42.05 40.55 23.91
N ARG B 322 43.21 40.28 23.31
CA ARG B 322 44.42 41.06 23.49
C ARG B 322 44.70 42.04 22.35
N PHE B 323 44.13 41.79 21.15
CA PHE B 323 44.32 42.56 19.92
C PHE B 323 45.82 42.65 19.56
N ASP B 324 46.49 41.49 19.66
CA ASP B 324 47.92 41.31 19.41
C ASP B 324 48.18 40.48 18.13
N GLY B 325 47.09 40.11 17.44
CA GLY B 325 47.15 39.32 16.21
C GLY B 325 47.10 37.82 16.41
N ALA B 326 46.90 37.36 17.67
CA ALA B 326 46.78 35.94 18.04
C ALA B 326 45.42 35.61 18.67
N ASP B 327 44.46 36.54 18.55
CA ASP B 327 43.11 36.38 19.09
C ASP B 327 42.30 35.34 18.37
N ARG B 328 41.17 34.95 18.99
CA ARG B 328 40.21 33.99 18.46
C ARG B 328 39.84 34.41 17.02
N PHE B 329 39.80 33.42 16.13
CA PHE B 329 39.56 33.62 14.71
C PHE B 329 38.77 32.43 14.17
N LEU B 330 37.51 32.68 13.78
CA LEU B 330 36.68 31.64 13.16
C LEU B 330 36.39 32.04 11.75
N SER B 331 36.12 31.06 10.89
CA SER B 331 35.67 31.26 9.52
C SER B 331 34.20 30.85 9.53
N ARG B 332 33.30 31.81 9.32
CA ARG B 332 31.87 31.53 9.26
C ARG B 332 31.34 31.49 7.85
N SER B 333 30.49 30.50 7.58
CA SER B 333 29.77 30.38 6.32
C SER B 333 28.35 29.88 6.59
N PHE B 334 27.48 30.04 5.59
CA PHE B 334 26.08 29.70 5.69
C PHE B 334 25.69 28.68 4.65
N ILE B 335 24.77 27.79 5.04
CA ILE B 335 24.30 26.71 4.17
C ILE B 335 22.79 26.72 4.12
N VAL B 336 22.24 26.48 2.92
CA VAL B 336 20.81 26.34 2.65
C VAL B 336 20.57 25.03 1.87
N ALA B 337 19.47 24.35 2.12
CA ALA B 337 19.20 23.11 1.41
C ALA B 337 18.77 23.41 -0.01
N ASP B 338 17.95 24.47 -0.17
CA ASP B 338 17.35 24.86 -1.44
C ASP B 338 17.75 26.27 -1.87
N GLY B 339 18.61 26.33 -2.90
CA GLY B 339 19.08 27.55 -3.54
C GLY B 339 17.99 28.31 -4.30
N SER B 340 16.90 27.61 -4.75
CA SER B 340 15.79 28.25 -5.46
C SER B 340 14.96 29.20 -4.58
N ARG B 341 14.93 28.98 -3.27
CA ARG B 341 14.18 29.84 -2.34
C ARG B 341 14.73 31.28 -2.32
N SER B 342 16.02 31.46 -2.61
CA SER B 342 16.65 32.77 -2.64
C SER B 342 16.91 33.28 -4.07
N ARG B 343 16.52 32.51 -5.12
CA ARG B 343 16.79 32.89 -6.51
C ARG B 343 16.30 34.32 -6.86
N HIS B 344 15.13 34.72 -6.35
CA HIS B 344 14.54 36.05 -6.57
C HIS B 344 15.44 37.19 -6.00
N ALA B 345 16.27 36.84 -5.00
CA ALA B 345 17.15 37.72 -4.24
C ALA B 345 18.59 37.69 -4.75
N ARG B 346 18.90 36.79 -5.70
CA ARG B 346 20.26 36.61 -6.20
C ARG B 346 20.36 36.95 -7.65
N SER B 347 21.60 37.00 -8.17
CA SER B 347 21.79 37.15 -9.60
C SER B 347 22.03 35.71 -10.11
N SER B 348 21.87 35.51 -11.42
CA SER B 348 22.10 34.23 -12.08
C SER B 348 23.56 33.81 -11.79
N PHE B 349 23.77 32.56 -11.35
CA PHE B 349 25.08 31.98 -10.99
C PHE B 349 25.74 32.78 -9.87
N GLY B 350 24.92 33.33 -8.99
CA GLY B 350 25.38 34.14 -7.86
C GLY B 350 25.04 33.46 -6.55
N ARG B 351 25.88 33.67 -5.54
CA ARG B 351 25.69 33.07 -4.22
C ARG B 351 25.29 34.09 -3.17
N VAL B 352 25.13 35.37 -3.56
CA VAL B 352 24.86 36.48 -2.63
C VAL B 352 23.39 36.94 -2.65
N VAL B 353 22.72 36.89 -1.48
CA VAL B 353 21.34 37.41 -1.38
C VAL B 353 21.47 38.95 -1.19
N SER B 354 20.82 39.72 -2.10
CA SER B 354 20.83 41.19 -2.04
C SER B 354 20.18 41.66 -0.73
N ALA B 355 20.79 42.66 -0.09
CA ALA B 355 20.42 43.23 1.20
C ALA B 355 18.91 43.47 1.40
N ARG B 356 18.23 44.12 0.43
CA ARG B 356 16.82 44.46 0.52
C ARG B 356 15.88 43.27 0.70
N PHE B 357 16.33 42.06 0.30
CA PHE B 357 15.54 40.84 0.39
C PHE B 357 15.65 40.11 1.73
N SER B 358 16.60 40.52 2.59
CA SER B 358 16.77 39.92 3.90
C SER B 358 15.61 40.32 4.85
N PRO C 33 -6.10 -33.09 29.81
CA PRO C 33 -6.09 -31.95 28.86
C PRO C 33 -7.30 -31.03 28.97
N GLU C 34 -7.32 -29.96 28.15
CA GLU C 34 -8.36 -28.91 28.13
C GLU C 34 -9.33 -28.99 26.94
N VAL C 35 -8.90 -29.56 25.80
CA VAL C 35 -9.70 -29.76 24.58
C VAL C 35 -10.84 -30.77 24.84
N SER C 36 -12.08 -30.44 24.39
CA SER C 36 -13.29 -31.26 24.55
C SER C 36 -13.87 -31.78 23.22
N ALA C 37 -13.84 -30.94 22.15
CA ALA C 37 -14.32 -31.29 20.78
C ALA C 37 -13.34 -32.30 20.18
N ILE C 38 -13.54 -33.56 20.53
CA ILE C 38 -12.63 -34.64 20.15
C ILE C 38 -13.33 -35.72 19.32
N LEU C 39 -12.65 -36.17 18.25
CA LEU C 39 -13.08 -37.29 17.45
C LEU C 39 -12.04 -38.39 17.67
N VAL C 40 -12.47 -39.53 18.23
CA VAL C 40 -11.58 -40.67 18.48
C VAL C 40 -11.90 -41.76 17.46
N LEU C 41 -10.90 -42.07 16.62
CA LEU C 41 -11.06 -43.11 15.60
C LEU C 41 -10.92 -44.48 16.26
N THR C 42 -11.83 -45.41 15.94
CA THR C 42 -11.72 -46.77 16.45
C THR C 42 -10.64 -47.48 15.62
N SER C 43 -10.19 -48.65 16.07
CA SER C 43 -9.19 -49.48 15.41
C SER C 43 -9.63 -49.79 13.95
N SER C 44 -10.93 -50.12 13.76
CA SER C 44 -11.57 -50.42 12.47
C SER C 44 -11.61 -49.17 11.56
N GLU C 45 -11.94 -48.00 12.16
CA GLU C 45 -11.98 -46.73 11.42
C GLU C 45 -10.60 -46.32 10.95
N ALA C 46 -9.57 -46.47 11.82
CA ALA C 46 -8.16 -46.19 11.48
C ALA C 46 -7.68 -47.13 10.35
N SER C 47 -8.10 -48.42 10.38
CA SER C 47 -7.77 -49.41 9.34
C SER C 47 -8.38 -49.02 7.99
N THR C 48 -9.63 -48.52 8.00
CA THR C 48 -10.31 -48.03 6.79
C THR C 48 -9.53 -46.84 6.22
N LEU C 49 -9.13 -45.88 7.09
CA LEU C 49 -8.36 -44.70 6.70
C LEU C 49 -7.05 -45.12 6.00
N GLU C 50 -6.35 -46.12 6.59
CA GLU C 50 -5.11 -46.69 6.09
C GLU C 50 -5.30 -47.32 4.70
N ARG C 51 -6.38 -48.09 4.51
CA ARG C 51 -6.69 -48.73 3.23
C ARG C 51 -7.09 -47.69 2.17
N VAL C 52 -7.94 -46.72 2.54
CA VAL C 52 -8.41 -45.64 1.66
C VAL C 52 -7.23 -44.75 1.15
N ALA C 53 -6.20 -44.54 2.00
CA ALA C 53 -4.99 -43.76 1.65
C ALA C 53 -4.24 -44.29 0.41
N ASP C 54 -4.35 -45.61 0.14
CA ASP C 54 -3.75 -46.27 -1.03
C ASP C 54 -4.36 -45.76 -2.35
N LEU C 55 -5.55 -45.16 -2.29
CA LEU C 55 -6.23 -44.58 -3.47
C LEU C 55 -5.66 -43.21 -3.82
N VAL C 56 -4.81 -42.66 -2.95
CA VAL C 56 -4.17 -41.36 -3.16
C VAL C 56 -2.72 -41.65 -3.57
N THR C 57 -2.46 -41.63 -4.89
CA THR C 57 -1.18 -42.03 -5.47
C THR C 57 -0.36 -40.90 -6.09
N ALA C 58 -0.99 -39.77 -6.46
CA ALA C 58 -0.26 -38.64 -7.07
C ALA C 58 0.76 -38.00 -6.07
N HIS C 59 1.86 -37.40 -6.60
CA HIS C 59 2.90 -36.75 -5.80
C HIS C 59 2.33 -35.48 -5.13
N ALA C 60 2.29 -35.43 -3.77
CA ALA C 60 1.72 -34.32 -3.01
C ALA C 60 2.33 -32.98 -3.37
N LEU C 61 3.64 -32.94 -3.66
CA LEU C 61 4.34 -31.72 -4.01
C LEU C 61 4.34 -31.38 -5.48
N TYR C 62 4.63 -32.36 -6.34
CA TYR C 62 4.86 -32.13 -7.77
C TYR C 62 3.61 -32.30 -8.62
N ALA C 63 2.53 -32.85 -8.05
CA ALA C 63 1.23 -33.00 -8.70
C ALA C 63 0.17 -32.73 -7.61
N ALA C 64 0.28 -31.54 -6.97
CA ALA C 64 -0.56 -31.14 -5.84
C ALA C 64 -2.07 -31.17 -6.14
N HIS C 65 -2.49 -30.60 -7.28
CA HIS C 65 -3.91 -30.61 -7.64
C HIS C 65 -4.45 -32.03 -7.80
N ASP C 66 -3.73 -32.92 -8.52
CA ASP C 66 -4.14 -34.32 -8.73
C ASP C 66 -4.20 -35.07 -7.41
N PHE C 67 -3.23 -34.83 -6.54
CA PHE C 67 -3.16 -35.42 -5.20
C PHE C 67 -4.40 -35.05 -4.37
N CYS C 68 -4.71 -33.75 -4.28
CA CYS C 68 -5.86 -33.22 -3.53
C CYS C 68 -7.18 -33.67 -4.12
N ALA C 69 -7.29 -33.69 -5.48
CA ALA C 69 -8.51 -34.17 -6.17
C ALA C 69 -8.73 -35.67 -5.87
N GLN C 70 -7.64 -36.45 -5.81
CA GLN C 70 -7.69 -37.88 -5.47
C GLN C 70 -8.14 -38.07 -4.03
N ALA C 71 -7.64 -37.23 -3.10
CA ALA C 71 -8.05 -37.33 -1.69
C ALA C 71 -9.54 -37.00 -1.56
N GLN C 72 -10.01 -35.94 -2.27
CA GLN C 72 -11.41 -35.52 -2.22
C GLN C 72 -12.33 -36.64 -2.66
N LEU C 73 -11.96 -37.34 -3.76
CA LEU C 73 -12.75 -38.46 -4.27
C LEU C 73 -12.69 -39.67 -3.32
N ALA C 74 -11.48 -40.05 -2.87
CA ALA C 74 -11.25 -41.18 -1.96
C ALA C 74 -11.94 -40.97 -0.59
N ALA C 75 -12.12 -39.70 -0.16
CA ALA C 75 -12.77 -39.36 1.13
C ALA C 75 -14.19 -39.92 1.24
N ALA C 76 -14.82 -40.21 0.08
CA ALA C 76 -16.15 -40.84 0.00
C ALA C 76 -16.12 -42.26 0.60
N GLU C 77 -14.93 -42.90 0.62
CA GLU C 77 -14.75 -44.26 1.13
C GLU C 77 -14.42 -44.30 2.66
N LEU C 78 -14.35 -43.14 3.33
CA LEU C 78 -14.08 -43.07 4.76
C LEU C 78 -15.31 -43.52 5.59
N PRO C 79 -15.15 -43.98 6.87
CA PRO C 79 -16.34 -44.38 7.66
C PRO C 79 -17.34 -43.22 7.76
N SER C 80 -18.64 -43.50 7.54
CA SER C 80 -19.68 -42.46 7.54
C SER C 80 -19.77 -41.64 8.85
N ARG C 81 -19.47 -42.25 10.02
CA ARG C 81 -19.49 -41.56 11.30
C ARG C 81 -18.43 -40.44 11.33
N VAL C 82 -17.25 -40.71 10.77
CA VAL C 82 -16.11 -39.79 10.67
C VAL C 82 -16.47 -38.65 9.67
N VAL C 83 -16.94 -39.01 8.47
CA VAL C 83 -17.37 -38.06 7.44
C VAL C 83 -18.45 -37.13 8.01
N ALA C 84 -19.48 -37.68 8.71
CA ALA C 84 -20.56 -36.88 9.33
C ALA C 84 -20.00 -35.82 10.28
N ARG C 85 -19.09 -36.23 11.17
CA ARG C 85 -18.45 -35.33 12.13
C ARG C 85 -17.67 -34.21 11.46
N LEU C 86 -16.90 -34.53 10.40
CA LEU C 86 -16.09 -33.56 9.65
C LEU C 86 -16.94 -32.56 8.86
N GLN C 87 -18.04 -33.02 8.26
CA GLN C 87 -19.01 -32.19 7.53
C GLN C 87 -19.73 -31.24 8.51
N GLU C 88 -20.01 -31.73 9.72
CA GLU C 88 -20.67 -30.93 10.75
C GLU C 88 -19.71 -29.82 11.20
N PHE C 89 -18.47 -30.17 11.43
CA PHE C 89 -17.41 -29.22 11.80
C PHE C 89 -17.19 -28.20 10.66
N ALA C 90 -17.10 -28.68 9.40
CA ALA C 90 -16.92 -27.84 8.22
C ALA C 90 -18.05 -26.80 8.08
N TRP C 91 -19.34 -27.20 8.31
CA TRP C 91 -20.50 -26.30 8.22
C TRP C 91 -20.28 -25.10 9.16
N GLY C 92 -19.71 -25.40 10.33
CA GLY C 92 -19.22 -24.41 11.29
C GLY C 92 -20.13 -23.95 12.39
N ASP C 93 -21.46 -23.97 12.16
CA ASP C 93 -22.42 -23.48 13.15
C ASP C 93 -22.22 -24.11 14.49
N MET C 94 -21.91 -23.24 15.46
CA MET C 94 -21.68 -23.52 16.88
C MET C 94 -20.59 -24.57 17.13
N ASN C 95 -19.64 -24.73 16.16
CA ASN C 95 -18.50 -25.63 16.34
C ASN C 95 -17.61 -24.98 17.44
N GLU C 96 -16.77 -25.75 18.09
CA GLU C 96 -15.93 -25.26 19.19
C GLU C 96 -14.69 -24.43 18.76
N GLY C 97 -14.55 -24.17 17.45
CA GLY C 97 -13.39 -23.45 16.93
C GLY C 97 -12.28 -24.42 16.52
N HIS C 98 -12.39 -25.71 16.92
CA HIS C 98 -11.40 -26.73 16.60
C HIS C 98 -11.96 -28.11 16.70
N LEU C 99 -11.28 -29.05 16.04
CA LEU C 99 -11.60 -30.45 16.16
C LEU C 99 -10.30 -31.23 16.33
N LEU C 100 -10.18 -31.96 17.44
CA LEU C 100 -8.99 -32.79 17.68
C LEU C 100 -9.36 -34.20 17.33
N ILE C 101 -8.55 -34.83 16.48
CA ILE C 101 -8.74 -36.20 16.02
C ILE C 101 -7.62 -37.09 16.62
N LYS C 102 -8.03 -38.18 17.25
CA LYS C 102 -7.13 -39.17 17.87
C LYS C 102 -7.31 -40.51 17.17
N GLY C 103 -6.28 -41.32 17.19
CA GLY C 103 -6.36 -42.67 16.65
C GLY C 103 -6.02 -42.82 15.18
N LEU C 104 -5.30 -41.85 14.61
CA LEU C 104 -4.87 -41.97 13.22
C LEU C 104 -3.83 -43.10 13.11
N PRO C 105 -3.72 -43.79 11.95
CA PRO C 105 -2.73 -44.87 11.84
C PRO C 105 -1.33 -44.37 12.13
N GLN C 106 -0.60 -45.15 12.93
CA GLN C 106 0.78 -44.89 13.35
C GLN C 106 1.68 -45.03 12.13
N VAL C 107 2.46 -43.96 11.85
CA VAL C 107 3.35 -43.90 10.68
C VAL C 107 4.63 -44.69 10.92
N ARG C 108 4.95 -45.56 9.95
CA ARG C 108 6.15 -46.39 9.89
C ARG C 108 7.26 -45.60 9.20
N SER C 109 8.51 -45.88 9.59
CA SER C 109 9.73 -45.28 9.05
C SER C 109 9.67 -43.74 8.98
N LEU C 110 9.54 -43.08 10.17
CA LEU C 110 9.55 -41.63 10.20
C LEU C 110 11.01 -41.16 10.09
N PRO C 111 11.37 -40.36 9.05
CA PRO C 111 12.76 -39.87 8.96
C PRO C 111 13.09 -38.89 10.09
N PRO C 112 14.39 -38.58 10.36
CA PRO C 112 14.69 -37.62 11.44
C PRO C 112 13.99 -36.29 11.21
N THR C 113 13.69 -35.58 12.31
CA THR C 113 13.05 -34.27 12.26
C THR C 113 13.99 -33.32 11.54
N PRO C 114 13.57 -32.74 10.38
CA PRO C 114 14.48 -31.80 9.69
C PRO C 114 14.78 -30.59 10.57
N THR C 115 16.06 -30.16 10.56
CA THR C 115 16.54 -29.02 11.36
C THR C 115 16.06 -27.68 10.78
N SER C 116 15.47 -27.71 9.59
CA SER C 116 14.90 -26.59 8.87
C SER C 116 13.62 -27.12 8.18
N ASN C 117 12.72 -26.25 7.71
CA ASN C 117 11.51 -26.69 7.04
C ASN C 117 11.79 -27.27 5.63
N VAL C 118 12.46 -26.47 4.76
CA VAL C 118 12.83 -26.63 3.34
C VAL C 118 12.71 -28.06 2.74
N HIS C 119 13.20 -29.10 3.44
CA HIS C 119 13.19 -30.52 3.05
C HIS C 119 11.81 -31.11 2.66
N ALA C 120 10.71 -30.54 3.20
CA ALA C 120 9.32 -31.00 2.99
C ALA C 120 9.20 -32.52 3.22
N VAL C 121 9.72 -32.98 4.39
CA VAL C 121 9.77 -34.39 4.81
C VAL C 121 8.36 -34.94 5.08
N ALA C 122 7.47 -34.13 5.71
CA ALA C 122 6.09 -34.53 6.02
C ALA C 122 5.31 -34.93 4.78
N ALA C 123 5.51 -34.20 3.66
CA ALA C 123 4.78 -34.40 2.41
C ALA C 123 5.05 -35.76 1.71
N THR C 124 6.05 -36.51 2.18
CA THR C 124 6.46 -37.82 1.64
C THR C 124 5.91 -38.99 2.46
N THR C 125 5.48 -38.74 3.71
CA THR C 125 5.05 -39.76 4.69
C THR C 125 3.62 -40.29 4.48
N PRO C 126 3.25 -41.49 5.03
CA PRO C 126 1.84 -41.94 4.94
C PRO C 126 0.84 -41.04 5.67
N MET C 127 1.30 -40.30 6.69
CA MET C 127 0.49 -39.34 7.47
C MET C 127 -0.09 -38.25 6.58
N SER C 128 0.68 -37.76 5.58
CA SER C 128 0.27 -36.77 4.57
C SER C 128 -1.02 -37.22 3.81
N ARG C 129 -1.13 -38.52 3.51
CA ARG C 129 -2.30 -39.07 2.81
C ARG C 129 -3.45 -39.17 3.76
N TYR C 130 -3.19 -39.61 5.01
CA TYR C 130 -4.22 -39.67 6.05
C TYR C 130 -4.78 -38.26 6.31
N GLN C 131 -3.88 -37.25 6.33
CA GLN C 131 -4.19 -35.84 6.57
C GLN C 131 -4.96 -35.27 5.41
N ALA C 132 -4.58 -35.59 4.16
CA ALA C 132 -5.27 -35.09 2.96
C ALA C 132 -6.70 -35.62 2.90
N LEU C 133 -6.92 -36.89 3.26
CA LEU C 133 -8.23 -37.53 3.27
C LEU C 133 -9.19 -36.85 4.22
N ILE C 134 -8.73 -36.55 5.46
CA ILE C 134 -9.52 -35.86 6.45
C ILE C 134 -9.74 -34.41 6.00
N ASN C 135 -8.66 -33.73 5.53
CA ASN C 135 -8.73 -32.35 5.02
C ASN C 135 -9.77 -32.20 3.93
N GLU C 136 -9.74 -33.09 2.93
CA GLU C 136 -10.60 -32.99 1.76
C GLU C 136 -12.07 -33.33 2.06
N CYS C 137 -12.35 -33.87 3.26
N CYS C 137 -12.34 -33.85 3.25
CA CYS C 137 -13.70 -34.09 3.76
CA CYS C 137 -13.68 -34.13 3.74
C CYS C 137 -14.23 -32.72 4.13
C CYS C 137 -14.26 -32.83 4.36
N VAL C 138 -13.37 -31.93 4.82
CA VAL C 138 -13.70 -30.63 5.36
C VAL C 138 -13.81 -29.57 4.24
N GLY C 139 -12.82 -29.51 3.35
CA GLY C 139 -12.80 -28.55 2.26
C GLY C 139 -11.65 -28.78 1.31
N ARG C 140 -11.32 -27.75 0.50
CA ARG C 140 -10.25 -27.83 -0.50
C ARG C 140 -8.90 -27.43 0.07
N MET C 141 -7.90 -28.29 -0.12
CA MET C 141 -6.54 -27.98 0.28
C MET C 141 -5.96 -26.90 -0.62
N ILE C 142 -5.18 -26.01 -0.02
CA ILE C 142 -4.57 -24.88 -0.71
C ILE C 142 -3.19 -24.63 -0.11
N ALA C 143 -2.31 -24.01 -0.88
CA ALA C 143 -0.97 -23.65 -0.39
C ALA C 143 -0.67 -22.21 -0.83
N TYR C 144 0.31 -21.60 -0.19
CA TYR C 144 0.72 -20.20 -0.44
C TYR C 144 2.17 -20.18 -0.76
N GLU C 145 2.51 -19.62 -1.92
CA GLU C 145 3.90 -19.47 -2.39
C GLU C 145 4.76 -18.76 -1.34
N ALA C 146 4.21 -17.75 -0.65
CA ALA C 146 4.94 -16.96 0.36
C ALA C 146 5.09 -17.67 1.73
N GLU C 147 4.40 -18.82 1.94
CA GLU C 147 4.48 -19.58 3.19
C GLU C 147 5.01 -21.01 2.89
N GLY C 148 6.22 -21.28 3.39
CA GLY C 148 6.87 -22.59 3.24
C GLY C 148 7.01 -23.02 1.79
N HIS C 149 7.37 -22.08 0.90
CA HIS C 149 7.62 -22.29 -0.54
C HIS C 149 6.45 -22.91 -1.30
N GLY C 150 5.24 -22.73 -0.80
CA GLY C 150 4.03 -23.28 -1.41
C GLY C 150 3.93 -24.78 -1.29
N HIS C 151 4.69 -25.41 -0.37
CA HIS C 151 4.63 -26.86 -0.17
C HIS C 151 3.26 -27.24 0.31
N THR C 152 2.68 -28.31 -0.27
CA THR C 152 1.34 -28.82 0.06
C THR C 152 1.22 -29.08 1.55
N PHE C 153 2.26 -29.64 2.14
CA PHE C 153 2.40 -29.88 3.58
C PHE C 153 3.70 -29.21 3.95
N GLN C 154 3.67 -28.41 5.01
CA GLN C 154 4.83 -27.66 5.51
C GLN C 154 5.32 -28.31 6.81
N ASP C 155 6.65 -28.47 6.96
CA ASP C 155 7.28 -29.08 8.13
C ASP C 155 7.31 -28.06 9.26
N MET C 156 6.63 -28.37 10.37
CA MET C 156 6.54 -27.50 11.54
C MET C 156 7.49 -28.04 12.53
N VAL C 157 8.72 -27.55 12.40
CA VAL C 157 9.91 -28.01 13.10
C VAL C 157 10.64 -26.85 13.77
N PRO C 158 11.24 -27.06 14.94
CA PRO C 158 11.95 -25.93 15.55
C PRO C 158 13.23 -25.59 14.77
N SER C 159 13.45 -24.30 14.48
CA SER C 159 14.66 -23.81 13.80
C SER C 159 15.59 -23.22 14.83
N ALA C 160 16.91 -23.45 14.68
CA ALA C 160 17.92 -22.91 15.58
C ALA C 160 18.00 -21.39 15.41
N MET C 161 18.00 -20.92 14.14
CA MET C 161 18.05 -19.50 13.80
C MET C 161 16.83 -18.71 14.25
N SER C 162 15.63 -19.20 13.96
CA SER C 162 14.41 -18.50 14.28
C SER C 162 13.75 -18.97 15.60
N ALA C 163 14.56 -19.52 16.54
CA ALA C 163 14.08 -20.00 17.85
C ALA C 163 13.38 -18.91 18.69
N HIS C 164 13.85 -17.65 18.55
CA HIS C 164 13.33 -16.47 19.25
C HIS C 164 12.37 -15.63 18.37
N SER C 165 11.94 -16.18 17.21
CA SER C 165 11.07 -15.50 16.25
C SER C 165 9.60 -15.79 16.47
N GLN C 166 8.75 -14.94 15.88
CA GLN C 166 7.31 -15.13 15.89
C GLN C 166 6.91 -15.89 14.62
N THR C 167 7.40 -17.14 14.52
CA THR C 167 7.12 -18.07 13.41
C THR C 167 6.84 -19.47 13.96
N SER C 168 6.23 -20.34 13.11
CA SER C 168 5.93 -21.75 13.36
C SER C 168 7.24 -22.57 13.60
N LEU C 169 8.39 -21.95 13.30
CA LEU C 169 9.71 -22.54 13.49
C LEU C 169 10.36 -22.11 14.83
N GLY C 170 9.73 -21.18 15.55
CA GLY C 170 10.22 -20.71 16.84
C GLY C 170 10.10 -21.76 17.94
N SER C 171 10.65 -21.49 19.14
CA SER C 171 10.60 -22.41 20.30
C SER C 171 10.95 -21.77 21.63
N ALA C 172 12.05 -20.99 21.70
CA ALA C 172 12.53 -20.34 22.92
C ALA C 172 11.55 -19.28 23.40
N VAL C 173 10.81 -18.68 22.47
CA VAL C 173 9.81 -17.68 22.80
C VAL C 173 8.44 -18.27 22.51
N GLU C 174 7.43 -17.77 23.22
CA GLU C 174 6.03 -18.19 23.03
C GLU C 174 5.52 -17.59 21.72
N LEU C 175 4.93 -18.41 20.88
CA LEU C 175 4.29 -17.95 19.65
C LEU C 175 2.98 -17.28 20.09
N GLU C 176 2.92 -15.97 19.88
CA GLU C 176 1.82 -15.15 20.31
C GLU C 176 0.50 -15.44 19.58
N LEU C 177 -0.61 -15.03 20.20
CA LEU C 177 -1.98 -15.23 19.72
C LEU C 177 -2.20 -14.71 18.31
N HIS C 178 -2.75 -15.57 17.43
CA HIS C 178 -2.99 -15.14 16.07
C HIS C 178 -4.00 -15.96 15.34
N THR C 179 -4.62 -15.29 14.38
CA THR C 179 -5.41 -15.82 13.29
C THR C 179 -4.28 -16.18 12.29
N GLU C 180 -4.41 -17.28 11.55
CA GLU C 180 -3.44 -17.63 10.53
C GLU C 180 -3.62 -16.63 9.39
N GLN C 181 -2.53 -15.94 8.98
CA GLN C 181 -2.55 -14.90 7.94
C GLN C 181 -3.64 -13.84 8.21
N ALA C 182 -3.62 -13.25 9.43
CA ALA C 182 -4.56 -12.19 9.85
C ALA C 182 -4.58 -11.01 8.85
N PHE C 183 -3.44 -10.75 8.21
CA PHE C 183 -3.26 -9.65 7.26
C PHE C 183 -3.91 -9.93 5.88
N SER C 184 -4.18 -11.19 5.58
CA SER C 184 -4.61 -11.60 4.24
C SER C 184 -6.09 -11.90 4.04
N PRO C 185 -6.76 -11.26 3.05
CA PRO C 185 -8.15 -11.65 2.74
C PRO C 185 -8.21 -13.07 2.16
N LEU C 186 -7.06 -13.63 1.73
CA LEU C 186 -7.00 -15.00 1.20
C LEU C 186 -6.55 -16.03 2.24
N ARG C 187 -6.55 -15.64 3.51
CA ARG C 187 -6.20 -16.50 4.64
C ARG C 187 -7.01 -17.81 4.62
N PRO C 188 -6.44 -18.94 5.11
CA PRO C 188 -7.22 -20.18 5.06
C PRO C 188 -8.45 -20.19 5.97
N ASP C 189 -9.44 -21.01 5.65
CA ASP C 189 -10.63 -21.19 6.50
C ASP C 189 -10.27 -22.14 7.64
N PHE C 190 -9.37 -23.10 7.39
CA PHE C 190 -8.91 -24.04 8.42
C PHE C 190 -7.41 -24.25 8.34
N VAL C 191 -6.82 -24.48 9.49
CA VAL C 191 -5.42 -24.87 9.62
C VAL C 191 -5.49 -26.34 10.07
N SER C 192 -4.69 -27.21 9.42
CA SER C 192 -4.65 -28.65 9.68
C SER C 192 -3.24 -29.02 10.18
N LEU C 193 -3.15 -29.56 11.38
CA LEU C 193 -1.87 -29.94 11.97
C LEU C 193 -1.86 -31.42 12.35
N ALA C 194 -1.04 -32.21 11.66
CA ALA C 194 -0.90 -33.63 11.97
C ALA C 194 0.42 -33.82 12.69
N CYS C 195 0.37 -34.46 13.87
CA CYS C 195 1.56 -34.67 14.66
C CYS C 195 2.33 -35.94 14.25
N LEU C 196 3.61 -35.75 13.86
CA LEU C 196 4.55 -36.83 13.49
C LEU C 196 5.39 -37.18 14.71
N ARG C 197 5.91 -36.15 15.40
CA ARG C 197 6.64 -36.23 16.67
C ARG C 197 6.15 -35.09 17.49
N GLY C 198 5.86 -35.35 18.76
CA GLY C 198 5.42 -34.31 19.68
C GLY C 198 6.57 -33.93 20.59
N ASP C 199 6.32 -32.99 21.51
CA ASP C 199 7.27 -32.62 22.56
C ASP C 199 6.38 -32.38 23.78
N PRO C 200 6.64 -33.08 24.93
CA PRO C 200 5.78 -32.91 26.13
C PRO C 200 5.61 -31.47 26.64
N ARG C 201 6.61 -30.62 26.38
CA ARG C 201 6.62 -29.22 26.82
C ARG C 201 5.94 -28.28 25.83
N ALA C 202 5.67 -28.77 24.61
CA ALA C 202 5.07 -27.94 23.58
C ALA C 202 3.56 -28.06 23.54
N LEU C 203 2.91 -27.05 24.11
CA LEU C 203 1.46 -26.96 24.16
C LEU C 203 0.93 -26.07 23.06
N THR C 204 -0.17 -26.48 22.47
CA THR C 204 -0.90 -25.71 21.50
C THR C 204 -1.99 -25.01 22.30
N TYR C 205 -2.15 -23.71 22.11
CA TYR C 205 -3.20 -22.96 22.81
C TYR C 205 -4.28 -22.60 21.84
N LEU C 206 -5.55 -22.76 22.28
CA LEU C 206 -6.73 -22.45 21.47
C LEU C 206 -7.65 -21.54 22.26
N PHE C 207 -8.20 -20.55 21.58
CA PHE C 207 -9.08 -19.57 22.22
C PHE C 207 -10.09 -19.14 21.19
N SER C 208 -11.38 -19.35 21.46
CA SER C 208 -12.38 -19.07 20.45
C SER C 208 -12.97 -17.69 20.54
N ALA C 209 -13.54 -17.19 19.41
CA ALA C 209 -14.24 -15.89 19.37
C ALA C 209 -15.43 -15.93 20.36
N ARG C 210 -16.12 -17.09 20.49
CA ARG C 210 -17.20 -17.24 21.49
C ARG C 210 -16.67 -17.12 22.92
N GLN C 211 -15.48 -17.71 23.21
CA GLN C 211 -14.90 -17.60 24.57
C GLN C 211 -14.58 -16.13 24.87
N LEU C 212 -14.04 -15.42 23.88
CA LEU C 212 -13.70 -14.01 24.00
C LEU C 212 -14.94 -13.16 24.34
N VAL C 213 -16.00 -13.25 23.50
CA VAL C 213 -17.23 -12.47 23.63
C VAL C 213 -17.90 -12.69 25.00
N ALA C 214 -17.79 -13.91 25.57
CA ALA C 214 -18.36 -14.24 26.90
C ALA C 214 -17.72 -13.47 28.07
N THR C 215 -16.50 -12.92 27.87
CA THR C 215 -15.75 -12.18 28.90
C THR C 215 -15.89 -10.66 28.76
N LEU C 216 -16.40 -10.20 27.62
CA LEU C 216 -16.50 -8.77 27.30
C LEU C 216 -17.85 -8.12 27.61
N THR C 217 -17.83 -6.80 27.73
CA THR C 217 -19.03 -5.98 27.90
C THR C 217 -19.58 -5.72 26.49
N THR C 218 -20.84 -5.26 26.41
CA THR C 218 -21.55 -4.88 25.18
C THR C 218 -20.74 -3.82 24.41
N GLN C 219 -20.17 -2.82 25.13
CA GLN C 219 -19.36 -1.71 24.58
C GLN C 219 -18.09 -2.23 23.90
N GLU C 220 -17.35 -3.12 24.58
CA GLU C 220 -16.11 -3.73 24.08
C GLU C 220 -16.38 -4.57 22.83
N ILE C 221 -17.48 -5.37 22.82
CA ILE C 221 -17.88 -6.22 21.68
C ILE C 221 -18.14 -5.32 20.48
N ALA C 222 -18.92 -4.23 20.69
CA ALA C 222 -19.27 -3.25 19.65
C ALA C 222 -18.04 -2.56 19.07
N MET C 223 -17.07 -2.22 19.93
N MET C 223 -17.08 -2.23 19.94
CA MET C 223 -15.81 -1.58 19.53
CA MET C 223 -15.82 -1.57 19.60
C MET C 223 -14.94 -2.52 18.69
C MET C 223 -14.92 -2.50 18.75
N LEU C 224 -14.90 -3.82 19.04
CA LEU C 224 -14.15 -4.84 18.30
C LEU C 224 -14.75 -5.08 16.90
N ARG C 225 -16.05 -4.82 16.75
CA ARG C 225 -16.73 -4.93 15.45
C ARG C 225 -16.45 -3.67 14.58
N GLU C 226 -15.76 -2.66 15.13
CA GLU C 226 -15.42 -1.42 14.40
C GLU C 226 -14.04 -1.53 13.72
N PRO C 227 -13.83 -0.90 12.53
CA PRO C 227 -12.52 -1.03 11.86
C PRO C 227 -11.46 -0.13 12.51
N MET C 228 -10.88 -0.60 13.64
CA MET C 228 -9.94 0.19 14.43
C MET C 228 -8.54 -0.38 14.58
N TRP C 229 -8.21 -1.42 13.80
CA TRP C 229 -6.90 -2.07 13.90
C TRP C 229 -6.25 -2.28 12.56
N THR C 230 -5.03 -1.76 12.42
CA THR C 230 -4.23 -2.05 11.24
C THR C 230 -3.38 -3.30 11.59
N THR C 231 -2.88 -3.99 10.57
CA THR C 231 -1.96 -5.11 10.79
C THR C 231 -0.93 -5.18 9.65
N THR C 232 0.14 -5.94 9.87
CA THR C 232 1.20 -6.05 8.87
C THR C 232 1.40 -7.51 8.44
N VAL C 233 2.08 -7.69 7.30
CA VAL C 233 2.38 -9.02 6.74
C VAL C 233 3.36 -9.77 7.68
N ASP C 234 3.09 -11.09 7.97
CA ASP C 234 3.93 -11.97 8.80
C ASP C 234 5.36 -11.99 8.27
N GLU C 235 6.32 -12.15 9.20
CA GLU C 235 7.77 -12.22 8.93
C GLU C 235 8.06 -13.33 7.91
N SER C 236 7.44 -14.51 8.10
CA SER C 236 7.56 -15.70 7.25
C SER C 236 7.14 -15.46 5.78
N PHE C 237 6.34 -14.40 5.50
CA PHE C 237 5.84 -14.06 4.17
C PHE C 237 6.74 -13.08 3.41
N LEU C 238 7.65 -12.39 4.11
CA LEU C 238 8.52 -11.43 3.47
C LEU C 238 9.71 -12.07 2.75
N ALA C 239 10.15 -11.43 1.65
CA ALA C 239 11.30 -11.87 0.83
C ALA C 239 11.87 -10.71 0.03
N GLU C 240 13.18 -10.76 -0.31
CA GLU C 240 13.83 -9.74 -1.13
C GLU C 240 13.15 -9.64 -2.52
N GLY C 241 12.82 -8.40 -2.90
CA GLY C 241 12.13 -8.09 -4.15
C GLY C 241 10.66 -8.47 -4.19
N ARG C 242 10.07 -8.83 -3.03
CA ARG C 242 8.65 -9.23 -2.99
C ARG C 242 7.76 -8.05 -2.62
N THR C 243 6.85 -7.71 -3.54
CA THR C 243 5.84 -6.66 -3.40
C THR C 243 4.43 -7.27 -3.38
N PHE C 244 3.65 -6.93 -2.37
CA PHE C 244 2.27 -7.38 -2.25
C PHE C 244 1.36 -6.33 -2.84
N LEU C 245 0.38 -6.77 -3.64
CA LEU C 245 -0.62 -5.90 -4.25
C LEU C 245 -1.36 -5.05 -3.20
N LEU C 246 -1.59 -5.62 -2.00
CA LEU C 246 -2.31 -4.96 -0.91
C LEU C 246 -1.39 -4.24 0.12
N GLY C 247 -0.10 -4.20 -0.17
CA GLY C 247 0.89 -3.52 0.67
C GLY C 247 1.39 -4.33 1.85
N PHE C 248 2.25 -3.69 2.64
CA PHE C 248 2.82 -4.29 3.85
C PHE C 248 1.85 -4.07 5.00
N GLU C 249 1.29 -2.85 5.09
CA GLU C 249 0.33 -2.48 6.13
C GLU C 249 -1.05 -2.52 5.55
N ARG C 250 -1.95 -3.15 6.29
CA ARG C 250 -3.32 -3.34 5.85
C ARG C 250 -4.31 -2.85 6.90
N GLY C 251 -5.50 -2.55 6.43
CA GLY C 251 -6.60 -2.07 7.25
C GLY C 251 -6.71 -0.56 7.30
N PRO C 252 -7.31 0.02 8.37
CA PRO C 252 -7.84 -0.64 9.57
C PRO C 252 -9.01 -1.60 9.30
N ILE C 253 -9.02 -2.70 10.06
CA ILE C 253 -10.04 -3.75 9.97
C ILE C 253 -10.65 -4.02 11.35
N PRO C 254 -11.88 -4.57 11.45
CA PRO C 254 -12.40 -4.96 12.76
C PRO C 254 -11.73 -6.25 13.25
N ILE C 255 -11.79 -6.50 14.57
CA ILE C 255 -11.28 -7.78 15.10
C ILE C 255 -12.44 -8.78 15.01
N LEU C 256 -13.66 -8.36 15.38
CA LEU C 256 -14.84 -9.23 15.32
C LEU C 256 -15.77 -8.90 14.17
N SER C 257 -16.45 -9.94 13.67
CA SER C 257 -17.45 -9.80 12.62
C SER C 257 -18.44 -10.99 12.70
N GLY C 258 -19.40 -11.01 11.78
CA GLY C 258 -20.37 -12.09 11.68
C GLY C 258 -21.50 -12.01 12.67
N ALA C 259 -22.21 -13.15 12.85
CA ALA C 259 -23.36 -13.29 13.75
C ALA C 259 -22.96 -12.97 15.20
N ASP C 260 -23.91 -12.42 15.97
CA ASP C 260 -23.69 -12.08 17.38
C ASP C 260 -23.41 -13.34 18.22
N ASP C 261 -24.12 -14.45 17.93
CA ASP C 261 -23.96 -15.72 18.64
C ASP C 261 -22.90 -16.68 18.06
N ASP C 262 -22.35 -16.37 16.87
CA ASP C 262 -21.31 -17.20 16.26
C ASP C 262 -20.29 -16.26 15.61
N PRO C 263 -19.56 -15.45 16.42
CA PRO C 263 -18.68 -14.44 15.81
C PRO C 263 -17.42 -14.95 15.14
N PHE C 264 -16.95 -14.20 14.14
CA PHE C 264 -15.70 -14.47 13.46
C PHE C 264 -14.64 -13.53 14.00
N ILE C 265 -13.40 -13.99 14.00
CA ILE C 265 -12.28 -13.25 14.58
C ILE C 265 -11.09 -13.19 13.64
N VAL C 266 -10.45 -12.02 13.62
CA VAL C 266 -9.20 -11.75 12.94
C VAL C 266 -8.39 -11.06 14.02
N PHE C 267 -7.29 -11.66 14.43
CA PHE C 267 -6.49 -11.08 15.48
C PHE C 267 -5.03 -11.42 15.31
N ASP C 268 -4.18 -10.51 15.71
CA ASP C 268 -2.76 -10.75 15.68
C ASP C 268 -2.17 -9.92 16.81
N GLN C 269 -1.86 -10.60 17.91
CA GLN C 269 -1.35 -10.01 19.14
C GLN C 269 -0.11 -9.11 18.90
N ASP C 270 0.84 -9.64 18.15
CA ASP C 270 2.11 -9.01 17.84
C ASP C 270 2.05 -7.92 16.77
N LEU C 271 1.28 -8.15 15.71
CA LEU C 271 1.28 -7.29 14.53
C LEU C 271 0.15 -6.24 14.45
N MET C 272 -0.97 -6.45 15.16
CA MET C 272 -2.02 -5.45 15.12
C MET C 272 -1.67 -4.21 15.88
N ARG C 273 -2.17 -3.08 15.37
CA ARG C 273 -1.99 -1.77 16.01
C ARG C 273 -3.34 -1.07 15.99
N GLY C 274 -3.78 -0.61 17.16
CA GLY C 274 -5.00 0.16 17.30
C GLY C 274 -4.80 1.57 16.74
N ILE C 275 -5.81 2.11 16.05
CA ILE C 275 -5.72 3.47 15.46
C ILE C 275 -5.96 4.56 16.50
N SER C 276 -6.46 4.19 17.68
CA SER C 276 -6.72 5.11 18.79
C SER C 276 -6.30 4.46 20.12
N ALA C 277 -6.15 5.27 21.19
CA ALA C 277 -5.81 4.82 22.54
C ALA C 277 -6.81 3.77 23.05
N PRO C 278 -8.16 3.96 22.96
CA PRO C 278 -9.08 2.89 23.42
C PRO C 278 -8.93 1.59 22.62
N ALA C 279 -8.69 1.67 21.28
CA ALA C 279 -8.51 0.49 20.42
C ALA C 279 -7.26 -0.31 20.85
N GLN C 280 -6.16 0.38 21.23
CA GLN C 280 -4.91 -0.19 21.70
C GLN C 280 -5.13 -0.89 23.05
N GLU C 281 -5.91 -0.26 23.95
CA GLU C 281 -6.31 -0.79 25.27
C GLU C 281 -7.15 -2.07 25.04
N LEU C 282 -8.07 -2.01 24.09
CA LEU C 282 -8.95 -3.12 23.74
C LEU C 282 -8.18 -4.35 23.19
N GLN C 283 -7.07 -4.12 22.46
CA GLN C 283 -6.21 -5.21 21.96
C GLN C 283 -5.59 -5.92 23.19
N GLN C 284 -5.18 -5.15 24.23
CA GLN C 284 -4.65 -5.68 25.49
C GLN C 284 -5.70 -6.45 26.25
N THR C 285 -6.97 -5.99 26.20
CA THR C 285 -8.10 -6.67 26.83
C THR C 285 -8.28 -8.07 26.23
N VAL C 286 -8.19 -8.18 24.88
CA VAL C 286 -8.28 -9.46 24.16
C VAL C 286 -7.17 -10.42 24.61
N ILE C 287 -5.93 -9.90 24.75
CA ILE C 287 -4.76 -10.68 25.14
C ILE C 287 -4.91 -11.28 26.55
N ARG C 288 -5.37 -10.48 27.50
CA ARG C 288 -5.61 -10.89 28.90
C ARG C 288 -6.71 -11.96 28.94
N ALA C 289 -7.83 -11.77 28.17
CA ALA C 289 -8.92 -12.75 28.11
C ALA C 289 -8.36 -14.09 27.58
N TYR C 290 -7.47 -14.01 26.57
CA TYR C 290 -6.80 -15.18 26.01
C TYR C 290 -5.98 -15.93 27.08
N TYR C 291 -5.09 -15.22 27.81
CA TYR C 291 -4.27 -15.85 28.85
C TYR C 291 -5.12 -16.46 29.96
N ALA C 292 -6.30 -15.86 30.24
CA ALA C 292 -7.19 -16.35 31.29
C ALA C 292 -8.07 -17.55 30.84
N GLU C 293 -8.48 -17.60 29.58
CA GLU C 293 -9.45 -18.59 29.11
C GLU C 293 -8.94 -19.65 28.11
N ARG C 294 -7.77 -19.47 27.53
CA ARG C 294 -7.24 -20.39 26.52
C ARG C 294 -7.20 -21.85 26.98
N VAL C 295 -7.50 -22.77 26.06
CA VAL C 295 -7.41 -24.19 26.37
C VAL C 295 -6.06 -24.65 25.82
N SER C 296 -5.46 -25.66 26.43
CA SER C 296 -4.18 -26.17 25.95
C SER C 296 -4.26 -27.64 25.63
N HIS C 297 -3.40 -28.06 24.71
CA HIS C 297 -3.29 -29.46 24.30
C HIS C 297 -1.89 -29.73 23.83
N CYS C 298 -1.32 -30.84 24.27
CA CYS C 298 0.00 -31.25 23.83
C CYS C 298 -0.18 -32.27 22.73
N LEU C 299 0.09 -31.86 21.49
CA LEU C 299 -0.04 -32.76 20.34
C LEU C 299 0.91 -33.94 20.46
N ALA C 300 0.38 -35.14 20.27
CA ALA C 300 1.11 -36.41 20.39
C ALA C 300 1.03 -37.19 19.06
N PRO C 301 2.00 -38.09 18.73
CA PRO C 301 1.90 -38.84 17.46
C PRO C 301 0.54 -39.54 17.28
N GLY C 302 0.09 -39.57 16.03
CA GLY C 302 -1.20 -40.16 15.69
C GLY C 302 -2.36 -39.18 15.85
N GLU C 303 -2.08 -37.94 16.30
CA GLU C 303 -3.14 -36.96 16.47
C GLU C 303 -3.13 -35.96 15.33
N MET C 304 -4.29 -35.39 15.10
CA MET C 304 -4.48 -34.38 14.09
C MET C 304 -5.38 -33.31 14.66
N LEU C 305 -5.03 -32.04 14.47
CA LEU C 305 -5.82 -30.93 14.95
C LEU C 305 -6.28 -30.06 13.79
N LEU C 306 -7.59 -29.83 13.70
CA LEU C 306 -8.19 -28.91 12.73
C LEU C 306 -8.59 -27.66 13.50
N ILE C 307 -8.11 -26.51 13.06
CA ILE C 307 -8.46 -25.23 13.68
C ILE C 307 -9.37 -24.48 12.72
N ASP C 308 -10.55 -24.05 13.19
CA ASP C 308 -11.42 -23.20 12.37
C ASP C 308 -10.82 -21.79 12.49
N ASN C 309 -10.16 -21.35 11.42
CA ASN C 309 -9.43 -20.09 11.35
C ASN C 309 -10.32 -18.83 11.31
N ARG C 310 -11.63 -19.01 11.24
CA ARG C 310 -12.60 -17.89 11.34
C ARG C 310 -13.10 -17.75 12.76
N ARG C 311 -13.15 -18.87 13.52
CA ARG C 311 -13.77 -18.95 14.85
C ARG C 311 -12.83 -19.06 16.04
N ALA C 312 -11.55 -19.29 15.78
CA ALA C 312 -10.59 -19.46 16.86
C ALA C 312 -9.24 -18.93 16.48
N VAL C 313 -8.49 -18.52 17.48
CA VAL C 313 -7.14 -18.01 17.36
C VAL C 313 -6.23 -19.00 18.14
N HIS C 314 -4.97 -19.05 17.78
CA HIS C 314 -4.08 -20.02 18.38
C HIS C 314 -2.69 -19.46 18.72
N GLY C 315 -2.02 -20.21 19.58
CA GLY C 315 -0.69 -19.88 20.07
C GLY C 315 0.05 -21.15 20.42
N ARG C 316 1.32 -21.00 20.81
CA ARG C 316 2.17 -22.14 21.17
C ARG C 316 3.15 -21.77 22.26
N SER C 317 3.30 -22.66 23.26
CA SER C 317 4.19 -22.44 24.40
C SER C 317 5.64 -22.58 24.03
N ILE C 318 6.52 -22.13 24.93
CA ILE C 318 7.96 -22.30 24.83
C ILE C 318 8.23 -23.80 25.07
N PHE C 319 9.18 -24.35 24.32
CA PHE C 319 9.68 -25.72 24.50
C PHE C 319 11.19 -25.65 24.32
N ALA C 320 11.95 -26.71 24.65
CA ALA C 320 13.42 -26.66 24.55
C ALA C 320 13.95 -27.74 23.59
N PRO C 321 13.94 -27.45 22.26
CA PRO C 321 14.40 -28.46 21.30
C PRO C 321 15.88 -28.79 21.42
N ARG C 322 16.24 -30.01 21.00
CA ARG C 322 17.62 -30.50 21.06
C ARG C 322 18.33 -30.44 19.72
N PHE C 323 17.58 -30.38 18.59
CA PHE C 323 18.09 -30.36 17.20
C PHE C 323 18.95 -31.60 16.94
N ASP C 324 18.46 -32.76 17.43
CA ASP C 324 19.12 -34.08 17.36
C ASP C 324 18.40 -35.03 16.37
N GLY C 325 17.37 -34.51 15.70
CA GLY C 325 16.55 -35.25 14.75
C GLY C 325 15.34 -35.96 15.35
N ALA C 326 15.09 -35.79 16.65
CA ALA C 326 13.96 -36.40 17.34
C ALA C 326 13.01 -35.33 17.92
N ASP C 327 13.17 -34.08 17.48
CA ASP C 327 12.36 -32.94 17.94
C ASP C 327 10.94 -33.02 17.41
N ARG C 328 10.08 -32.16 17.98
CA ARG C 328 8.69 -32.00 17.60
C ARG C 328 8.63 -31.74 16.10
N PHE C 329 7.69 -32.41 15.45
CA PHE C 329 7.52 -32.38 14.01
C PHE C 329 6.05 -32.49 13.67
N LEU C 330 5.48 -31.40 13.14
CA LEU C 330 4.09 -31.44 12.68
C LEU C 330 4.06 -31.25 11.18
N SER C 331 3.01 -31.76 10.55
CA SER C 331 2.75 -31.57 9.12
C SER C 331 1.58 -30.57 9.08
N ARG C 332 1.85 -29.34 8.56
CA ARG C 332 0.82 -28.32 8.43
C ARG C 332 0.30 -28.20 7.02
N SER C 333 -1.03 -28.09 6.90
CA SER C 333 -1.69 -27.81 5.65
C SER C 333 -2.85 -26.83 5.88
N PHE C 334 -3.34 -26.27 4.77
CA PHE C 334 -4.39 -25.29 4.80
C PHE C 334 -5.59 -25.73 4.01
N ILE C 335 -6.76 -25.32 4.47
CA ILE C 335 -8.02 -25.69 3.83
C ILE C 335 -8.87 -24.44 3.64
N VAL C 336 -9.55 -24.39 2.47
CA VAL C 336 -10.51 -23.35 2.13
C VAL C 336 -11.82 -24.01 1.68
N ALA C 337 -12.95 -23.40 1.99
CA ALA C 337 -14.22 -23.99 1.58
C ALA C 337 -14.44 -23.77 0.09
N ASP C 338 -14.05 -22.57 -0.38
CA ASP C 338 -14.26 -22.11 -1.73
C ASP C 338 -12.96 -21.78 -2.44
N GLY C 339 -12.57 -22.66 -3.38
CA GLY C 339 -11.39 -22.53 -4.22
C GLY C 339 -11.48 -21.38 -5.21
N SER C 340 -12.72 -20.93 -5.56
CA SER C 340 -12.93 -19.84 -6.52
C SER C 340 -12.47 -18.48 -6.00
N ARG C 341 -12.45 -18.27 -4.67
CA ARG C 341 -12.03 -17.02 -4.05
C ARG C 341 -10.56 -16.70 -4.34
N SER C 342 -9.73 -17.74 -4.53
CA SER C 342 -8.30 -17.58 -4.82
C SER C 342 -7.95 -17.82 -6.31
N ARG C 343 -8.96 -18.14 -7.15
CA ARG C 343 -8.70 -18.45 -8.57
C ARG C 343 -7.85 -17.38 -9.30
N HIS C 344 -8.10 -16.09 -9.02
CA HIS C 344 -7.36 -14.95 -9.62
C HIS C 344 -5.85 -14.98 -9.23
N ALA C 345 -5.53 -15.62 -8.12
CA ALA C 345 -4.21 -15.74 -7.50
C ALA C 345 -3.51 -17.06 -7.85
N ARG C 346 -4.20 -17.97 -8.54
CA ARG C 346 -3.67 -19.29 -8.84
C ARG C 346 -3.58 -19.50 -10.34
N SER C 347 -2.93 -20.59 -10.73
CA SER C 347 -2.93 -20.98 -12.13
C SER C 347 -4.06 -22.03 -12.27
N SER C 348 -4.50 -22.28 -13.51
CA SER C 348 -5.51 -23.29 -13.79
C SER C 348 -4.97 -24.64 -13.30
N PHE C 349 -5.80 -25.43 -12.59
CA PHE C 349 -5.42 -26.73 -11.98
C PHE C 349 -4.22 -26.57 -11.02
N GLY C 350 -4.15 -25.42 -10.36
CA GLY C 350 -3.08 -25.14 -9.42
C GLY C 350 -3.63 -24.95 -8.03
N ARG C 351 -2.83 -25.31 -7.02
CA ARG C 351 -3.26 -25.19 -5.62
C ARG C 351 -2.49 -24.11 -4.87
N VAL C 352 -1.58 -23.41 -5.55
CA VAL C 352 -0.70 -22.42 -4.91
C VAL C 352 -1.14 -20.98 -5.16
N VAL C 353 -1.40 -20.21 -4.09
CA VAL C 353 -1.69 -18.79 -4.26
C VAL C 353 -0.36 -18.03 -4.41
N SER C 354 -0.22 -17.30 -5.53
CA SER C 354 0.99 -16.52 -5.82
C SER C 354 1.23 -15.46 -4.75
N ALA C 355 2.49 -15.32 -4.33
CA ALA C 355 2.93 -14.45 -3.24
C ALA C 355 2.32 -13.04 -3.23
N ARG C 356 2.34 -12.32 -4.40
CA ARG C 356 1.86 -10.93 -4.50
C ARG C 356 0.37 -10.77 -4.14
N PHE C 357 -0.42 -11.85 -4.21
CA PHE C 357 -1.84 -11.83 -3.91
C PHE C 357 -2.18 -12.03 -2.42
N SER C 358 -1.20 -12.43 -1.61
CA SER C 358 -1.43 -12.61 -0.18
C SER C 358 -1.60 -11.27 0.54
CA VAL D 35 -19.58 -33.36 -24.23
C VAL D 35 -19.17 -33.20 -22.75
N SER D 36 -18.21 -32.30 -22.46
CA SER D 36 -17.72 -32.02 -21.11
C SER D 36 -18.79 -31.31 -20.26
N ALA D 37 -19.87 -30.80 -20.90
CA ALA D 37 -20.95 -30.12 -20.20
C ALA D 37 -22.20 -31.00 -20.09
N ILE D 38 -22.09 -32.31 -20.43
CA ILE D 38 -23.19 -33.27 -20.29
C ILE D 38 -22.72 -34.52 -19.52
N LEU D 39 -23.46 -34.86 -18.46
CA LEU D 39 -23.26 -36.06 -17.67
C LEU D 39 -24.51 -36.90 -17.87
N VAL D 40 -24.33 -38.09 -18.46
CA VAL D 40 -25.44 -39.02 -18.71
C VAL D 40 -25.36 -40.15 -17.70
N LEU D 41 -26.39 -40.27 -16.85
CA LEU D 41 -26.44 -41.33 -15.85
C LEU D 41 -26.89 -42.62 -16.52
N THR D 42 -26.18 -43.72 -16.22
CA THR D 42 -26.61 -45.02 -16.77
C THR D 42 -27.80 -45.48 -15.92
N SER D 43 -28.51 -46.52 -16.38
CA SER D 43 -29.64 -47.14 -15.72
C SER D 43 -29.25 -47.55 -14.29
N SER D 44 -28.06 -48.17 -14.14
CA SER D 44 -27.49 -48.63 -12.87
C SER D 44 -27.15 -47.44 -11.95
N GLU D 45 -26.58 -46.35 -12.52
CA GLU D 45 -26.23 -45.14 -11.76
C GLU D 45 -27.49 -44.45 -11.24
N ALA D 46 -28.56 -44.35 -12.08
CA ALA D 46 -29.85 -43.77 -11.68
C ALA D 46 -30.50 -44.61 -10.57
N SER D 47 -30.39 -45.97 -10.65
CA SER D 47 -30.90 -46.88 -9.63
C SER D 47 -30.17 -46.70 -8.29
N THR D 48 -28.84 -46.50 -8.32
CA THR D 48 -28.01 -46.21 -7.13
C THR D 48 -28.50 -44.88 -6.51
N LEU D 49 -28.69 -43.83 -7.33
CA LEU D 49 -29.18 -42.53 -6.89
C LEU D 49 -30.54 -42.70 -6.15
N GLU D 50 -31.45 -43.48 -6.74
CA GLU D 50 -32.76 -43.78 -6.18
C GLU D 50 -32.67 -44.54 -4.83
N ARG D 51 -31.76 -45.52 -4.71
CA ARG D 51 -31.53 -46.27 -3.47
C ARG D 51 -30.88 -45.37 -2.41
N VAL D 52 -29.86 -44.57 -2.79
CA VAL D 52 -29.13 -43.64 -1.88
C VAL D 52 -30.08 -42.57 -1.31
N ALA D 53 -31.10 -42.12 -2.10
CA ALA D 53 -32.11 -41.15 -1.68
C ALA D 53 -32.89 -41.59 -0.43
N ASP D 54 -33.02 -42.91 -0.18
CA ASP D 54 -33.69 -43.48 1.00
C ASP D 54 -32.95 -43.13 2.30
N LEU D 55 -31.65 -42.74 2.19
CA LEU D 55 -30.86 -42.32 3.35
C LEU D 55 -31.16 -40.86 3.73
N VAL D 56 -31.92 -40.14 2.88
CA VAL D 56 -32.33 -38.76 3.12
C VAL D 56 -33.80 -38.82 3.56
N THR D 57 -34.02 -38.78 4.86
CA THR D 57 -35.35 -38.95 5.48
C THR D 57 -35.93 -37.69 6.12
N ALA D 58 -35.10 -36.67 6.42
CA ALA D 58 -35.60 -35.42 7.01
C ALA D 58 -36.49 -34.64 6.02
N HIS D 59 -37.37 -33.81 6.56
CA HIS D 59 -38.30 -33.03 5.74
C HIS D 59 -37.56 -31.87 5.11
N ALA D 60 -37.58 -31.76 3.78
CA ALA D 60 -36.87 -30.70 3.03
C ALA D 60 -37.27 -29.28 3.43
N LEU D 61 -38.56 -29.06 3.76
CA LEU D 61 -39.07 -27.75 4.15
C LEU D 61 -38.99 -27.45 5.64
N TYR D 62 -39.34 -28.43 6.49
CA TYR D 62 -39.48 -28.24 7.93
C TYR D 62 -38.24 -28.64 8.74
N ALA D 63 -37.27 -29.27 8.11
CA ALA D 63 -35.98 -29.60 8.71
C ALA D 63 -34.90 -29.49 7.62
N ALA D 64 -34.89 -28.33 6.92
CA ALA D 64 -33.99 -28.04 5.78
C ALA D 64 -32.52 -28.35 6.06
N HIS D 65 -31.99 -27.91 7.21
CA HIS D 65 -30.60 -28.16 7.59
C HIS D 65 -30.31 -29.66 7.73
N ASP D 66 -31.16 -30.41 8.46
CA ASP D 66 -31.02 -31.86 8.64
C ASP D 66 -31.10 -32.57 7.30
N PHE D 67 -32.04 -32.17 6.44
CA PHE D 67 -32.25 -32.72 5.11
C PHE D 67 -30.98 -32.58 4.26
N CYS D 68 -30.45 -31.34 4.16
CA CYS D 68 -29.26 -31.03 3.39
C CYS D 68 -28.02 -31.73 3.96
N ALA D 69 -27.89 -31.78 5.31
CA ALA D 69 -26.77 -32.48 5.97
C ALA D 69 -26.81 -33.98 5.65
N GLN D 70 -28.03 -34.56 5.66
CA GLN D 70 -28.21 -35.97 5.33
C GLN D 70 -27.86 -36.24 3.86
N ALA D 71 -28.19 -35.31 2.94
CA ALA D 71 -27.87 -35.51 1.54
C ALA D 71 -26.37 -35.34 1.31
N GLN D 72 -25.69 -34.47 2.08
CA GLN D 72 -24.23 -34.31 1.99
C GLN D 72 -23.51 -35.58 2.41
N LEU D 73 -23.97 -36.21 3.52
CA LEU D 73 -23.41 -37.47 4.00
C LEU D 73 -23.70 -38.64 3.05
N ALA D 74 -24.95 -38.78 2.61
CA ALA D 74 -25.40 -39.84 1.71
C ALA D 74 -24.75 -39.75 0.33
N ALA D 75 -24.34 -38.52 -0.10
CA ALA D 75 -23.68 -38.29 -1.40
C ALA D 75 -22.39 -39.11 -1.55
N ALA D 76 -21.79 -39.53 -0.42
CA ALA D 76 -20.60 -40.39 -0.39
C ALA D 76 -20.92 -41.78 -0.99
N GLU D 77 -22.22 -42.20 -0.96
CA GLU D 77 -22.66 -43.50 -1.49
C GLU D 77 -23.03 -43.47 -2.99
N LEU D 78 -22.90 -42.31 -3.65
CA LEU D 78 -23.20 -42.17 -5.07
C LEU D 78 -22.13 -42.84 -5.95
N PRO D 79 -22.42 -43.22 -7.23
CA PRO D 79 -21.37 -43.82 -8.08
C PRO D 79 -20.15 -42.90 -8.19
N SER D 80 -18.93 -43.43 -7.99
CA SER D 80 -17.69 -42.65 -7.98
C SER D 80 -17.47 -41.81 -9.26
N ARG D 81 -17.91 -42.32 -10.44
CA ARG D 81 -17.77 -41.60 -11.72
C ARG D 81 -18.55 -40.29 -11.69
N VAL D 82 -19.77 -40.33 -11.12
CA VAL D 82 -20.70 -39.19 -10.97
C VAL D 82 -20.10 -38.19 -9.95
N VAL D 83 -19.67 -38.68 -8.77
CA VAL D 83 -19.03 -37.87 -7.71
C VAL D 83 -17.82 -37.14 -8.28
N ALA D 84 -16.94 -37.86 -9.02
CA ALA D 84 -15.72 -37.29 -9.64
C ALA D 84 -16.06 -36.12 -10.57
N ARG D 85 -17.08 -36.27 -11.46
CA ARG D 85 -17.49 -35.21 -12.42
C ARG D 85 -18.03 -34.00 -11.69
N LEU D 86 -18.83 -34.22 -10.62
CA LEU D 86 -19.40 -33.12 -9.84
C LEU D 86 -18.35 -32.35 -9.03
N GLN D 87 -17.37 -33.05 -8.46
CA GLN D 87 -16.25 -32.45 -7.72
C GLN D 87 -15.33 -31.65 -8.67
N GLU D 88 -15.11 -32.14 -9.90
CA GLU D 88 -14.31 -31.43 -10.89
C GLU D 88 -15.05 -30.16 -11.32
N PHE D 89 -16.37 -30.28 -11.56
CA PHE D 89 -17.21 -29.13 -11.91
C PHE D 89 -17.22 -28.10 -10.75
N ALA D 90 -17.37 -28.56 -9.49
CA ALA D 90 -17.39 -27.72 -8.30
C ALA D 90 -16.06 -26.95 -8.15
N TRP D 91 -14.90 -27.60 -8.43
CA TRP D 91 -13.57 -26.97 -8.34
C TRP D 91 -13.56 -25.73 -9.26
N GLY D 92 -14.16 -25.91 -10.43
CA GLY D 92 -14.46 -24.85 -11.38
C GLY D 92 -13.47 -24.58 -12.49
N ASP D 93 -12.18 -24.84 -12.26
CA ASP D 93 -11.13 -24.53 -13.23
C ASP D 93 -11.46 -25.08 -14.60
N MET D 94 -11.60 -24.14 -15.54
CA MET D 94 -11.88 -24.35 -16.96
C MET D 94 -13.16 -25.16 -17.22
N ASN D 95 -14.12 -25.17 -16.24
CA ASN D 95 -15.43 -25.82 -16.42
C ASN D 95 -16.19 -24.97 -17.48
N GLU D 96 -17.20 -25.54 -18.12
CA GLU D 96 -17.92 -24.88 -19.23
C GLU D 96 -18.95 -23.82 -18.79
N GLY D 97 -19.04 -23.57 -17.48
CA GLY D 97 -20.02 -22.64 -16.94
C GLY D 97 -21.31 -23.34 -16.54
N HIS D 98 -21.49 -24.61 -16.97
CA HIS D 98 -22.66 -25.39 -16.64
C HIS D 98 -22.42 -26.89 -16.77
N LEU D 99 -23.33 -27.69 -16.23
CA LEU D 99 -23.28 -29.13 -16.36
C LEU D 99 -24.71 -29.62 -16.44
N LEU D 100 -25.04 -30.23 -17.58
CA LEU D 100 -26.33 -30.80 -17.83
C LEU D 100 -26.27 -32.27 -17.47
N ILE D 101 -27.17 -32.71 -16.60
CA ILE D 101 -27.25 -34.10 -16.16
C ILE D 101 -28.52 -34.74 -16.75
N LYS D 102 -28.38 -35.89 -17.41
CA LYS D 102 -29.48 -36.65 -18.02
C LYS D 102 -29.57 -38.00 -17.31
N GLY D 103 -30.77 -38.59 -17.33
CA GLY D 103 -31.01 -39.91 -16.76
C GLY D 103 -31.33 -39.99 -15.29
N LEU D 104 -31.82 -38.91 -14.69
CA LEU D 104 -32.17 -38.94 -13.28
C LEU D 104 -33.47 -39.74 -13.08
N PRO D 105 -33.69 -40.35 -11.88
CA PRO D 105 -34.98 -41.00 -11.63
C PRO D 105 -36.09 -39.92 -11.57
N GLN D 106 -37.28 -40.27 -12.03
CA GLN D 106 -38.44 -39.37 -12.09
C GLN D 106 -39.55 -39.78 -11.11
N VAL D 107 -40.33 -38.80 -10.63
CA VAL D 107 -41.47 -38.99 -9.74
C VAL D 107 -42.57 -39.77 -10.51
N ARG D 108 -43.10 -40.85 -9.89
CA ARG D 108 -44.12 -41.73 -10.47
C ARG D 108 -45.48 -41.04 -10.69
N SER D 109 -45.94 -40.25 -9.72
CA SER D 109 -47.21 -39.54 -9.73
C SER D 109 -46.91 -38.07 -9.43
N LEU D 110 -46.58 -37.32 -10.47
CA LEU D 110 -46.29 -35.90 -10.35
C LEU D 110 -47.60 -35.13 -10.17
N PRO D 111 -47.76 -34.29 -9.12
CA PRO D 111 -49.02 -33.54 -8.96
C PRO D 111 -49.19 -32.51 -10.08
N PRO D 112 -50.38 -31.89 -10.26
CA PRO D 112 -50.49 -30.87 -11.32
C PRO D 112 -49.53 -29.72 -11.09
N THR D 113 -49.04 -29.12 -12.18
CA THR D 113 -48.10 -27.99 -12.11
C THR D 113 -48.82 -26.86 -11.35
N PRO D 114 -48.26 -26.35 -10.23
CA PRO D 114 -48.97 -25.27 -9.51
C PRO D 114 -49.06 -24.00 -10.35
N THR D 115 -50.11 -23.22 -10.13
CA THR D 115 -50.36 -21.96 -10.87
C THR D 115 -49.52 -20.80 -10.31
N SER D 116 -48.85 -21.01 -9.14
CA SER D 116 -47.99 -20.08 -8.41
C SER D 116 -46.86 -20.84 -7.69
N ASN D 117 -45.91 -20.11 -7.07
CA ASN D 117 -44.78 -20.69 -6.32
C ASN D 117 -44.97 -20.67 -4.80
N VAL D 118 -46.17 -20.36 -4.32
CA VAL D 118 -46.40 -20.24 -2.87
C VAL D 118 -46.46 -21.59 -2.12
N HIS D 119 -46.71 -22.71 -2.83
CA HIS D 119 -46.90 -24.02 -2.19
C HIS D 119 -45.67 -24.88 -1.96
N ALA D 120 -44.59 -24.71 -2.75
CA ALA D 120 -43.37 -25.53 -2.64
C ALA D 120 -43.71 -27.02 -2.82
N VAL D 121 -44.27 -27.33 -3.99
CA VAL D 121 -44.70 -28.67 -4.37
C VAL D 121 -43.48 -29.58 -4.53
N ALA D 122 -42.52 -29.20 -5.41
CA ALA D 122 -41.30 -29.97 -5.71
C ALA D 122 -40.58 -30.51 -4.46
N ALA D 123 -40.44 -29.64 -3.42
CA ALA D 123 -39.77 -29.97 -2.17
C ALA D 123 -40.38 -31.16 -1.42
N THR D 124 -41.72 -31.38 -1.54
CA THR D 124 -42.39 -32.48 -0.85
C THR D 124 -42.73 -33.64 -1.84
N THR D 125 -41.97 -33.75 -2.93
CA THR D 125 -42.06 -34.88 -3.88
C THR D 125 -40.75 -35.71 -3.74
N PRO D 126 -40.73 -37.02 -4.08
CA PRO D 126 -39.49 -37.83 -3.89
C PRO D 126 -38.26 -37.37 -4.67
N MET D 127 -38.45 -36.55 -5.71
CA MET D 127 -37.33 -36.06 -6.50
C MET D 127 -36.50 -34.99 -5.75
N SER D 128 -37.04 -34.35 -4.67
CA SER D 128 -36.25 -33.37 -3.90
C SER D 128 -34.95 -34.02 -3.36
N ARG D 129 -35.04 -35.32 -2.92
CA ARG D 129 -33.90 -36.11 -2.43
C ARG D 129 -32.84 -36.34 -3.56
N TYR D 130 -33.26 -36.56 -4.83
CA TYR D 130 -32.33 -36.79 -5.96
C TYR D 130 -31.50 -35.53 -6.25
N GLN D 131 -32.18 -34.38 -6.40
CA GLN D 131 -31.57 -33.08 -6.66
C GLN D 131 -30.65 -32.69 -5.51
N ALA D 132 -31.07 -32.95 -4.25
CA ALA D 132 -30.27 -32.62 -3.06
C ALA D 132 -28.96 -33.43 -3.03
N LEU D 133 -29.02 -34.72 -3.42
CA LEU D 133 -27.85 -35.59 -3.46
C LEU D 133 -26.79 -35.10 -4.41
N ILE D 134 -27.21 -34.70 -5.64
CA ILE D 134 -26.31 -34.16 -6.63
C ILE D 134 -25.80 -32.78 -6.16
N ASN D 135 -26.72 -31.91 -5.68
CA ASN D 135 -26.35 -30.57 -5.16
C ASN D 135 -25.29 -30.63 -4.08
N GLU D 136 -25.50 -31.53 -3.08
CA GLU D 136 -24.61 -31.61 -1.92
C GLU D 136 -23.25 -32.24 -2.24
N CYS D 137 -23.10 -32.80 -3.46
N CYS D 137 -23.11 -32.79 -3.46
CA CYS D 137 -21.83 -33.29 -3.98
CA CYS D 137 -21.85 -33.31 -3.94
C CYS D 137 -21.03 -32.03 -4.32
C CYS D 137 -21.02 -32.16 -4.54
N VAL D 138 -21.71 -31.09 -4.99
CA VAL D 138 -21.13 -29.86 -5.51
C VAL D 138 -20.81 -28.88 -4.38
N GLY D 139 -21.77 -28.62 -3.49
CA GLY D 139 -21.57 -27.69 -2.37
C GLY D 139 -22.75 -27.69 -1.42
N ARG D 140 -22.87 -26.64 -0.60
CA ARG D 140 -23.92 -26.52 0.41
C ARG D 140 -25.19 -25.84 -0.11
N MET D 141 -26.33 -26.51 0.07
CA MET D 141 -27.61 -25.92 -0.31
C MET D 141 -27.96 -24.77 0.62
N ILE D 142 -28.53 -23.72 0.03
CA ILE D 142 -28.92 -22.51 0.76
C ILE D 142 -30.23 -21.99 0.17
N ALA D 143 -30.96 -21.21 0.94
CA ALA D 143 -32.20 -20.59 0.47
C ALA D 143 -32.20 -19.14 0.96
N TYR D 144 -33.04 -18.33 0.34
CA TYR D 144 -33.15 -16.90 0.60
C TYR D 144 -34.58 -16.58 0.91
N GLU D 145 -34.82 -15.98 2.09
CA GLU D 145 -36.14 -15.57 2.57
C GLU D 145 -36.86 -14.70 1.50
N ALA D 146 -36.11 -13.82 0.81
CA ALA D 146 -36.67 -12.92 -0.19
C ALA D 146 -36.95 -13.57 -1.57
N GLU D 147 -36.50 -14.83 -1.77
CA GLU D 147 -36.70 -15.55 -3.03
C GLU D 147 -37.48 -16.83 -2.78
N GLY D 148 -38.70 -16.88 -3.31
CA GLY D 148 -39.60 -18.02 -3.17
C GLY D 148 -39.84 -18.42 -1.73
N HIS D 149 -40.00 -17.42 -0.85
CA HIS D 149 -40.33 -17.55 0.59
C HIS D 149 -39.32 -18.40 1.39
N GLY D 150 -38.08 -18.48 0.90
CA GLY D 150 -37.02 -19.26 1.54
C GLY D 150 -37.21 -20.75 1.43
N HIS D 151 -38.07 -21.21 0.48
CA HIS D 151 -38.31 -22.64 0.31
C HIS D 151 -37.02 -23.29 -0.18
N THR D 152 -36.68 -24.47 0.40
CA THR D 152 -35.47 -25.24 0.05
C THR D 152 -35.41 -25.48 -1.46
N PHE D 153 -36.56 -25.80 -2.07
CA PHE D 153 -36.74 -25.96 -3.50
C PHE D 153 -37.87 -25.05 -3.84
N GLN D 154 -37.71 -24.26 -4.90
CA GLN D 154 -38.70 -23.31 -5.37
C GLN D 154 -39.32 -23.84 -6.68
N ASP D 155 -40.67 -23.78 -6.78
CA ASP D 155 -41.34 -24.23 -7.98
C ASP D 155 -41.15 -23.16 -9.06
N MET D 156 -40.69 -23.59 -10.23
CA MET D 156 -40.45 -22.70 -11.37
C MET D 156 -41.51 -23.07 -12.37
N VAL D 157 -42.61 -22.34 -12.30
CA VAL D 157 -43.84 -22.58 -13.03
C VAL D 157 -44.31 -21.27 -13.67
N PRO D 158 -44.99 -21.31 -14.84
CA PRO D 158 -45.52 -20.06 -15.41
C PRO D 158 -46.75 -19.57 -14.65
N SER D 159 -46.75 -18.29 -14.29
CA SER D 159 -47.86 -17.67 -13.57
C SER D 159 -48.65 -16.83 -14.58
N ALA D 160 -50.00 -16.85 -14.48
CA ALA D 160 -50.87 -16.07 -15.37
C ALA D 160 -50.69 -14.58 -15.07
N MET D 161 -50.69 -14.21 -13.77
CA MET D 161 -50.52 -12.84 -13.26
C MET D 161 -49.16 -12.23 -13.68
N SER D 162 -48.06 -12.97 -13.51
CA SER D 162 -46.71 -12.50 -13.81
C SER D 162 -46.10 -13.12 -15.09
N ALA D 163 -46.94 -13.31 -16.13
CA ALA D 163 -46.51 -13.88 -17.42
C ALA D 163 -45.59 -12.91 -18.19
N HIS D 164 -45.71 -11.60 -17.91
CA HIS D 164 -44.95 -10.55 -18.59
C HIS D 164 -43.81 -9.94 -17.76
N SER D 165 -43.44 -10.59 -16.65
CA SER D 165 -42.40 -10.09 -15.76
C SER D 165 -41.01 -10.70 -16.02
N GLN D 166 -39.95 -10.04 -15.51
CA GLN D 166 -38.58 -10.54 -15.58
C GLN D 166 -38.36 -11.42 -14.33
N THR D 167 -39.21 -12.49 -14.21
CA THR D 167 -39.18 -13.44 -13.10
C THR D 167 -39.15 -14.89 -13.63
N SER D 168 -38.94 -15.85 -12.72
CA SER D 168 -38.95 -17.27 -13.01
C SER D 168 -40.38 -17.76 -13.31
N LEU D 169 -41.37 -16.89 -13.03
CA LEU D 169 -42.80 -17.17 -13.22
C LEU D 169 -43.30 -16.56 -14.54
N GLY D 170 -42.38 -16.01 -15.33
CA GLY D 170 -42.62 -15.40 -16.64
C GLY D 170 -42.79 -16.42 -17.75
N SER D 171 -43.31 -15.97 -18.91
CA SER D 171 -43.57 -16.83 -20.07
C SER D 171 -43.75 -16.07 -21.39
N ALA D 172 -44.68 -15.07 -21.42
CA ALA D 172 -45.01 -14.28 -22.61
C ALA D 172 -43.86 -13.36 -23.08
N VAL D 173 -42.94 -13.02 -22.15
CA VAL D 173 -41.76 -12.18 -22.44
C VAL D 173 -40.48 -13.00 -22.20
N GLU D 174 -39.40 -12.64 -22.92
CA GLU D 174 -38.10 -13.31 -22.79
C GLU D 174 -37.44 -12.93 -21.47
N LEU D 175 -36.94 -13.93 -20.73
CA LEU D 175 -36.22 -13.67 -19.50
C LEU D 175 -34.82 -13.26 -19.91
N GLU D 176 -34.51 -11.97 -19.69
CA GLU D 176 -33.24 -11.35 -20.09
C GLU D 176 -32.03 -11.89 -19.34
N LEU D 177 -30.85 -11.72 -19.96
CA LEU D 177 -29.56 -12.20 -19.49
C LEU D 177 -29.23 -11.75 -18.08
N HIS D 178 -28.89 -12.73 -17.22
CA HIS D 178 -28.54 -12.40 -15.85
C HIS D 178 -27.73 -13.43 -15.14
N THR D 179 -27.02 -12.92 -14.15
CA THR D 179 -26.33 -13.63 -13.09
C THR D 179 -27.50 -13.74 -12.09
N GLU D 180 -27.61 -14.87 -11.39
CA GLU D 180 -28.60 -15.02 -10.35
C GLU D 180 -28.20 -14.11 -9.20
N GLN D 181 -29.10 -13.21 -8.77
CA GLN D 181 -28.88 -12.22 -7.71
C GLN D 181 -27.62 -11.38 -7.96
N ALA D 182 -27.52 -10.78 -9.17
CA ALA D 182 -26.40 -9.93 -9.59
C ALA D 182 -26.14 -8.80 -8.60
N PHE D 183 -27.21 -8.32 -7.93
CA PHE D 183 -27.16 -7.23 -6.95
C PHE D 183 -26.59 -7.66 -5.60
N SER D 184 -26.56 -8.96 -5.31
CA SER D 184 -26.21 -9.43 -3.97
C SER D 184 -24.80 -10.01 -3.78
N PRO D 185 -24.05 -9.54 -2.75
CA PRO D 185 -22.77 -10.19 -2.43
C PRO D 185 -23.00 -11.62 -1.89
N LEU D 186 -24.23 -11.96 -1.48
CA LEU D 186 -24.56 -13.31 -0.98
C LEU D 186 -25.20 -14.20 -2.04
N ARG D 187 -25.09 -13.80 -3.31
CA ARG D 187 -25.62 -14.54 -4.46
C ARG D 187 -25.09 -15.98 -4.46
N PRO D 188 -25.86 -16.96 -4.98
CA PRO D 188 -25.35 -18.35 -4.97
C PRO D 188 -24.16 -18.58 -5.89
N ASP D 189 -23.36 -19.62 -5.60
CA ASP D 189 -22.23 -20.01 -6.44
C ASP D 189 -22.77 -20.85 -7.61
N PHE D 190 -23.87 -21.60 -7.36
CA PHE D 190 -24.52 -22.43 -8.40
C PHE D 190 -26.02 -22.32 -8.30
N VAL D 191 -26.69 -22.42 -9.47
CA VAL D 191 -28.13 -22.52 -9.58
C VAL D 191 -28.37 -23.95 -10.05
N SER D 192 -29.33 -24.66 -9.41
CA SER D 192 -29.66 -26.05 -9.69
C SER D 192 -31.11 -26.14 -10.16
N LEU D 193 -31.33 -26.62 -11.39
CA LEU D 193 -32.67 -26.72 -11.95
C LEU D 193 -32.97 -28.14 -12.36
N ALA D 194 -33.94 -28.77 -11.68
CA ALA D 194 -34.37 -30.14 -12.02
C ALA D 194 -35.70 -30.04 -12.75
N CYS D 195 -35.78 -30.62 -13.94
CA CYS D 195 -37.00 -30.57 -14.74
C CYS D 195 -38.00 -31.67 -14.36
N LEU D 196 -39.20 -31.27 -13.94
CA LEU D 196 -40.32 -32.17 -13.59
C LEU D 196 -41.23 -32.33 -14.81
N ARG D 197 -41.54 -31.21 -15.48
CA ARG D 197 -42.29 -31.13 -16.75
C ARG D 197 -41.58 -30.07 -17.56
N GLY D 198 -41.35 -30.33 -18.83
CA GLY D 198 -40.71 -29.37 -19.71
C GLY D 198 -41.76 -28.75 -20.62
N ASP D 199 -41.31 -27.88 -21.52
CA ASP D 199 -42.16 -27.29 -22.56
C ASP D 199 -41.24 -27.20 -23.78
N PRO D 200 -41.64 -27.78 -24.95
CA PRO D 200 -40.76 -27.75 -26.16
C PRO D 200 -40.31 -26.36 -26.64
N ARG D 201 -41.12 -25.35 -26.35
CA ARG D 201 -40.84 -23.97 -26.75
C ARG D 201 -39.99 -23.21 -25.72
N ALA D 202 -39.84 -23.78 -24.52
CA ALA D 202 -39.09 -23.12 -23.46
C ALA D 202 -37.62 -23.52 -23.45
N LEU D 203 -36.80 -22.64 -24.00
CA LEU D 203 -35.36 -22.84 -24.07
C LEU D 203 -34.65 -22.10 -22.96
N THR D 204 -33.66 -22.75 -22.38
CA THR D 204 -32.77 -22.15 -21.39
C THR D 204 -31.57 -21.69 -22.21
N TYR D 205 -31.15 -20.44 -22.03
CA TYR D 205 -29.99 -19.91 -22.73
C TYR D 205 -28.84 -19.82 -21.75
N LEU D 206 -27.65 -20.22 -22.20
CA LEU D 206 -26.41 -20.18 -21.39
C LEU D 206 -25.33 -19.48 -22.17
N PHE D 207 -24.52 -18.69 -21.46
CA PHE D 207 -23.46 -17.92 -22.08
C PHE D 207 -22.38 -17.71 -21.02
N SER D 208 -21.19 -18.29 -21.24
CA SER D 208 -20.11 -18.21 -20.25
C SER D 208 -19.29 -16.92 -20.40
N ALA D 209 -18.59 -16.53 -19.32
CA ALA D 209 -17.68 -15.38 -19.29
C ALA D 209 -16.54 -15.66 -20.29
N ARG D 210 -16.12 -16.94 -20.46
CA ARG D 210 -15.10 -17.32 -21.46
C ARG D 210 -15.60 -17.08 -22.90
N GLN D 211 -16.89 -17.39 -23.18
CA GLN D 211 -17.46 -17.15 -24.52
C GLN D 211 -17.47 -15.64 -24.80
N LEU D 212 -17.83 -14.84 -23.80
CA LEU D 212 -17.88 -13.38 -23.92
C LEU D 212 -16.49 -12.80 -24.26
N VAL D 213 -15.49 -13.12 -23.44
CA VAL D 213 -14.11 -12.62 -23.58
C VAL D 213 -13.51 -12.95 -24.95
N ALA D 214 -13.89 -14.12 -25.54
CA ALA D 214 -13.41 -14.56 -26.87
C ALA D 214 -13.87 -13.66 -28.02
N THR D 215 -14.95 -12.86 -27.82
CA THR D 215 -15.52 -11.95 -28.84
C THR D 215 -15.08 -10.50 -28.68
N LEU D 216 -14.52 -10.16 -27.51
CA LEU D 216 -14.13 -8.77 -27.18
C LEU D 216 -12.70 -8.43 -27.47
N THR D 217 -12.42 -7.12 -27.56
CA THR D 217 -11.08 -6.60 -27.72
C THR D 217 -10.48 -6.50 -26.32
N THR D 218 -9.15 -6.37 -26.22
CA THR D 218 -8.42 -6.20 -24.96
C THR D 218 -8.90 -4.95 -24.18
N GLN D 219 -9.27 -3.87 -24.92
CA GLN D 219 -9.77 -2.60 -24.35
C GLN D 219 -11.15 -2.80 -23.67
N GLU D 220 -12.05 -3.50 -24.36
CA GLU D 220 -13.40 -3.85 -23.84
C GLU D 220 -13.31 -4.72 -22.62
N ILE D 221 -12.40 -5.75 -22.63
CA ILE D 221 -12.21 -6.67 -21.48
C ILE D 221 -11.75 -5.87 -20.26
N ALA D 222 -10.79 -4.94 -20.47
CA ALA D 222 -10.25 -4.05 -19.43
C ALA D 222 -11.31 -3.13 -18.82
N MET D 223 -12.19 -2.54 -19.65
CA MET D 223 -13.29 -1.68 -19.18
C MET D 223 -14.30 -2.50 -18.35
N LEU D 224 -14.60 -3.73 -18.80
CA LEU D 224 -15.50 -4.65 -18.09
C LEU D 224 -15.00 -5.04 -16.70
N ARG D 225 -13.66 -4.99 -16.49
CA ARG D 225 -13.00 -5.26 -15.21
C ARG D 225 -12.99 -4.01 -14.30
N GLU D 226 -13.48 -2.87 -14.80
CA GLU D 226 -13.54 -1.61 -14.03
C GLU D 226 -14.87 -1.45 -13.31
N PRO D 227 -14.96 -0.81 -12.10
CA PRO D 227 -16.27 -0.70 -11.42
C PRO D 227 -17.13 0.40 -12.02
N MET D 228 -17.80 0.09 -13.14
CA MET D 228 -18.55 1.09 -13.90
C MET D 228 -20.04 0.80 -14.05
N TRP D 229 -20.58 -0.19 -13.31
CA TRP D 229 -21.98 -0.57 -13.41
C TRP D 229 -22.66 -0.72 -12.11
N THR D 230 -23.77 -0.01 -11.95
CA THR D 230 -24.62 -0.13 -10.77
C THR D 230 -25.72 -1.10 -11.17
N THR D 231 -26.43 -1.66 -10.19
CA THR D 231 -27.55 -2.58 -10.45
C THR D 231 -28.58 -2.45 -9.32
N THR D 232 -29.81 -2.93 -9.53
CA THR D 232 -30.86 -2.86 -8.53
C THR D 232 -31.34 -4.24 -8.12
N VAL D 233 -32.07 -4.31 -7.00
CA VAL D 233 -32.61 -5.56 -6.45
C VAL D 233 -33.71 -6.11 -7.41
N ASP D 234 -33.68 -7.43 -7.72
CA ASP D 234 -34.66 -8.11 -8.57
C ASP D 234 -36.08 -7.87 -8.07
N GLU D 235 -37.05 -7.83 -9.01
CA GLU D 235 -38.49 -7.62 -8.74
C GLU D 235 -38.99 -8.67 -7.74
N SER D 236 -38.59 -9.95 -7.95
CA SER D 236 -38.94 -11.11 -7.11
C SER D 236 -38.51 -10.99 -5.65
N PHE D 237 -37.52 -10.13 -5.36
CA PHE D 237 -36.98 -9.89 -4.01
C PHE D 237 -37.71 -8.79 -3.27
N LEU D 238 -38.49 -8.00 -4.01
CA LEU D 238 -39.26 -6.87 -3.47
C LEU D 238 -40.59 -7.29 -2.82
N ALA D 239 -40.86 -6.74 -1.63
CA ALA D 239 -42.10 -6.97 -0.85
C ALA D 239 -42.44 -5.70 -0.07
N GLU D 240 -43.75 -5.49 0.21
CA GLU D 240 -44.18 -4.30 0.95
C GLU D 240 -43.61 -4.34 2.38
N GLY D 241 -43.01 -3.23 2.78
CA GLY D 241 -42.37 -3.09 4.09
C GLY D 241 -41.02 -3.77 4.20
N ARG D 242 -40.43 -4.18 3.05
CA ARG D 242 -39.13 -4.84 3.05
C ARG D 242 -38.00 -3.88 2.70
N THR D 243 -37.01 -3.85 3.58
CA THR D 243 -35.83 -3.03 3.44
C THR D 243 -34.58 -3.95 3.45
N PHE D 244 -33.54 -3.53 2.74
CA PHE D 244 -32.25 -4.20 2.62
C PHE D 244 -31.16 -3.29 3.19
N LEU D 245 -30.30 -3.85 4.04
CA LEU D 245 -29.15 -3.16 4.66
C LEU D 245 -28.29 -2.44 3.61
N LEU D 246 -28.11 -3.05 2.41
CA LEU D 246 -27.30 -2.51 1.32
C LEU D 246 -28.08 -1.65 0.31
N GLY D 247 -29.35 -1.37 0.63
CA GLY D 247 -30.25 -0.56 -0.20
C GLY D 247 -30.86 -1.28 -1.38
N PHE D 248 -31.53 -0.52 -2.24
CA PHE D 248 -32.12 -1.04 -3.47
C PHE D 248 -31.10 -0.93 -4.62
N GLU D 249 -30.29 0.14 -4.65
CA GLU D 249 -29.28 0.31 -5.67
C GLU D 249 -27.92 -0.13 -5.12
N ARG D 250 -27.20 -0.93 -5.91
CA ARG D 250 -25.90 -1.53 -5.60
C ARG D 250 -24.82 -1.11 -6.59
N GLY D 251 -23.58 -1.06 -6.09
CA GLY D 251 -22.38 -0.74 -6.87
C GLY D 251 -21.95 0.70 -6.83
N PRO D 252 -21.21 1.20 -7.85
CA PRO D 252 -20.79 0.49 -9.07
C PRO D 252 -19.82 -0.67 -8.82
N ILE D 253 -19.99 -1.71 -9.61
CA ILE D 253 -19.19 -2.94 -9.55
C ILE D 253 -18.68 -3.28 -10.96
N PRO D 254 -17.57 -4.06 -11.09
CA PRO D 254 -17.17 -4.50 -12.43
C PRO D 254 -18.10 -5.61 -12.95
N ILE D 255 -18.13 -5.82 -14.27
CA ILE D 255 -18.90 -6.93 -14.84
C ILE D 255 -17.97 -8.14 -14.79
N LEU D 256 -16.69 -7.97 -15.17
CA LEU D 256 -15.71 -9.06 -15.14
C LEU D 256 -14.75 -8.96 -14.00
N SER D 257 -14.28 -10.12 -13.52
CA SER D 257 -13.27 -10.20 -12.46
C SER D 257 -12.56 -11.54 -12.56
N GLY D 258 -11.63 -11.79 -11.62
CA GLY D 258 -10.90 -13.05 -11.55
C GLY D 258 -9.76 -13.19 -12.54
N ALA D 259 -9.30 -14.42 -12.72
CA ALA D 259 -8.18 -14.76 -13.62
C ALA D 259 -8.49 -14.36 -15.06
N ASP D 260 -7.44 -14.00 -15.83
CA ASP D 260 -7.59 -13.62 -17.23
C ASP D 260 -8.13 -14.78 -18.08
N ASP D 261 -7.66 -16.02 -17.81
CA ASP D 261 -8.06 -17.22 -18.55
C ASP D 261 -9.32 -17.95 -17.99
N ASP D 262 -9.79 -17.55 -16.80
CA ASP D 262 -10.98 -18.15 -16.20
C ASP D 262 -11.79 -17.01 -15.55
N PRO D 263 -12.34 -16.06 -16.35
CA PRO D 263 -13.01 -14.91 -15.74
C PRO D 263 -14.35 -15.17 -15.07
N PHE D 264 -14.66 -14.36 -14.03
CA PHE D 264 -15.92 -14.40 -13.35
C PHE D 264 -16.78 -13.25 -13.86
N ILE D 265 -18.10 -13.45 -13.86
CA ILE D 265 -19.03 -12.48 -14.40
C ILE D 265 -20.18 -12.20 -13.46
N VAL D 266 -20.59 -10.93 -13.41
CA VAL D 266 -21.78 -10.44 -12.74
C VAL D 266 -22.42 -9.57 -13.80
N PHE D 267 -23.61 -9.93 -14.21
CA PHE D 267 -24.29 -9.18 -15.25
C PHE D 267 -25.78 -9.22 -15.06
N ASP D 268 -26.44 -8.12 -15.42
CA ASP D 268 -27.89 -8.04 -15.40
C ASP D 268 -28.25 -7.11 -16.54
N GLN D 269 -28.74 -7.69 -17.65
CA GLN D 269 -29.13 -6.97 -18.89
C GLN D 269 -30.16 -5.85 -18.62
N ASP D 270 -31.19 -6.20 -17.87
CA ASP D 270 -32.32 -5.35 -17.52
C ASP D 270 -32.03 -4.36 -16.41
N LEU D 271 -31.30 -4.78 -15.35
CA LEU D 271 -31.11 -3.94 -14.17
C LEU D 271 -29.78 -3.16 -14.07
N MET D 272 -28.73 -3.57 -14.80
CA MET D 272 -27.47 -2.81 -14.76
C MET D 272 -27.56 -1.49 -15.48
N ARG D 273 -26.85 -0.49 -14.93
CA ARG D 273 -26.75 0.84 -15.54
C ARG D 273 -25.28 1.28 -15.47
N GLY D 274 -24.74 1.65 -16.62
CA GLY D 274 -23.38 2.16 -16.74
C GLY D 274 -23.29 3.55 -16.15
N ILE D 275 -22.17 3.85 -15.46
CA ILE D 275 -21.97 5.16 -14.82
C ILE D 275 -21.50 6.22 -15.83
N SER D 276 -21.10 5.78 -17.04
CA SER D 276 -20.66 6.66 -18.13
C SER D 276 -21.20 6.17 -19.47
N ALA D 277 -21.15 7.03 -20.52
CA ALA D 277 -21.59 6.67 -21.87
C ALA D 277 -20.85 5.44 -22.42
N PRO D 278 -19.48 5.32 -22.33
CA PRO D 278 -18.84 4.08 -22.80
C PRO D 278 -19.27 2.82 -22.04
N ALA D 279 -19.49 2.90 -20.69
CA ALA D 279 -19.94 1.74 -19.89
C ALA D 279 -21.34 1.26 -20.34
N GLN D 280 -22.24 2.23 -20.69
CA GLN D 280 -23.58 1.95 -21.19
C GLN D 280 -23.52 1.24 -22.54
N GLU D 281 -22.59 1.71 -23.41
CA GLU D 281 -22.32 1.14 -24.75
C GLU D 281 -21.80 -0.29 -24.57
N LEU D 282 -20.88 -0.47 -23.62
CA LEU D 282 -20.25 -1.74 -23.32
C LEU D 282 -21.26 -2.79 -22.80
N GLN D 283 -22.29 -2.35 -22.05
CA GLN D 283 -23.36 -3.24 -21.59
C GLN D 283 -24.12 -3.77 -22.83
N GLN D 284 -24.33 -2.91 -23.85
CA GLN D 284 -24.97 -3.28 -25.12
C GLN D 284 -24.11 -4.25 -25.91
N THR D 285 -22.78 -4.07 -25.84
CA THR D 285 -21.81 -4.96 -26.49
C THR D 285 -21.92 -6.39 -25.92
N VAL D 286 -22.03 -6.51 -24.59
CA VAL D 286 -22.23 -7.79 -23.90
C VAL D 286 -23.51 -8.49 -24.37
N ILE D 287 -24.63 -7.73 -24.47
CA ILE D 287 -25.94 -8.23 -24.91
C ILE D 287 -25.88 -8.78 -26.35
N ARG D 288 -25.20 -8.02 -27.26
CA ARG D 288 -24.99 -8.38 -28.67
C ARG D 288 -24.20 -9.68 -28.79
N ALA D 289 -23.12 -9.84 -27.97
CA ALA D 289 -22.28 -11.05 -27.93
C ALA D 289 -23.11 -12.25 -27.44
N TYR D 290 -23.96 -12.02 -26.43
CA TYR D 290 -24.87 -13.00 -25.88
C TYR D 290 -25.83 -13.54 -26.97
N TYR D 291 -26.56 -12.65 -27.68
CA TYR D 291 -27.49 -13.09 -28.73
C TYR D 291 -26.79 -13.85 -29.86
N ALA D 292 -25.52 -13.51 -30.14
CA ALA D 292 -24.74 -14.16 -31.18
C ALA D 292 -24.13 -15.51 -30.78
N GLU D 293 -23.74 -15.67 -29.50
CA GLU D 293 -23.00 -16.85 -29.04
C GLU D 293 -23.69 -17.79 -28.07
N ARG D 294 -24.82 -17.37 -27.46
CA ARG D 294 -25.53 -18.18 -26.45
C ARG D 294 -25.85 -19.59 -26.92
N VAL D 295 -25.74 -20.55 -26.00
CA VAL D 295 -26.13 -21.93 -26.31
C VAL D 295 -27.53 -22.11 -25.75
N SER D 296 -28.35 -22.93 -26.40
CA SER D 296 -29.70 -23.18 -25.92
C SER D 296 -29.91 -24.65 -25.62
N HIS D 297 -30.84 -24.91 -24.70
CA HIS D 297 -31.21 -26.26 -24.34
C HIS D 297 -32.65 -26.24 -23.85
N CYS D 298 -33.42 -27.21 -24.30
CA CYS D 298 -34.80 -27.35 -23.86
C CYS D 298 -34.83 -28.41 -22.79
N LEU D 299 -35.00 -27.98 -21.52
CA LEU D 299 -35.04 -28.90 -20.40
C LEU D 299 -36.22 -29.87 -20.54
N ALA D 300 -35.93 -31.16 -20.38
CA ALA D 300 -36.89 -32.25 -20.51
C ALA D 300 -36.97 -33.05 -19.20
N PRO D 301 -38.08 -33.75 -18.90
CA PRO D 301 -38.14 -34.52 -17.64
C PRO D 301 -36.96 -35.46 -17.43
N GLY D 302 -36.55 -35.59 -16.18
CA GLY D 302 -35.41 -36.41 -15.79
C GLY D 302 -34.08 -35.70 -15.96
N GLU D 303 -34.09 -34.44 -16.44
CA GLU D 303 -32.85 -33.68 -16.60
C GLU D 303 -32.65 -32.73 -15.44
N MET D 304 -31.39 -32.42 -15.17
CA MET D 304 -30.99 -31.49 -14.13
C MET D 304 -29.88 -30.63 -14.69
N LEU D 305 -29.99 -29.32 -14.51
CA LEU D 305 -28.99 -28.38 -14.99
C LEU D 305 -28.36 -27.64 -13.83
N LEU D 306 -27.02 -27.69 -13.75
CA LEU D 306 -26.25 -26.95 -12.76
C LEU D 306 -25.60 -25.79 -13.52
N ILE D 307 -25.84 -24.57 -13.07
CA ILE D 307 -25.25 -23.39 -13.68
C ILE D 307 -24.20 -22.85 -12.72
N ASP D 308 -22.96 -22.66 -13.18
CA ASP D 308 -21.92 -22.03 -12.37
C ASP D 308 -22.22 -20.52 -12.46
N ASN D 309 -22.76 -19.97 -11.36
CA ASN D 309 -23.21 -18.59 -11.24
C ASN D 309 -22.06 -17.56 -11.21
N ARG D 310 -20.82 -18.02 -11.17
CA ARG D 310 -19.65 -17.12 -11.27
C ARG D 310 -19.13 -17.08 -12.70
N ARG D 311 -19.31 -18.17 -13.46
CA ARG D 311 -18.72 -18.33 -14.79
C ARG D 311 -19.68 -18.24 -15.98
N ALA D 312 -20.98 -18.20 -15.72
CA ALA D 312 -21.98 -18.15 -16.78
C ALA D 312 -23.19 -17.35 -16.37
N VAL D 313 -23.85 -16.79 -17.36
CA VAL D 313 -25.08 -16.02 -17.24
C VAL D 313 -26.15 -16.77 -18.01
N HIS D 314 -27.40 -16.60 -17.60
CA HIS D 314 -28.49 -17.34 -18.23
C HIS D 314 -29.72 -16.50 -18.56
N GLY D 315 -30.54 -17.06 -19.44
CA GLY D 315 -31.79 -16.47 -19.90
C GLY D 315 -32.79 -17.56 -20.23
N ARG D 316 -34.03 -17.16 -20.56
CA ARG D 316 -35.10 -18.09 -20.91
C ARG D 316 -36.00 -17.51 -21.99
N SER D 317 -36.31 -18.30 -23.04
CA SER D 317 -37.13 -17.88 -24.16
C SER D 317 -38.60 -17.74 -23.80
N ILE D 318 -39.36 -17.16 -24.73
CA ILE D 318 -40.82 -17.02 -24.65
C ILE D 318 -41.44 -18.38 -24.94
N PHE D 319 -42.41 -18.79 -24.11
CA PHE D 319 -43.18 -20.01 -24.33
C PHE D 319 -44.66 -19.68 -24.15
N ALA D 320 -45.58 -20.58 -24.55
CA ALA D 320 -47.01 -20.31 -24.44
C ALA D 320 -47.72 -21.32 -23.51
N PRO D 321 -47.70 -21.06 -22.18
CA PRO D 321 -48.36 -21.99 -21.24
C PRO D 321 -49.87 -22.06 -21.41
N ARG D 322 -50.45 -23.18 -21.02
CA ARG D 322 -51.88 -23.43 -21.14
C ARG D 322 -52.63 -23.25 -19.82
N PHE D 323 -51.93 -23.33 -18.67
CA PHE D 323 -52.49 -23.24 -17.30
C PHE D 323 -53.59 -24.30 -17.10
N ASP D 324 -53.26 -25.52 -17.54
CA ASP D 324 -54.14 -26.71 -17.50
C ASP D 324 -53.64 -27.76 -16.51
N GLY D 325 -52.55 -27.45 -15.80
CA GLY D 325 -51.92 -28.33 -14.82
C GLY D 325 -50.82 -29.23 -15.36
N ALA D 326 -50.50 -29.10 -16.67
CA ALA D 326 -49.47 -29.89 -17.37
C ALA D 326 -48.33 -29.00 -17.93
N ASP D 327 -48.26 -27.75 -17.47
CA ASP D 327 -47.26 -26.78 -17.88
C ASP D 327 -45.88 -27.12 -17.36
N ARG D 328 -44.86 -26.45 -17.94
CA ARG D 328 -43.47 -26.55 -17.54
C ARG D 328 -43.35 -26.38 -16.01
N PHE D 329 -42.55 -27.21 -15.38
CA PHE D 329 -42.40 -27.22 -13.92
C PHE D 329 -40.99 -27.64 -13.63
N LEU D 330 -40.19 -26.72 -13.07
CA LEU D 330 -38.82 -27.00 -12.64
C LEU D 330 -38.75 -26.84 -11.14
N SER D 331 -37.79 -27.53 -10.53
CA SER D 331 -37.48 -27.44 -9.11
C SER D 331 -36.15 -26.70 -9.05
N ARG D 332 -36.16 -25.46 -8.52
CA ARG D 332 -34.93 -24.69 -8.39
C ARG D 332 -34.40 -24.69 -6.97
N SER D 333 -33.07 -24.83 -6.85
CA SER D 333 -32.36 -24.73 -5.59
C SER D 333 -31.02 -24.00 -5.81
N PHE D 334 -30.40 -23.55 -4.72
CA PHE D 334 -29.18 -22.77 -4.76
C PHE D 334 -28.08 -23.46 -3.98
N ILE D 335 -26.85 -23.31 -4.46
CA ILE D 335 -25.69 -23.92 -3.84
C ILE D 335 -24.61 -22.87 -3.63
N VAL D 336 -23.91 -22.97 -2.47
CA VAL D 336 -22.76 -22.13 -2.10
C VAL D 336 -21.62 -23.04 -1.68
N ALA D 337 -20.38 -22.66 -1.98
CA ALA D 337 -19.25 -23.48 -1.57
C ALA D 337 -19.01 -23.34 -0.06
N ASP D 338 -19.17 -22.12 0.43
CA ASP D 338 -18.89 -21.74 1.81
C ASP D 338 -20.11 -21.19 2.54
N GLY D 339 -20.67 -22.00 3.45
CA GLY D 339 -21.79 -21.65 4.30
C GLY D 339 -21.47 -20.55 5.34
N SER D 340 -20.17 -20.38 5.70
CA SER D 340 -19.74 -19.37 6.69
C SER D 340 -19.89 -17.94 6.17
N ARG D 341 -19.90 -17.74 4.84
CA ARG D 341 -20.06 -16.42 4.21
C ARG D 341 -21.46 -15.81 4.51
N SER D 342 -22.50 -16.66 4.69
CA SER D 342 -23.84 -16.15 5.02
C SER D 342 -24.18 -16.37 6.49
N ARG D 343 -23.23 -16.85 7.34
CA ARG D 343 -23.56 -17.13 8.75
C ARG D 343 -24.18 -15.90 9.49
N HIS D 344 -23.69 -14.69 9.20
CA HIS D 344 -24.16 -13.42 9.78
C HIS D 344 -25.66 -13.16 9.43
N ALA D 345 -26.10 -13.73 8.30
CA ALA D 345 -27.44 -13.59 7.69
C ALA D 345 -28.39 -14.75 8.04
N ARG D 346 -27.88 -15.78 8.71
CA ARG D 346 -28.67 -16.96 8.99
C ARG D 346 -28.82 -17.17 10.49
N SER D 347 -29.69 -18.11 10.87
CA SER D 347 -29.78 -18.53 12.26
C SER D 347 -28.89 -19.77 12.37
N SER D 348 -28.50 -20.12 13.59
CA SER D 348 -27.70 -21.29 13.86
C SER D 348 -28.49 -22.52 13.36
N PHE D 349 -27.83 -23.42 12.59
CA PHE D 349 -28.41 -24.63 11.98
C PHE D 349 -29.57 -24.27 11.03
N GLY D 350 -29.46 -23.10 10.41
CA GLY D 350 -30.44 -22.60 9.47
C GLY D 350 -29.86 -22.51 8.07
N ARG D 351 -30.71 -22.73 7.06
CA ARG D 351 -30.26 -22.67 5.66
C ARG D 351 -30.77 -21.43 4.93
N VAL D 352 -31.49 -20.55 5.64
CA VAL D 352 -32.18 -19.40 5.04
C VAL D 352 -31.46 -18.08 5.31
N VAL D 353 -31.09 -17.35 4.24
CA VAL D 353 -30.52 -16.03 4.43
C VAL D 353 -31.69 -15.03 4.60
N SER D 354 -31.69 -14.29 5.74
CA SER D 354 -32.73 -13.30 6.05
C SER D 354 -32.74 -12.21 4.98
N ALA D 355 -33.94 -11.80 4.54
CA ALA D 355 -34.21 -10.85 3.45
C ALA D 355 -33.35 -9.58 3.48
N ARG D 356 -33.21 -8.90 4.65
CA ARG D 356 -32.45 -7.66 4.80
C ARG D 356 -30.97 -7.78 4.46
N PHE D 357 -30.41 -9.00 4.49
CA PHE D 357 -28.99 -9.25 4.19
C PHE D 357 -28.70 -9.50 2.70
N SER D 358 -29.75 -9.67 1.88
CA SER D 358 -29.58 -9.87 0.44
C SER D 358 -29.13 -8.56 -0.25
#